data_4REX
# 
_entry.id   4REX 
# 
_audit_conform.dict_name       mmcif_pdbx.dic 
_audit_conform.dict_version    5.379 
_audit_conform.dict_location   http://mmcif.pdb.org/dictionaries/ascii/mmcif_pdbx.dic 
# 
loop_
_database_2.database_id 
_database_2.database_code 
_database_2.pdbx_database_accession 
_database_2.pdbx_DOI 
PDB   4REX         pdb_00004rex 10.2210/pdb4rex/pdb 
RCSB  RCSB087260   ?            ?                   
WWPDB D_1000087260 ?            ?                   
# 
_pdbx_database_status.entry_id                        4REX 
_pdbx_database_status.status_code                     REL 
_pdbx_database_status.deposit_site                    RCSB 
_pdbx_database_status.process_site                    RCSB 
_pdbx_database_status.recvd_initial_deposition_date   2014-09-24 
_pdbx_database_status.status_code_sf                  REL 
_pdbx_database_status.status_code_mr                  ? 
_pdbx_database_status.SG_entry                        ? 
_pdbx_database_status.status_code_cs                  ? 
_pdbx_database_status.methods_development_category    ? 
_pdbx_database_status.pdb_format_compatible           Y 
_pdbx_database_status.status_code_nmr_data            ? 
# 
_audit_author.name           'Camara-Artigas, A.' 
_audit_author.pdbx_ordinal   1 
# 
_citation.id                        primary 
_citation.title                     'Crystal structure of the first WW domain of human YAP2 isoform.' 
_citation.journal_abbrev            J.Struct.Biol. 
_citation.journal_volume            191 
_citation.page_first                381 
_citation.page_last                 387 
_citation.year                      2015 
_citation.journal_id_ASTM           JSBIEM 
_citation.country                   US 
_citation.journal_id_ISSN           1047-8477 
_citation.journal_id_CSD            0803 
_citation.book_publisher            ? 
_citation.pdbx_database_id_PubMed   26256245 
_citation.pdbx_database_id_DOI      10.1016/j.jsb.2015.08.001 
# 
loop_
_citation_author.citation_id 
_citation_author.name 
_citation_author.ordinal 
_citation_author.identifier_ORCID 
primary 'Martinez-Rodriguez, S.' 1 ? 
primary 'Bacarizo, J.'           2 ? 
primary 'Luque, I.'              3 ? 
primary 'Camara-Artigas, A.'     4 ? 
# 
_cell.entry_id           4REX 
_cell.length_a           42.673 
_cell.length_b           43.101 
_cell.length_c           21.302 
_cell.angle_alpha        90.00 
_cell.angle_beta         90.00 
_cell.angle_gamma        90.00 
_cell.Z_PDB              4 
_cell.pdbx_unique_axis   ? 
_cell.length_a_esd       ? 
_cell.length_b_esd       ? 
_cell.length_c_esd       ? 
_cell.angle_alpha_esd    ? 
_cell.angle_beta_esd     ? 
_cell.angle_gamma_esd    ? 
# 
_symmetry.entry_id                         4REX 
_symmetry.space_group_name_H-M             'P 21 21 2' 
_symmetry.pdbx_full_space_group_name_H-M   ? 
_symmetry.cell_setting                     ? 
_symmetry.Int_Tables_number                18 
_symmetry.space_group_name_Hall            ? 
# 
loop_
_entity.id 
_entity.type 
_entity.src_method 
_entity.pdbx_description 
_entity.formula_weight 
_entity.pdbx_number_of_molecules 
_entity.pdbx_ec 
_entity.pdbx_mutation 
_entity.pdbx_fragment 
_entity.details 
1 polymer     man 'Yorkie homolog' 5529.180 1  ? ? 'WW domain (UNP residues 165-209)' ? 
2 non-polymer syn 'SULFATE ION'    96.063   1  ? ? ?                                  ? 
3 water       nat water            18.015   42 ? ? ?                                  ? 
# 
_entity_name_com.entity_id   1 
_entity_name_com.name        '65 kDa Yes-associated protein, YAP65' 
# 
_entity_poly.entity_id                      1 
_entity_poly.type                           'polypeptide(L)' 
_entity_poly.nstd_linkage                   no 
_entity_poly.nstd_monomer                   no 
_entity_poly.pdbx_seq_one_letter_code       GAMGFEIPDDVPLPAGWEMAKTSSGQRYFLNHIDQTTTWQDPRKAMLSQ 
_entity_poly.pdbx_seq_one_letter_code_can   GAMGFEIPDDVPLPAGWEMAKTSSGQRYFLNHIDQTTTWQDPRKAMLSQ 
_entity_poly.pdbx_strand_id                 A 
_entity_poly.pdbx_target_identifier         ? 
# 
loop_
_entity_poly_seq.entity_id 
_entity_poly_seq.num 
_entity_poly_seq.mon_id 
_entity_poly_seq.hetero 
1 1  GLY n 
1 2  ALA n 
1 3  MET n 
1 4  GLY n 
1 5  PHE n 
1 6  GLU n 
1 7  ILE n 
1 8  PRO n 
1 9  ASP n 
1 10 ASP n 
1 11 VAL n 
1 12 PRO n 
1 13 LEU n 
1 14 PRO n 
1 15 ALA n 
1 16 GLY n 
1 17 TRP n 
1 18 GLU n 
1 19 MET n 
1 20 ALA n 
1 21 LYS n 
1 22 THR n 
1 23 SER n 
1 24 SER n 
1 25 GLY n 
1 26 GLN n 
1 27 ARG n 
1 28 TYR n 
1 29 PHE n 
1 30 LEU n 
1 31 ASN n 
1 32 HIS n 
1 33 ILE n 
1 34 ASP n 
1 35 GLN n 
1 36 THR n 
1 37 THR n 
1 38 THR n 
1 39 TRP n 
1 40 GLN n 
1 41 ASP n 
1 42 PRO n 
1 43 ARG n 
1 44 LYS n 
1 45 ALA n 
1 46 MET n 
1 47 LEU n 
1 48 SER n 
1 49 GLN n 
# 
_entity_src_gen.entity_id                          1 
_entity_src_gen.pdbx_src_id                        1 
_entity_src_gen.pdbx_alt_source_flag               sample 
_entity_src_gen.pdbx_seq_type                      ? 
_entity_src_gen.pdbx_beg_seq_num                   ? 
_entity_src_gen.pdbx_end_seq_num                   ? 
_entity_src_gen.gene_src_common_name               human 
_entity_src_gen.gene_src_genus                     ? 
_entity_src_gen.pdbx_gene_src_gene                 'YAP1, YAP65' 
_entity_src_gen.gene_src_species                   ? 
_entity_src_gen.gene_src_strain                    ? 
_entity_src_gen.gene_src_tissue                    ? 
_entity_src_gen.gene_src_tissue_fraction           ? 
_entity_src_gen.gene_src_details                   ? 
_entity_src_gen.pdbx_gene_src_fragment             ? 
_entity_src_gen.pdbx_gene_src_scientific_name      'Homo sapiens' 
_entity_src_gen.pdbx_gene_src_ncbi_taxonomy_id     9606 
_entity_src_gen.pdbx_gene_src_variant              ? 
_entity_src_gen.pdbx_gene_src_cell_line            ? 
_entity_src_gen.pdbx_gene_src_atcc                 ? 
_entity_src_gen.pdbx_gene_src_organ                ? 
_entity_src_gen.pdbx_gene_src_organelle            ? 
_entity_src_gen.pdbx_gene_src_cell                 ? 
_entity_src_gen.pdbx_gene_src_cellular_location    ? 
_entity_src_gen.host_org_common_name               ? 
_entity_src_gen.pdbx_host_org_scientific_name      'Escherichia coli' 
_entity_src_gen.pdbx_host_org_ncbi_taxonomy_id     469008 
_entity_src_gen.host_org_genus                     ? 
_entity_src_gen.pdbx_host_org_gene                 ? 
_entity_src_gen.pdbx_host_org_organ                ? 
_entity_src_gen.host_org_species                   ? 
_entity_src_gen.pdbx_host_org_tissue               ? 
_entity_src_gen.pdbx_host_org_tissue_fraction      ? 
_entity_src_gen.pdbx_host_org_strain               'BL21(DE3)' 
_entity_src_gen.pdbx_host_org_variant              ? 
_entity_src_gen.pdbx_host_org_cell_line            ? 
_entity_src_gen.pdbx_host_org_atcc                 ? 
_entity_src_gen.pdbx_host_org_culture_collection   ? 
_entity_src_gen.pdbx_host_org_cell                 ? 
_entity_src_gen.pdbx_host_org_organelle            ? 
_entity_src_gen.pdbx_host_org_cellular_location    ? 
_entity_src_gen.pdbx_host_org_vector_type          plasmid 
_entity_src_gen.pdbx_host_org_vector               ? 
_entity_src_gen.host_org_details                   ? 
_entity_src_gen.expression_system_id               ? 
_entity_src_gen.plasmid_name                       pETM30 
_entity_src_gen.plasmid_details                    ? 
_entity_src_gen.pdbx_description                   ? 
# 
_struct_ref.id                         1 
_struct_ref.db_name                    UNP 
_struct_ref.db_code                    YAP1_HUMAN 
_struct_ref.pdbx_db_accession          P46937 
_struct_ref.entity_id                  1 
_struct_ref.pdbx_seq_one_letter_code   FEIPDDVPLPAGWEMAKTSSGQRYFLNHIDQTTTWQDPRKAMLSQ 
_struct_ref.pdbx_align_begin           165 
_struct_ref.pdbx_db_isoform            ? 
# 
_struct_ref_seq.align_id                      1 
_struct_ref_seq.ref_id                        1 
_struct_ref_seq.pdbx_PDB_id_code              4REX 
_struct_ref_seq.pdbx_strand_id                A 
_struct_ref_seq.seq_align_beg                 5 
_struct_ref_seq.pdbx_seq_align_beg_ins_code   ? 
_struct_ref_seq.seq_align_end                 49 
_struct_ref_seq.pdbx_seq_align_end_ins_code   ? 
_struct_ref_seq.pdbx_db_accession             P46937 
_struct_ref_seq.db_align_beg                  165 
_struct_ref_seq.pdbx_db_align_beg_ins_code    ? 
_struct_ref_seq.db_align_end                  209 
_struct_ref_seq.pdbx_db_align_end_ins_code    ? 
_struct_ref_seq.pdbx_auth_seq_align_beg       165 
_struct_ref_seq.pdbx_auth_seq_align_end       209 
# 
loop_
_struct_ref_seq_dif.align_id 
_struct_ref_seq_dif.pdbx_pdb_id_code 
_struct_ref_seq_dif.mon_id 
_struct_ref_seq_dif.pdbx_pdb_strand_id 
_struct_ref_seq_dif.seq_num 
_struct_ref_seq_dif.pdbx_pdb_ins_code 
_struct_ref_seq_dif.pdbx_seq_db_name 
_struct_ref_seq_dif.pdbx_seq_db_accession_code 
_struct_ref_seq_dif.db_mon_id 
_struct_ref_seq_dif.pdbx_seq_db_seq_num 
_struct_ref_seq_dif.details 
_struct_ref_seq_dif.pdbx_auth_seq_num 
_struct_ref_seq_dif.pdbx_ordinal 
1 4REX GLY A 1 ? UNP P46937 ? ? 'expression tag' 161 1 
1 4REX ALA A 2 ? UNP P46937 ? ? 'expression tag' 162 2 
1 4REX MET A 3 ? UNP P46937 ? ? 'expression tag' 163 3 
1 4REX GLY A 4 ? UNP P46937 ? ? 'expression tag' 164 4 
# 
loop_
_chem_comp.id 
_chem_comp.type 
_chem_comp.mon_nstd_flag 
_chem_comp.name 
_chem_comp.pdbx_synonyms 
_chem_comp.formula 
_chem_comp.formula_weight 
ALA 'L-peptide linking' y ALANINE         ? 'C3 H7 N O2'     89.093  
ARG 'L-peptide linking' y ARGININE        ? 'C6 H15 N4 O2 1' 175.209 
ASN 'L-peptide linking' y ASPARAGINE      ? 'C4 H8 N2 O3'    132.118 
ASP 'L-peptide linking' y 'ASPARTIC ACID' ? 'C4 H7 N O4'     133.103 
GLN 'L-peptide linking' y GLUTAMINE       ? 'C5 H10 N2 O3'   146.144 
GLU 'L-peptide linking' y 'GLUTAMIC ACID' ? 'C5 H9 N O4'     147.129 
GLY 'peptide linking'   y GLYCINE         ? 'C2 H5 N O2'     75.067  
HIS 'L-peptide linking' y HISTIDINE       ? 'C6 H10 N3 O2 1' 156.162 
HOH non-polymer         . WATER           ? 'H2 O'           18.015  
ILE 'L-peptide linking' y ISOLEUCINE      ? 'C6 H13 N O2'    131.173 
LEU 'L-peptide linking' y LEUCINE         ? 'C6 H13 N O2'    131.173 
LYS 'L-peptide linking' y LYSINE          ? 'C6 H15 N2 O2 1' 147.195 
MET 'L-peptide linking' y METHIONINE      ? 'C5 H11 N O2 S'  149.211 
PHE 'L-peptide linking' y PHENYLALANINE   ? 'C9 H11 N O2'    165.189 
PRO 'L-peptide linking' y PROLINE         ? 'C5 H9 N O2'     115.130 
SER 'L-peptide linking' y SERINE          ? 'C3 H7 N O3'     105.093 
SO4 non-polymer         . 'SULFATE ION'   ? 'O4 S -2'        96.063  
THR 'L-peptide linking' y THREONINE       ? 'C4 H9 N O3'     119.119 
TRP 'L-peptide linking' y TRYPTOPHAN      ? 'C11 H12 N2 O2'  204.225 
TYR 'L-peptide linking' y TYROSINE        ? 'C9 H11 N O3'    181.189 
VAL 'L-peptide linking' y VALINE          ? 'C5 H11 N O2'    117.146 
# 
_exptl.entry_id          4REX 
_exptl.method            'X-RAY DIFFRACTION' 
_exptl.crystals_number   1 
# 
_exptl_crystal.id                    1 
_exptl_crystal.density_meas          ? 
_exptl_crystal.density_Matthews      1.77 
_exptl_crystal.density_percent_sol   30.57 
_exptl_crystal.description           ? 
_exptl_crystal.F_000                 ? 
_exptl_crystal.preparation           ? 
# 
_exptl_crystal_grow.crystal_id      1 
_exptl_crystal_grow.method          ? 
_exptl_crystal_grow.temp            293 
_exptl_crystal_grow.temp_details    ? 
_exptl_crystal_grow.pH              5.0 
_exptl_crystal_grow.pdbx_pH_range   ? 
_exptl_crystal_grow.pdbx_details    
;1.5 M ammonium sulphate, 0.1 M sodium acetate, 100 mM proline, 5 mM NDSB-201 and 5mM MBCD, pH 5.0, VAPOR DIFFUSION, HANGING DROP, temperature 293K
;
# 
_diffrn.id                     1 
_diffrn.ambient_temp           100 
_diffrn.ambient_temp_details   ? 
_diffrn.crystal_id             1 
# 
_diffrn_detector.diffrn_id              1 
_diffrn_detector.detector               PIXEL 
_diffrn_detector.type                   'DECTRIS PILATUS 6M' 
_diffrn_detector.pdbx_collection_date   2013-10-24 
_diffrn_detector.details                'SI(111) CHANNEL-CUT CRYSTAL MONOCHROMATOR AND A PAIR OF KB MIRRORS' 
# 
_diffrn_radiation.diffrn_id                        1 
_diffrn_radiation.wavelength_id                    1 
_diffrn_radiation.pdbx_monochromatic_or_laue_m_l   M 
_diffrn_radiation.monochromator                    'SI(111) CHANNEL-CUT CRYSTAL MONOCHROMATOR' 
_diffrn_radiation.pdbx_diffrn_protocol             'SINGLE WAVELENGTH' 
_diffrn_radiation.pdbx_scattering_type             x-ray 
# 
_diffrn_radiation_wavelength.id           1 
_diffrn_radiation_wavelength.wavelength   0.97926 
_diffrn_radiation_wavelength.wt           1.0 
# 
_diffrn_source.diffrn_id                   1 
_diffrn_source.source                      SYNCHROTRON 
_diffrn_source.type                        'ALBA BEAMLINE XALOC' 
_diffrn_source.pdbx_synchrotron_site       ALBA 
_diffrn_source.pdbx_synchrotron_beamline   XALOC 
_diffrn_source.pdbx_wavelength             0.97926 
_diffrn_source.pdbx_wavelength_list        ? 
# 
_reflns.pdbx_diffrn_id               1 
_reflns.pdbx_ordinal                 1 
_reflns.entry_id                     4REX 
_reflns.observed_criterion_sigma_I   0.000 
_reflns.observed_criterion_sigma_F   ? 
_reflns.d_resolution_low             42.670 
_reflns.d_resolution_high            1.600 
_reflns.number_obs                   5514 
_reflns.number_all                   ? 
_reflns.percent_possible_obs         99.2 
_reflns.pdbx_Rmerge_I_obs            0.10400 
_reflns.pdbx_Rsym_value              0.10400 
_reflns.pdbx_netI_over_sigmaI        12.0000 
_reflns.B_iso_Wilson_estimate        12.78 
_reflns.pdbx_redundancy              6.900 
_reflns.R_free_details               ? 
_reflns.limit_h_max                  ? 
_reflns.limit_h_min                  ? 
_reflns.limit_k_max                  ? 
_reflns.limit_k_min                  ? 
_reflns.limit_l_max                  ? 
_reflns.limit_l_min                  ? 
_reflns.observed_criterion_F_max     ? 
_reflns.observed_criterion_F_min     ? 
_reflns.pdbx_chi_squared             ? 
_reflns.pdbx_scaling_rejects         ? 
# 
_reflns_shell.pdbx_diffrn_id         1 
_reflns_shell.pdbx_ordinal           1 
_reflns_shell.d_res_high             1.60 
_reflns_shell.d_res_low              1.63 
_reflns_shell.percent_possible_all   96.9 
_reflns_shell.Rmerge_I_obs           0.58200 
_reflns_shell.pdbx_Rsym_value        ? 
_reflns_shell.meanI_over_sigI_obs    3.200 
_reflns_shell.pdbx_redundancy        6.80 
_reflns_shell.percent_possible_obs   ? 
_reflns_shell.number_unique_all      ? 
_reflns_shell.number_measured_all    ? 
_reflns_shell.number_measured_obs    ? 
_reflns_shell.number_unique_obs      ? 
_reflns_shell.pdbx_chi_squared       ? 
# 
_refine.pdbx_refine_id                           'X-RAY DIFFRACTION' 
_refine.entry_id                                 4REX 
_refine.pdbx_diffrn_id                           1 
_refine.pdbx_TLS_residual_ADP_flag               ? 
_refine.ls_number_reflns_obs                     9891 
_refine.ls_number_reflns_all                     10001 
_refine.pdbx_ls_sigma_I                          ? 
_refine.pdbx_ls_sigma_F                          0.47 
_refine.pdbx_data_cutoff_high_absF               ? 
_refine.pdbx_data_cutoff_low_absF                ? 
_refine.pdbx_data_cutoff_high_rms_absF           ? 
_refine.ls_d_res_low                             21.551 
_refine.ls_d_res_high                            1.600 
_refine.ls_percent_reflns_obs                    98.83 
_refine.ls_R_factor_obs                          0.1785 
_refine.ls_R_factor_all                          ? 
_refine.ls_R_factor_R_work                       0.1776 
_refine.ls_R_factor_R_free                       0.1942 
_refine.ls_R_factor_R_free_error                 ? 
_refine.ls_R_factor_R_free_error_details         ? 
_refine.ls_percent_reflns_R_free                 4.57 
_refine.ls_number_reflns_R_free                  452 
_refine.ls_number_parameters                     ? 
_refine.ls_number_restraints                     ? 
_refine.occupancy_min                            ? 
_refine.occupancy_max                            ? 
_refine.correlation_coeff_Fo_to_Fc               ? 
_refine.correlation_coeff_Fo_to_Fc_free          ? 
_refine.B_iso_mean                               16.70 
_refine.aniso_B[1][1]                            ? 
_refine.aniso_B[2][2]                            ? 
_refine.aniso_B[3][3]                            ? 
_refine.aniso_B[1][2]                            ? 
_refine.aniso_B[1][3]                            ? 
_refine.aniso_B[2][3]                            ? 
_refine.solvent_model_details                    'FLAT BULK SOLVENT MODEL' 
_refine.solvent_model_param_ksol                 ? 
_refine.solvent_model_param_bsol                 ? 
_refine.pdbx_solvent_vdw_probe_radii             1.11 
_refine.pdbx_solvent_ion_probe_radii             ? 
_refine.pdbx_solvent_shrinkage_radii             0.90 
_refine.pdbx_ls_cross_valid_method               ? 
_refine.details                                  ? 
_refine.pdbx_starting_model                      2HO2 
_refine.pdbx_method_to_determine_struct          'MOLECULAR REPLACEMENT' 
_refine.pdbx_isotropic_thermal_model             ? 
_refine.pdbx_stereochemistry_target_values       ML 
_refine.pdbx_stereochem_target_val_spec_case     ? 
_refine.pdbx_R_Free_selection_details            ? 
_refine.pdbx_overall_ESU_R                       ? 
_refine.pdbx_overall_ESU_R_Free                  ? 
_refine.overall_SU_ML                            0.16 
_refine.pdbx_overall_phase_error                 23.42 
_refine.overall_SU_B                             ? 
_refine.overall_SU_R_Cruickshank_DPI             ? 
_refine.pdbx_overall_SU_R_free_Cruickshank_DPI   ? 
_refine.pdbx_overall_SU_R_Blow_DPI               ? 
_refine.pdbx_overall_SU_R_free_Blow_DPI          ? 
_refine.ls_redundancy_reflns_obs                 ? 
_refine.B_iso_min                                ? 
_refine.B_iso_max                                ? 
_refine.overall_SU_R_free                        ? 
_refine.ls_wR_factor_R_free                      ? 
_refine.ls_wR_factor_R_work                      ? 
_refine.overall_FOM_free_R_set                   ? 
_refine.overall_FOM_work_R_set                   ? 
# 
_refine_hist.pdbx_refine_id                   'X-RAY DIFFRACTION' 
_refine_hist.cycle_id                         LAST 
_refine_hist.pdbx_number_atoms_protein        378 
_refine_hist.pdbx_number_atoms_nucleic_acid   0 
_refine_hist.pdbx_number_atoms_ligand         5 
_refine_hist.number_atoms_solvent             42 
_refine_hist.number_atoms_total               425 
_refine_hist.d_res_high                       1.600 
_refine_hist.d_res_low                        21.551 
# 
loop_
_refine_ls_restr.type 
_refine_ls_restr.dev_ideal 
_refine_ls_restr.dev_ideal_target 
_refine_ls_restr.weight 
_refine_ls_restr.number 
_refine_ls_restr.pdbx_refine_id 
_refine_ls_restr.pdbx_restraint_function 
f_bond_d           0.011  ? ? 401 'X-RAY DIFFRACTION' ? 
f_angle_d          1.356  ? ? 547 'X-RAY DIFFRACTION' ? 
f_dihedral_angle_d 14.606 ? ? 145 'X-RAY DIFFRACTION' ? 
f_chiral_restr     0.056  ? ? 56  'X-RAY DIFFRACTION' ? 
f_plane_restr      0.009  ? ? 71  'X-RAY DIFFRACTION' ? 
# 
loop_
_refine_ls_shell.pdbx_refine_id 
_refine_ls_shell.pdbx_total_number_of_bins_used 
_refine_ls_shell.d_res_high 
_refine_ls_shell.d_res_low 
_refine_ls_shell.number_reflns_R_work 
_refine_ls_shell.R_factor_R_work 
_refine_ls_shell.percent_reflns_obs 
_refine_ls_shell.R_factor_R_free 
_refine_ls_shell.R_factor_R_free_error 
_refine_ls_shell.percent_reflns_R_free 
_refine_ls_shell.number_reflns_R_free 
_refine_ls_shell.number_reflns_all 
_refine_ls_shell.R_factor_all 
_refine_ls_shell.redundancy_reflns_obs 
_refine_ls_shell.number_reflns_obs 
'X-RAY DIFFRACTION' . 1.6004 1.8319  3151 0.1999 99.00 0.2408 . . 148 . . . . 
'X-RAY DIFFRACTION' . 1.8319 2.3076  3114 0.1911 98.00 0.1898 . . 139 . . . . 
'X-RAY DIFFRACTION' . 2.3076 21.5524 3174 0.1651 99.00 0.1846 . . 165 . . . . 
# 
_struct.entry_id                  4REX 
_struct.title                     'Crystal structure of the first WW domain of human YAP2 isoform' 
_struct.pdbx_model_details        ? 
_struct.pdbx_CASP_flag            ? 
_struct.pdbx_model_type_details   ? 
# 
_struct_keywords.entry_id        4REX 
_struct_keywords.pdbx_keywords   'PROTEIN BINDING' 
_struct_keywords.text            
'WW domain, Hippo signaling pathway, antiparallel beta-sheet, protein binding, proline rich motifs' 
# 
loop_
_struct_asym.id 
_struct_asym.pdbx_blank_PDB_chainid_flag 
_struct_asym.pdbx_modified 
_struct_asym.entity_id 
_struct_asym.details 
A N N 1 ? 
B N N 2 ? 
C N N 3 ? 
# 
_struct_biol.id        1 
_struct_biol.details   ? 
# 
_struct_conf.conf_type_id            HELX_P 
_struct_conf.id                      HELX_P1 
_struct_conf.pdbx_PDB_helix_id       1 
_struct_conf.beg_label_comp_id       ASP 
_struct_conf.beg_label_asym_id       A 
_struct_conf.beg_label_seq_id        41 
_struct_conf.pdbx_beg_PDB_ins_code   ? 
_struct_conf.end_label_comp_id       LEU 
_struct_conf.end_label_asym_id       A 
_struct_conf.end_label_seq_id        47 
_struct_conf.pdbx_end_PDB_ins_code   ? 
_struct_conf.beg_auth_comp_id        ASP 
_struct_conf.beg_auth_asym_id        A 
_struct_conf.beg_auth_seq_id         201 
_struct_conf.end_auth_comp_id        LEU 
_struct_conf.end_auth_asym_id        A 
_struct_conf.end_auth_seq_id         207 
_struct_conf.pdbx_PDB_helix_class    5 
_struct_conf.details                 ? 
_struct_conf.pdbx_PDB_helix_length   7 
# 
_struct_conf_type.id          HELX_P 
_struct_conf_type.criteria    ? 
_struct_conf_type.reference   ? 
# 
_struct_sheet.id               A 
_struct_sheet.type             ? 
_struct_sheet.number_strands   3 
_struct_sheet.details          ? 
# 
loop_
_struct_sheet_order.sheet_id 
_struct_sheet_order.range_id_1 
_struct_sheet_order.range_id_2 
_struct_sheet_order.offset 
_struct_sheet_order.sense 
A 1 2 ? anti-parallel 
A 2 3 ? anti-parallel 
# 
loop_
_struct_sheet_range.sheet_id 
_struct_sheet_range.id 
_struct_sheet_range.beg_label_comp_id 
_struct_sheet_range.beg_label_asym_id 
_struct_sheet_range.beg_label_seq_id 
_struct_sheet_range.pdbx_beg_PDB_ins_code 
_struct_sheet_range.end_label_comp_id 
_struct_sheet_range.end_label_asym_id 
_struct_sheet_range.end_label_seq_id 
_struct_sheet_range.pdbx_end_PDB_ins_code 
_struct_sheet_range.beg_auth_comp_id 
_struct_sheet_range.beg_auth_asym_id 
_struct_sheet_range.beg_auth_seq_id 
_struct_sheet_range.end_auth_comp_id 
_struct_sheet_range.end_auth_asym_id 
_struct_sheet_range.end_auth_seq_id 
A 1 TRP A 17 ? LYS A 21 ? TRP A 177 LYS A 181 
A 2 ARG A 27 ? ASN A 31 ? ARG A 187 ASN A 191 
A 3 THR A 36 ? THR A 38 ? THR A 196 THR A 198 
# 
loop_
_pdbx_struct_sheet_hbond.sheet_id 
_pdbx_struct_sheet_hbond.range_id_1 
_pdbx_struct_sheet_hbond.range_id_2 
_pdbx_struct_sheet_hbond.range_1_label_atom_id 
_pdbx_struct_sheet_hbond.range_1_label_comp_id 
_pdbx_struct_sheet_hbond.range_1_label_asym_id 
_pdbx_struct_sheet_hbond.range_1_label_seq_id 
_pdbx_struct_sheet_hbond.range_1_PDB_ins_code 
_pdbx_struct_sheet_hbond.range_1_auth_atom_id 
_pdbx_struct_sheet_hbond.range_1_auth_comp_id 
_pdbx_struct_sheet_hbond.range_1_auth_asym_id 
_pdbx_struct_sheet_hbond.range_1_auth_seq_id 
_pdbx_struct_sheet_hbond.range_2_label_atom_id 
_pdbx_struct_sheet_hbond.range_2_label_comp_id 
_pdbx_struct_sheet_hbond.range_2_label_asym_id 
_pdbx_struct_sheet_hbond.range_2_label_seq_id 
_pdbx_struct_sheet_hbond.range_2_PDB_ins_code 
_pdbx_struct_sheet_hbond.range_2_auth_atom_id 
_pdbx_struct_sheet_hbond.range_2_auth_comp_id 
_pdbx_struct_sheet_hbond.range_2_auth_asym_id 
_pdbx_struct_sheet_hbond.range_2_auth_seq_id 
A 1 2 N GLU A 18 ? N GLU A 178 O LEU A 30 ? O LEU A 190 
A 2 3 N ASN A 31 ? N ASN A 191 O THR A 36 ? O THR A 196 
# 
_struct_site.id                   AC1 
_struct_site.pdbx_evidence_code   Software 
_struct_site.pdbx_auth_asym_id    A 
_struct_site.pdbx_auth_comp_id    SO4 
_struct_site.pdbx_auth_seq_id     301 
_struct_site.pdbx_auth_ins_code   ? 
_struct_site.pdbx_num_residues    5 
_struct_site.details              'BINDING SITE FOR RESIDUE SO4 A 301' 
# 
loop_
_struct_site_gen.id 
_struct_site_gen.site_id 
_struct_site_gen.pdbx_num_res 
_struct_site_gen.label_comp_id 
_struct_site_gen.label_asym_id 
_struct_site_gen.label_seq_id 
_struct_site_gen.pdbx_auth_ins_code 
_struct_site_gen.auth_comp_id 
_struct_site_gen.auth_asym_id 
_struct_site_gen.auth_seq_id 
_struct_site_gen.label_atom_id 
_struct_site_gen.label_alt_id 
_struct_site_gen.symmetry 
_struct_site_gen.details 
1 AC1 5 GLY A 1 ? GLY A 161 . ? 1_555 ? 
2 AC1 5 GLY A 4 ? GLY A 164 . ? 1_555 ? 
3 AC1 5 PHE A 5 ? PHE A 165 . ? 1_555 ? 
4 AC1 5 GLU A 6 ? GLU A 166 . ? 1_555 ? 
5 AC1 5 HOH C . ? HOH A 417 . ? 1_555 ? 
# 
_atom_sites.entry_id                    4REX 
_atom_sites.Cartn_transform_axes        ? 
_atom_sites.fract_transf_matrix[1][1]   0.01562628 
_atom_sites.fract_transf_matrix[1][2]   0.00738435 
_atom_sites.fract_transf_matrix[1][3]   -0.01582539 
_atom_sites.fract_transf_matrix[2][1]   -0.00827161 
_atom_sites.fract_transf_matrix[2][2]   0.02159230 
_atom_sites.fract_transf_matrix[2][3]   0.00190773 
_atom_sites.fract_transf_matrix[3][1]   0.03072031 
_atom_sites.fract_transf_matrix[3][2]   0.00872847 
_atom_sites.fract_transf_matrix[3][3]   0.03440662 
_atom_sites.fract_transf_vector[1]      0.232586 
_atom_sites.fract_transf_vector[2]      1.052688 
_atom_sites.fract_transf_vector[3]      2.412938 
# 
loop_
_atom_type.symbol 
C 
H 
N 
O 
S 
# 
loop_
_atom_site.group_PDB 
_atom_site.id 
_atom_site.type_symbol 
_atom_site.label_atom_id 
_atom_site.label_alt_id 
_atom_site.label_comp_id 
_atom_site.label_asym_id 
_atom_site.label_entity_id 
_atom_site.label_seq_id 
_atom_site.pdbx_PDB_ins_code 
_atom_site.Cartn_x 
_atom_site.Cartn_y 
_atom_site.Cartn_z 
_atom_site.occupancy 
_atom_site.B_iso_or_equiv 
_atom_site.pdbx_formal_charge 
_atom_site.auth_seq_id 
_atom_site.auth_comp_id 
_atom_site.auth_asym_id 
_atom_site.auth_atom_id 
_atom_site.pdbx_PDB_model_num 
ATOM   1   N N    . GLY A 1 1  ? -0.662  6.847   -13.595 1.00 35.78 ? 161 GLY A N    1 
ATOM   2   C CA   . GLY A 1 1  ? -1.889  7.176   -14.366 1.00 29.60 ? 161 GLY A CA   1 
ATOM   3   C C    . GLY A 1 1  ? -2.094  8.672   -14.444 1.00 22.93 ? 161 GLY A C    1 
ATOM   4   O O    . GLY A 1 1  ? -1.554  9.422   -13.636 1.00 21.43 ? 161 GLY A O    1 
ATOM   5   H H1   . GLY A 1 1  ? -0.084  6.423   -14.124 1.00 42.94 ? 161 GLY A H1   1 
ATOM   6   H H2   . GLY A 1 1  ? -0.292  7.597   -13.291 1.00 42.94 ? 161 GLY A H2   1 
ATOM   7   H H3   . GLY A 1 1  ? -0.875  6.322   -12.909 1.00 42.94 ? 161 GLY A H3   1 
ATOM   8   H HA2  . GLY A 1 1  ? -1.815  6.824   -15.267 1.00 35.53 ? 161 GLY A HA2  1 
ATOM   9   H HA3  . GLY A 1 1  ? -2.663  6.777   -13.938 1.00 35.53 ? 161 GLY A HA3  1 
ATOM   10  N N    . ALA A 1 2  ? -2.865  9.107   -15.424 1.00 19.88 ? 162 ALA A N    1 
ATOM   11  C CA   . ALA A 1 2  ? -3.008  10.526  -15.725 1.00 20.25 ? 162 ALA A CA   1 
ATOM   12  C C    . ALA A 1 2  ? -3.696  11.296  -14.597 1.00 18.36 ? 162 ALA A C    1 
ATOM   13  O O    . ALA A 1 2  ? -3.460  12.494  -14.432 1.00 20.08 ? 162 ALA A O    1 
ATOM   14  C CB   . ALA A 1 2  ? -3.778  10.703  -17.012 1.00 22.37 ? 162 ALA A CB   1 
ATOM   15  H H    . ALA A 1 2  ? -3.324  8.594   -15.941 1.00 23.86 ? 162 ALA A H    1 
ATOM   16  H HA   . ALA A 1 2  ? -2.125  10.910  -15.852 1.00 24.30 ? 162 ALA A HA   1 
ATOM   17  H HB1  . ALA A 1 2  ? -3.865  11.650  -17.200 1.00 26.85 ? 162 ALA A HB1  1 
ATOM   18  H HB2  . ALA A 1 2  ? -3.295  10.266  -17.731 1.00 26.85 ? 162 ALA A HB2  1 
ATOM   19  H HB3  . ALA A 1 2  ? -4.655  10.303  -16.911 1.00 26.85 ? 162 ALA A HB3  1 
ATOM   20  N N    . MET A 1 3  ? -4.570  10.620  -13.853 1.00 13.39 ? 163 MET A N    1 
ATOM   21  C CA   . MET A 1 3  ? -5.331  11.278  -12.774 1.00 10.78 ? 163 MET A CA   1 
ATOM   22  C C    . MET A 1 3  ? -4.634  11.245  -11.436 1.00 10.59 ? 163 MET A C    1 
ATOM   23  O O    . MET A 1 3  ? -4.951  12.035  -10.542 1.00 10.87 ? 163 MET A O    1 
ATOM   24  C CB   . MET A 1 3  ? -6.694  10.611  -12.598 1.00 10.46 ? 163 MET A CB   1 
ATOM   25  C CG   . MET A 1 3  ? -7.698  11.002  -13.634 1.00 10.52 ? 163 MET A CG   1 
ATOM   26  S SD   . MET A 1 3  ? -8.320  12.677  -13.404 1.00 12.43 ? 163 MET A SD   1 
ATOM   27  C CE   . MET A 1 3  ? -9.443  12.386  -12.059 1.00 10.83 ? 163 MET A CE   1 
ATOM   28  H H    . MET A 1 3  ? -4.744  9.782   -13.945 1.00 16.06 ? 163 MET A H    1 
ATOM   29  H HA   . MET A 1 3  ? -5.485  12.203  -13.023 1.00 12.93 ? 163 MET A HA   1 
ATOM   30  H HB2  . MET A 1 3  ? -6.579  9.649   -12.647 1.00 12.55 ? 163 MET A HB2  1 
ATOM   31  H HB3  . MET A 1 3  ? -7.052  10.857  -11.731 1.00 12.55 ? 163 MET A HB3  1 
ATOM   32  H HG2  . MET A 1 3  ? -7.283  10.953  -14.510 1.00 12.63 ? 163 MET A HG2  1 
ATOM   33  H HG3  . MET A 1 3  ? -8.452  10.393  -13.589 1.00 12.63 ? 163 MET A HG3  1 
ATOM   34  H HE1  . MET A 1 3  ? -9.867  13.223  -11.815 1.00 13.00 ? 163 MET A HE1  1 
ATOM   35  H HE2  . MET A 1 3  ? -10.113 11.744  -12.340 1.00 13.00 ? 163 MET A HE2  1 
ATOM   36  H HE3  . MET A 1 3  ? -8.945  12.035  -11.303 1.00 13.00 ? 163 MET A HE3  1 
ATOM   37  N N    . GLY A 1 4  ? -3.681  10.344  -11.293 1.00 10.51 ? 164 GLY A N    1 
ATOM   38  C CA   . GLY A 1 4  ? -2.982  10.162  -10.034 1.00 10.56 ? 164 GLY A CA   1 
ATOM   39  C C    . GLY A 1 4  ? -3.874  9.800   -8.864  1.00 10.67 ? 164 GLY A C    1 
ATOM   40  O O    . GLY A 1 4  ? -3.725  10.348  -7.775  1.00 11.44 ? 164 GLY A O    1 
ATOM   41  H H    . GLY A 1 4  ? -3.415  9.817   -11.919 1.00 12.61 ? 164 GLY A H    1 
ATOM   42  H HA2  . GLY A 1 4  ? -2.323  9.459   -10.137 1.00 12.67 ? 164 GLY A HA2  1 
ATOM   43  H HA3  . GLY A 1 4  ? -2.514  10.982  -9.811  1.00 12.67 ? 164 GLY A HA3  1 
ATOM   44  N N    . PHE A 1 5  ? -4.776  8.848   -9.068  1.00 11.32 ? 165 PHE A N    1 
ATOM   45  C CA   . PHE A 1 5  ? -5.676  8.424   -7.990  1.00 11.27 ? 165 PHE A CA   1 
ATOM   46  C C    . PHE A 1 5  ? -4.937  7.846   -6.797  1.00 11.64 ? 165 PHE A C    1 
ATOM   47  O O    . PHE A 1 5  ? -5.382  7.967   -5.664  1.00 11.58 ? 165 PHE A O    1 
ATOM   48  C CB   . PHE A 1 5  ? -6.666  7.390   -8.507  1.00 10.95 ? 165 PHE A CB   1 
ATOM   49  C CG   . PHE A 1 5  ? -7.757  7.954   -9.347  1.00 11.17 ? 165 PHE A CG   1 
ATOM   50  C CD1  . PHE A 1 5  ? -8.794  8.636   -8.768  1.00 12.75 ? 165 PHE A CD1  1 
ATOM   51  C CD2  . PHE A 1 5  ? -7.787  7.747   -10.720 1.00 10.51 ? 165 PHE A CD2  1 
ATOM   52  C CE1  . PHE A 1 5  ? -9.824  9.128   -9.553  1.00 13.56 ? 165 PHE A CE1  1 
ATOM   53  C CE2  . PHE A 1 5  ? -8.807  8.237   -11.500 1.00 11.40 ? 165 PHE A CE2  1 
ATOM   54  C CZ   . PHE A 1 5  ? -9.835  8.911   -10.911 1.00 12.86 ? 165 PHE A CZ   1 
ATOM   55  H H    . PHE A 1 5  ? -4.892  8.432   -9.811  1.00 13.59 ? 165 PHE A H    1 
ATOM   56  H HA   . PHE A 1 5  ? -6.181  9.193   -7.682  1.00 13.52 ? 165 PHE A HA   1 
ATOM   57  H HB2  . PHE A 1 5  ? -6.185  6.742   -9.046  1.00 13.14 ? 165 PHE A HB2  1 
ATOM   58  H HB3  . PHE A 1 5  ? -7.077  6.946   -7.749  1.00 13.14 ? 165 PHE A HB3  1 
ATOM   59  H HD1  . PHE A 1 5  ? -8.802  8.775   -7.847  1.00 15.30 ? 165 PHE A HD1  1 
ATOM   60  H HD2  . PHE A 1 5  ? -7.094  7.275   -11.122 1.00 12.61 ? 165 PHE A HD2  1 
ATOM   61  H HE1  . PHE A 1 5  ? -10.522 9.596   -9.155  1.00 16.28 ? 165 PHE A HE1  1 
ATOM   62  H HE2  . PHE A 1 5  ? -8.806  8.093   -12.418 1.00 13.69 ? 165 PHE A HE2  1 
ATOM   63  H HZ   . PHE A 1 5  ? -10.524 9.257   -11.432 1.00 15.44 ? 165 PHE A HZ   1 
ATOM   64  N N    . GLU A 1 6  ? -3.786  7.245   -7.043  1.00 11.83 ? 166 GLU A N    1 
ATOM   65  C CA   . GLU A 1 6  ? -3.034  6.658   -5.947  1.00 15.05 ? 166 GLU A CA   1 
ATOM   66  C C    . GLU A 1 6  ? -2.528  7.701   -4.970  1.00 14.48 ? 166 GLU A C    1 
ATOM   67  O O    . GLU A 1 6  ? -2.269  8.844   -5.320  1.00 15.26 ? 166 GLU A O    1 
ATOM   68  C CB   . GLU A 1 6  ? -1.852  5.863   -6.482  1.00 20.96 ? 166 GLU A CB   1 
ATOM   69  C CG   . GLU A 1 6  ? -2.228  4.512   -7.024  1.00 26.77 ? 166 GLU A CG   1 
ATOM   70  C CD   . GLU A 1 6  ? -1.061  3.790   -7.673  1.00 29.97 ? 166 GLU A CD   1 
ATOM   71  O OE1  . GLU A 1 6  ? 0.042   4.383   -7.759  1.00 30.26 ? 166 GLU A OE1  1 
ATOM   72  O OE2  . GLU A 1 6  ? -1.263  2.635   -8.113  1.00 31.18 ? 166 GLU A OE2  1 
ATOM   73  H H    . GLU A 1 6  ? -3.422  7.165   -7.818  1.00 14.20 ? 166 GLU A H    1 
ATOM   74  H HA   . GLU A 1 6  ? -3.611  6.047   -5.461  1.00 18.07 ? 166 GLU A HA   1 
ATOM   75  H HB2  . GLU A 1 6  ? -1.436  6.365   -7.200  1.00 25.16 ? 166 GLU A HB2  1 
ATOM   76  H HB3  . GLU A 1 6  ? -1.215  5.727   -5.763  1.00 25.16 ? 166 GLU A HB3  1 
ATOM   77  H HG2  . GLU A 1 6  ? -2.554  3.959   -6.297  1.00 32.12 ? 166 GLU A HG2  1 
ATOM   78  H HG3  . GLU A 1 6  ? -2.921  4.622   -7.694  1.00 32.12 ? 166 GLU A HG3  1 
ATOM   79  N N    . ILE A 1 7  ? -2.352  7.298   -3.719  1.00 14.17 ? 167 ILE A N    1 
ATOM   80  C CA   . ILE A 1 7  ? -1.642  8.153   -2.785  1.00 17.23 ? 167 ILE A CA   1 
ATOM   81  C C    . ILE A 1 7  ? -0.179  8.248   -3.253  1.00 16.68 ? 167 ILE A C    1 
ATOM   82  O O    . ILE A 1 7  ? 0.399   7.251   -3.671  1.00 16.96 ? 167 ILE A O    1 
ATOM   83  C CB   . ILE A 1 7  ? -1.795  7.609   -1.345  1.00 21.78 ? 167 ILE A CB   1 
ATOM   84  C CG1  . ILE A 1 7  ? -3.219  7.947   -0.869  1.00 23.94 ? 167 ILE A CG1  1 
ATOM   85  C CG2  . ILE A 1 7  ? -0.731  8.191   -0.399  1.00 24.24 ? 167 ILE A CG2  1 
ATOM   86  C CD1  . ILE A 1 7  ? -3.612  7.377   0.453   1.00 25.63 ? 167 ILE A CD1  1 
ATOM   87  H H    . ILE A 1 7  ? -2.627  6.551   -3.393  1.00 17.00 ? 167 ILE A H    1 
ATOM   88  H HA   . ILE A 1 7  ? -2.027  9.043   -2.813  1.00 20.68 ? 167 ILE A HA   1 
ATOM   89  H HB   . ILE A 1 7  ? -1.697  6.644   -1.366  1.00 26.14 ? 167 ILE A HB   1 
ATOM   90  H HG12 . ILE A 1 7  ? -3.297  8.912   -0.803  1.00 28.73 ? 167 ILE A HG12 1 
ATOM   91  H HG13 . ILE A 1 7  ? -3.848  7.616   -1.527  1.00 28.73 ? 167 ILE A HG13 1 
ATOM   92  H HG21 . ILE A 1 7  ? -0.864  7.823   0.489   1.00 29.09 ? 167 ILE A HG21 1 
ATOM   93  H HG22 . ILE A 1 7  ? 0.150   7.950   -0.728  1.00 29.09 ? 167 ILE A HG22 1 
ATOM   94  H HG23 . ILE A 1 7  ? -0.824  9.155   -0.375  1.00 29.09 ? 167 ILE A HG23 1 
ATOM   95  H HD11 . ILE A 1 7  ? -4.520  7.650   0.655   1.00 30.75 ? 167 ILE A HD11 1 
ATOM   96  H HD12 . ILE A 1 7  ? -3.559  6.410   0.407   1.00 30.75 ? 167 ILE A HD12 1 
ATOM   97  H HD13 . ILE A 1 7  ? -3.006  7.709   1.133   1.00 30.75 ? 167 ILE A HD13 1 
ATOM   98  N N    . PRO A 1 8  ? 0.408   9.464   -3.247  1.00 15.73 ? 168 PRO A N    1 
ATOM   99  C CA   . PRO A 1 8  ? 1.741   9.597   -3.820  1.00 15.37 ? 168 PRO A CA   1 
ATOM   100 C C    . PRO A 1 8  ? 2.793   8.723   -3.128  1.00 15.43 ? 168 PRO A C    1 
ATOM   101 O O    . PRO A 1 8  ? 2.701   8.451   -1.939  1.00 15.58 ? 168 PRO A O    1 
ATOM   102 C CB   . PRO A 1 8  ? 2.034   11.085  -3.651  1.00 15.93 ? 168 PRO A CB   1 
ATOM   103 C CG   . PRO A 1 8  ? 0.699   11.746  -3.743  1.00 16.36 ? 168 PRO A CG   1 
ATOM   104 C CD   . PRO A 1 8  ? -0.244  10.776  -3.067  1.00 16.13 ? 168 PRO A CD   1 
ATOM   105 H HA   . PRO A 1 8  ? 1.721   9.383   -4.766  1.00 18.44 ? 168 PRO A HA   1 
ATOM   106 H HB2  . PRO A 1 8  ? 2.438   11.243  -2.782  1.00 19.12 ? 168 PRO A HB2  1 
ATOM   107 H HB3  . PRO A 1 8  ? 2.619   11.387  -4.363  1.00 19.12 ? 168 PRO A HB3  1 
ATOM   108 H HG2  . PRO A 1 8  ? 0.717   12.593  -3.273  1.00 19.64 ? 168 PRO A HG2  1 
ATOM   109 H HG3  . PRO A 1 8  ? 0.457   11.870  -4.675  1.00 19.64 ? 168 PRO A HG3  1 
ATOM   110 H HD2  . PRO A 1 8  ? -0.324  10.986  -2.123  1.00 19.35 ? 168 PRO A HD2  1 
ATOM   111 H HD3  . PRO A 1 8  ? -1.109  10.785  -3.506  1.00 19.35 ? 168 PRO A HD3  1 
ATOM   112 N N    . ASP A 1 9  ? 3.760   8.247   -3.901  1.00 16.44 ? 169 ASP A N    1 
ATOM   113 C CA   . ASP A 1 9  ? 4.835   7.396   -3.374  1.00 19.18 ? 169 ASP A CA   1 
ATOM   114 C C    . ASP A 1 9  ? 5.642   8.072   -2.245  1.00 19.38 ? 169 ASP A C    1 
ATOM   115 O O    . ASP A 1 9  ? 6.286   7.401   -1.464  1.00 19.35 ? 169 ASP A O    1 
ATOM   116 C CB   . ASP A 1 9  ? 5.811   7.000   -4.493  1.00 24.11 ? 169 ASP A CB   1 
ATOM   117 C CG   . ASP A 1 9  ? 5.181   6.131   -5.574  1.00 29.59 ? 169 ASP A CG   1 
ATOM   118 O OD1  . ASP A 1 9  ? 4.111   5.525   -5.345  1.00 29.47 ? 169 ASP A OD1  1 
ATOM   119 O OD2  . ASP A 1 9  ? 5.788   6.045   -6.666  1.00 34.02 ? 169 ASP A OD2  1 
ATOM   120 H H    . ASP A 1 9  ? 3.822   8.401   -4.745  1.00 19.73 ? 169 ASP A H    1 
ATOM   121 H HA   . ASP A 1 9  ? 4.445   6.583   -3.016  1.00 23.02 ? 169 ASP A HA   1 
ATOM   122 H HB2  . ASP A 1 9  ? 6.144   7.807   -4.918  1.00 28.93 ? 169 ASP A HB2  1 
ATOM   123 H HB3  . ASP A 1 9  ? 6.547   6.503   -4.106  1.00 28.93 ? 169 ASP A HB3  1 
ATOM   124 N N    . ASP A 1 10 ? 5.594   9.403   -2.169  1.00 19.33 ? 170 ASP A N    1 
ATOM   125 C CA   . ASP A 1 10 ? 6.307   10.164  -1.138  1.00 23.00 ? 170 ASP A CA   1 
ATOM   126 C C    . ASP A 1 10 ? 5.728   9.975   0.263   1.00 19.14 ? 170 ASP A C    1 
ATOM   127 O O    . ASP A 1 10 ? 6.360   10.360  1.257   1.00 21.25 ? 170 ASP A O    1 
ATOM   128 C CB   . ASP A 1 10 ? 6.287   11.665  -1.459  1.00 33.14 ? 170 ASP A CB   1 
ATOM   129 C CG   . ASP A 1 10 ? 7.385   12.087  -2.426  1.00 44.53 ? 170 ASP A CG   1 
ATOM   130 O OD1  . ASP A 1 10 ? 8.127   11.206  -2.922  1.00 48.92 ? 170 ASP A OD1  1 
ATOM   131 O OD2  . ASP A 1 10 ? 7.494   13.312  -2.694  1.00 49.24 ? 170 ASP A OD2  1 
ATOM   132 H H    . ASP A 1 10 ? 5.148   9.898   -2.713  1.00 23.19 ? 170 ASP A H    1 
ATOM   133 H HA   . ASP A 1 10 ? 7.232   9.875   -1.120  1.00 27.60 ? 170 ASP A HA   1 
ATOM   134 H HB2  . ASP A 1 10 ? 5.433   11.889  -1.860  1.00 39.77 ? 170 ASP A HB2  1 
ATOM   135 H HB3  . ASP A 1 10 ? 6.406   12.163  -0.636  1.00 39.77 ? 170 ASP A HB3  1 
ATOM   136 N N    . VAL A 1 11 ? 4.519   9.435   0.339   1.00 14.67 ? 171 VAL A N    1 
ATOM   137 C CA   . VAL A 1 11 ? 3.879   9.169   1.612   1.00 12.38 ? 171 VAL A CA   1 
ATOM   138 C C    . VAL A 1 11 ? 4.260   7.760   2.047   1.00 12.11 ? 171 VAL A C    1 
ATOM   139 O O    . VAL A 1 11 ? 3.922   6.812   1.367   1.00 11.89 ? 171 VAL A O    1 
ATOM   140 C CB   . VAL A 1 11 ? 2.338   9.288   1.509   1.00 12.26 ? 171 VAL A CB   1 
ATOM   141 C CG1  . VAL A 1 11 ? 1.694   9.064   2.877   1.00 12.12 ? 171 VAL A CG1  1 
ATOM   142 C CG2  . VAL A 1 11 ? 1.957   10.645  0.951   1.00 13.42 ? 171 VAL A CG2  1 
ATOM   143 H H    . VAL A 1 11 ? 4.045   9.213   -0.343  1.00 17.61 ? 171 VAL A H    1 
ATOM   144 H HA   . VAL A 1 11 ? 4.198   9.798   2.277   1.00 14.86 ? 171 VAL A HA   1 
ATOM   145 H HB   . VAL A 1 11 ? 2.005   8.608   0.903   1.00 14.71 ? 171 VAL A HB   1 
ATOM   146 H HG11 . VAL A 1 11 ? 0.731   9.144   2.789   1.00 14.55 ? 171 VAL A HG11 1 
ATOM   147 H HG12 . VAL A 1 11 ? 1.926   8.177   3.194   1.00 14.55 ? 171 VAL A HG12 1 
ATOM   148 H HG13 . VAL A 1 11 ? 2.026   9.734   3.495   1.00 14.55 ? 171 VAL A HG13 1 
ATOM   149 H HG21 . VAL A 1 11 ? 0.991   10.702  0.893   1.00 16.11 ? 171 VAL A HG21 1 
ATOM   150 H HG22 . VAL A 1 11 ? 2.295   11.336  1.543   1.00 16.11 ? 171 VAL A HG22 1 
ATOM   151 H HG23 . VAL A 1 11 ? 2.348   10.744  0.069   1.00 16.11 ? 171 VAL A HG23 1 
ATOM   152 N N    . PRO A 1 12 ? 5.011   7.626   3.152   1.00 13.84 ? 172 PRO A N    1 
ATOM   153 C CA   . PRO A 1 12 ? 5.414   6.272   3.551   1.00 13.56 ? 172 PRO A CA   1 
ATOM   154 C C    . PRO A 1 12 ? 4.254   5.438   4.042   1.00 12.59 ? 172 PRO A C    1 
ATOM   155 O O    . PRO A 1 12 ? 3.275   5.984   4.569   1.00 12.39 ? 172 PRO A O    1 
ATOM   156 C CB   . PRO A 1 12 ? 6.405   6.514   4.680   1.00 16.31 ? 172 PRO A CB   1 
ATOM   157 C CG   . PRO A 1 12 ? 6.084   7.831   5.189   1.00 18.60 ? 172 PRO A CG   1 
ATOM   158 C CD   . PRO A 1 12 ? 5.587   8.644   4.042   1.00 17.30 ? 172 PRO A CD   1 
ATOM   159 H HA   . PRO A 1 12 ? 5.859   5.817   2.818   1.00 16.27 ? 172 PRO A HA   1 
ATOM   160 H HB2  . PRO A 1 12 ? 6.286   5.841   5.369   1.00 19.57 ? 172 PRO A HB2  1 
ATOM   161 H HB3  . PRO A 1 12 ? 7.310   6.493   4.332   1.00 19.57 ? 172 PRO A HB3  1 
ATOM   162 H HG2  . PRO A 1 12 ? 5.395   7.752   5.868   1.00 22.32 ? 172 PRO A HG2  1 
ATOM   163 H HG3  . PRO A 1 12 ? 6.882   8.232   5.566   1.00 22.32 ? 172 PRO A HG3  1 
ATOM   164 H HD2  . PRO A 1 12 ? 4.903   9.267   4.335   1.00 20.77 ? 172 PRO A HD2  1 
ATOM   165 H HD3  . PRO A 1 12 ? 6.323   9.101   3.605   1.00 20.77 ? 172 PRO A HD3  1 
ATOM   166 N N    . LEU A 1 13 ? 4.361   4.128   3.848   1.00 14.11 ? 173 LEU A N    1 
ATOM   167 C CA   . LEU A 1 13 ? 3.480   3.184   4.527   1.00 13.76 ? 173 LEU A CA   1 
ATOM   168 C C    . LEU A 1 13 ? 3.699   3.274   6.026   1.00 13.43 ? 173 LEU A C    1 
ATOM   169 O O    . LEU A 1 13 ? 4.771   3.714   6.475   1.00 14.31 ? 173 LEU A O    1 
ATOM   170 C CB   . LEU A 1 13 ? 3.752   1.761   4.067   1.00 13.54 ? 173 LEU A CB   1 
ATOM   171 C CG   . LEU A 1 13 ? 3.538   1.553   2.566   1.00 13.81 ? 173 LEU A CG   1 
ATOM   172 C CD1  . LEU A 1 13 ? 4.150   0.246   2.156   1.00 14.00 ? 173 LEU A CD1  1 
ATOM   173 C CD2  . LEU A 1 13 ? 2.072   1.616   2.200   1.00 14.06 ? 173 LEU A CD2  1 
ATOM   174 H H    . LEU A 1 13 ? 4.936   3.758   3.326   1.00 16.93 ? 173 LEU A H    1 
ATOM   175 H HA   . LEU A 1 13 ? 2.556   3.402   4.334   1.00 16.51 ? 173 LEU A HA   1 
ATOM   176 H HB2  . LEU A 1 13 ? 4.674   1.536   4.269   1.00 16.25 ? 173 LEU A HB2  1 
ATOM   177 H HB3  . LEU A 1 13 ? 3.156   1.160   4.539   1.00 16.25 ? 173 LEU A HB3  1 
ATOM   178 H HG   . LEU A 1 13 ? 3.996   2.258   2.084   1.00 16.57 ? 173 LEU A HG   1 
ATOM   179 H HD11 . LEU A 1 13 ? 4.011   0.117   1.205   1.00 16.80 ? 173 LEU A HD11 1 
ATOM   180 H HD12 . LEU A 1 13 ? 5.099   0.266   2.354   1.00 16.80 ? 173 LEU A HD12 1 
ATOM   181 H HD13 . LEU A 1 13 ? 3.724   -0.471  2.652   1.00 16.80 ? 173 LEU A HD13 1 
ATOM   182 H HD21 . LEU A 1 13 ? 1.978   1.480   1.244   1.00 16.88 ? 173 LEU A HD21 1 
ATOM   183 H HD22 . LEU A 1 13 ? 1.595   0.921   2.682   1.00 16.88 ? 173 LEU A HD22 1 
ATOM   184 H HD23 . LEU A 1 13 ? 1.723   2.488   2.446   1.00 16.88 ? 173 LEU A HD23 1 
ATOM   185 N N    . PRO A 1 14 ? 2.718   2.805   6.801   1.00 11.39 ? 174 PRO A N    1 
ATOM   186 C CA   . PRO A 1 14 ? 2.934   2.716   8.251   1.00 11.42 ? 174 PRO A CA   1 
ATOM   187 C C    . PRO A 1 14 ? 4.124   1.840   8.572   1.00 11.13 ? 174 PRO A C    1 
ATOM   188 O O    . PRO A 1 14 ? 4.539   1.007   7.755   1.00 10.49 ? 174 PRO A O    1 
ATOM   189 C CB   . PRO A 1 14 ? 1.641   2.091   8.780   1.00 12.45 ? 174 PRO A CB   1 
ATOM   190 C CG   . PRO A 1 14 ? 0.732   1.975   7.641   1.00 12.36 ? 174 PRO A CG   1 
ATOM   191 C CD   . PRO A 1 14 ? 1.410   2.268   6.382   1.00 11.34 ? 174 PRO A CD   1 
ATOM   192 H HA   . PRO A 1 14 ? 3.057   3.597   8.637   1.00 13.70 ? 174 PRO A HA   1 
ATOM   193 H HB2  . PRO A 1 14 ? 1.834   1.214   9.148   1.00 14.94 ? 174 PRO A HB2  1 
ATOM   194 H HB3  . PRO A 1 14 ? 1.258   2.666   9.460   1.00 14.94 ? 174 PRO A HB3  1 
ATOM   195 H HG2  . PRO A 1 14 ? 0.383   1.071   7.617   1.00 14.83 ? 174 PRO A HG2  1 
ATOM   196 H HG3  . PRO A 1 14 ? 0.001   2.601   7.766   1.00 14.83 ? 174 PRO A HG3  1 
ATOM   197 H HD2  . PRO A 1 14 ? 1.529   1.454   5.867   1.00 13.61 ? 174 PRO A HD2  1 
ATOM   198 H HD3  . PRO A 1 14 ? 0.917   2.935   5.881   1.00 13.61 ? 174 PRO A HD3  1 
ATOM   199 N N    . ALA A 1 15 ? 4.718   2.074   9.747   1.00 11.11 ? 175 ALA A N    1 
ATOM   200 C CA   . ALA A 1 15 ? 5.882   1.305   10.170  1.00 11.04 ? 175 ALA A CA   1 
ATOM   201 C C    . ALA A 1 15 ? 5.564   -0.177  10.139  1.00 10.63 ? 175 ALA A C    1 
ATOM   202 O O    . ALA A 1 15 ? 4.493   -0.597  10.554  1.00 10.47 ? 175 ALA A O    1 
ATOM   203 C CB   . ALA A 1 15 ? 6.306   1.739   11.540  1.00 11.63 ? 175 ALA A CB   1 
ATOM   204 H H    . ALA A 1 15 ? 4.463   2.670   10.311  1.00 13.34 ? 175 ALA A H    1 
ATOM   205 H HA   . ALA A 1 15 ? 6.617   1.472   9.557   1.00 13.25 ? 175 ALA A HA   1 
ATOM   206 H HB1  . ALA A 1 15 ? 7.080   1.221   11.809  1.00 13.96 ? 175 ALA A HB1  1 
ATOM   207 H HB2  . ALA A 1 15 ? 6.530   2.683   11.515  1.00 13.96 ? 175 ALA A HB2  1 
ATOM   208 H HB3  . ALA A 1 15 ? 5.574   1.588   12.158  1.00 13.96 ? 175 ALA A HB3  1 
ATOM   209 N N    . GLY A 1 16 ? 6.493   -0.983  9.629   1.00 8.48  ? 176 GLY A N    1 
ATOM   210 C CA   . GLY A 1 16 ? 6.322   -2.422  9.634   1.00 9.02  ? 176 GLY A CA   1 
ATOM   211 C C    . GLY A 1 16 ? 5.550   -2.935  8.458   1.00 9.71  ? 176 GLY A C    1 
ATOM   212 O O    . GLY A 1 16 ? 5.263   -4.137  8.376   1.00 10.56 ? 176 GLY A O    1 
ATOM   213 H H    . GLY A 1 16 ? 7.229   -0.716  9.275   1.00 10.18 ? 176 GLY A H    1 
ATOM   214 H HA2  . GLY A 1 16 ? 7.194   -2.846  9.633   1.00 10.83 ? 176 GLY A HA2  1 
ATOM   215 H HA3  . GLY A 1 16 ? 5.856   -2.686  10.442  1.00 10.83 ? 176 GLY A HA3  1 
ATOM   216 N N    . TRP A 1 17 ? 5.191   -2.036  7.566   1.00 8.40  ? 177 TRP A N    1 
ATOM   217 C CA   . TRP A 1 17 ? 4.520   -2.416  6.303   1.00 8.17  ? 177 TRP A CA   1 
ATOM   218 C C    . TRP A 1 17 ? 5.412   -2.249  5.091   1.00 9.50  ? 177 TRP A C    1 
ATOM   219 O O    . TRP A 1 17 ? 6.263   -1.351  5.055   1.00 10.77 ? 177 TRP A O    1 
ATOM   220 C CB   . TRP A 1 17 ? 3.266   -1.561  6.052   1.00 7.55  ? 177 TRP A CB   1 
ATOM   221 C CG   . TRP A 1 17 ? 2.084   -1.812  6.950   1.00 7.52  ? 177 TRP A CG   1 
ATOM   222 C CD1  . TRP A 1 17 ? 2.001   -1.608  8.296   1.00 7.27  ? 177 TRP A CD1  1 
ATOM   223 C CD2  . TRP A 1 17 ? 0.799   -2.274  6.532   1.00 8.76  ? 177 TRP A CD2  1 
ATOM   224 N NE1  . TRP A 1 17 ? 0.747   -1.940  8.747   1.00 7.39  ? 177 TRP A NE1  1 
ATOM   225 C CE2  . TRP A 1 17 ? -0.016  -2.317  7.677   1.00 8.04  ? 177 TRP A CE2  1 
ATOM   226 C CE3  . TRP A 1 17 ? 0.275   -2.683  5.309   1.00 11.12 ? 177 TRP A CE3  1 
ATOM   227 C CZ2  . TRP A 1 17 ? -1.335  -2.719  7.625   1.00 8.99  ? 177 TRP A CZ2  1 
ATOM   228 C CZ3  . TRP A 1 17 ? -1.038  -3.066  5.255   1.00 11.93 ? 177 TRP A CZ3  1 
ATOM   229 C CH2  . TRP A 1 17 ? -1.819  -3.108  6.425   1.00 10.74 ? 177 TRP A CH2  1 
ATOM   230 H H    . TRP A 1 17 ? 5.318   -1.190  7.652   1.00 10.08 ? 177 TRP A H    1 
ATOM   231 H HA   . TRP A 1 17 ? 4.248   -3.345  6.354   1.00 9.80  ? 177 TRP A HA   1 
ATOM   232 H HB2  . TRP A 1 17 ? 3.511   -0.627  6.155   1.00 9.07  ? 177 TRP A HB2  1 
ATOM   233 H HB3  . TRP A 1 17 ? 2.972   -1.717  5.141   1.00 9.07  ? 177 TRP A HB3  1 
ATOM   234 H HD1  . TRP A 1 17 ? 2.692   -1.290  8.831   1.00 8.72  ? 177 TRP A HD1  1 
ATOM   235 H HE1  . TRP A 1 17 ? 0.469   -1.859  9.558   1.00 8.87  ? 177 TRP A HE1  1 
ATOM   236 H HE3  . TRP A 1 17 ? 0.787   -2.631  4.534   1.00 13.35 ? 177 TRP A HE3  1 
ATOM   237 H HZ2  . TRP A 1 17 ? -1.853  -2.774  8.395   1.00 10.79 ? 177 TRP A HZ2  1 
ATOM   238 H HZ3  . TRP A 1 17 ? -1.410  -3.325  4.443   1.00 14.32 ? 177 TRP A HZ3  1 
ATOM   239 H HH2  . TRP A 1 17 ? -2.703  -3.390  6.366   1.00 12.89 ? 177 TRP A HH2  1 
ATOM   240 N N    . GLU A 1 18 ? 5.196   -3.081  4.076   1.00 8.73  ? 178 GLU A N    1 
ATOM   241 C CA   . GLU A 1 18 ? 5.852   -2.922  2.798   1.00 9.70  ? 178 GLU A CA   1 
ATOM   242 C C    . GLU A 1 18 ? 4.839   -3.070  1.680   1.00 9.39  ? 178 GLU A C    1 
ATOM   243 O O    . GLU A 1 18 ? 3.777   -3.651  1.875   1.00 8.75  ? 178 GLU A O    1 
ATOM   244 C CB   . GLU A 1 18 ? 6.969   -3.952  2.634   1.00 11.63 ? 178 GLU A CB   1 
ATOM   245 C CG   . GLU A 1 18 ? 8.111   -3.680  3.561   1.00 14.38 ? 178 GLU A CG   1 
ATOM   246 C CD   . GLU A 1 18 ? 9.301   -4.574  3.302   1.00 17.46 ? 178 GLU A CD   1 
ATOM   247 O OE1  . GLU A 1 18 ? 9.373   -5.689  3.885   1.00 18.47 ? 178 GLU A OE1  1 
ATOM   248 O OE2  . GLU A 1 18 ? 10.162  -4.168  2.486   1.00 18.61 ? 178 GLU A OE2  1 
ATOM   249 H H    . GLU A 1 18 ? 4.663   -3.755  4.110   1.00 10.48 ? 178 GLU A H    1 
ATOM   250 H HA   . GLU A 1 18 ? 6.241   -2.035  2.743   1.00 11.64 ? 178 GLU A HA   1 
ATOM   251 H HB2  . GLU A 1 18 ? 6.622   -4.836  2.833   1.00 13.96 ? 178 GLU A HB2  1 
ATOM   252 H HB3  . GLU A 1 18 ? 7.303   -3.920  1.723   1.00 13.96 ? 178 GLU A HB3  1 
ATOM   253 H HG2  . GLU A 1 18 ? 8.397   -2.760  3.447   1.00 17.26 ? 178 GLU A HG2  1 
ATOM   254 H HG3  . GLU A 1 18 ? 7.819   -3.826  4.474   1.00 17.26 ? 178 GLU A HG3  1 
ATOM   255 N N    . MET A 1 19 ? 5.174   -2.522  0.521   1.00 9.37  ? 179 MET A N    1 
ATOM   256 C CA   . MET A 1 19 ? 4.365   -2.715  -0.684  1.00 11.04 ? 179 MET A CA   1 
ATOM   257 C C    . MET A 1 19 ? 5.076   -3.660  -1.654  1.00 12.06 ? 179 MET A C    1 
ATOM   258 O O    . MET A 1 19 ? 6.294   -3.717  -1.677  1.00 13.10 ? 179 MET A O    1 
ATOM   259 C CB   . MET A 1 19 ? 4.073   -1.375  -1.362  1.00 11.58 ? 179 MET A CB   1 
ATOM   260 C CG   . MET A 1 19 ? 3.199   -1.502  -2.643  1.00 12.43 ? 179 MET A CG   1 
ATOM   261 S SD   . MET A 1 19 ? 2.839   0.142   -3.353  1.00 21.24 ? 179 MET A SD   1 
ATOM   262 C CE   . MET A 1 19 ? 4.285   0.359   -4.387  1.00 20.28 ? 179 MET A CE   1 
ATOM   263 H H    . MET A 1 19 ? 5.869   -2.030  0.400   1.00 11.25 ? 179 MET A H    1 
ATOM   264 H HA   . MET A 1 19 ? 3.516   -3.110  -0.430  1.00 13.24 ? 179 MET A HA   1 
ATOM   265 H HB2  . MET A 1 19 ? 3.602   -0.803  -0.736  1.00 13.90 ? 179 MET A HB2  1 
ATOM   266 H HB3  . MET A 1 19 ? 4.914   -0.962  -1.616  1.00 13.90 ? 179 MET A HB3  1 
ATOM   267 H HG2  . MET A 1 19 ? 3.675   -2.024  -3.307  1.00 14.92 ? 179 MET A HG2  1 
ATOM   268 H HG3  . MET A 1 19 ? 2.357   -1.928  -2.417  1.00 14.92 ? 179 MET A HG3  1 
ATOM   269 H HE1  . MET A 1 19 ? 4.225   1.215   -4.838  1.00 24.33 ? 179 MET A HE1  1 
ATOM   270 H HE2  . MET A 1 19 ? 5.078   0.332   -3.829  1.00 24.33 ? 179 MET A HE2  1 
ATOM   271 H HE3  . MET A 1 19 ? 4.315   -0.359  -5.040  1.00 24.33 ? 179 MET A HE3  1 
ATOM   272 N N    . ALA A 1 20 ? 4.295   -4.424  -2.407  1.00 11.24 ? 180 ALA A N    1 
ATOM   273 C CA   . ALA A 1 20 ? 4.789   -5.306  -3.435  1.00 11.53 ? 180 ALA A CA   1 
ATOM   274 C C    . ALA A 1 20 ? 3.888   -5.193  -4.672  1.00 11.76 ? 180 ALA A C    1 
ATOM   275 O O    . ALA A 1 20 ? 2.795   -4.613  -4.599  1.00 11.82 ? 180 ALA A O    1 
ATOM   276 C CB   . ALA A 1 20 ? 4.822   -6.745  -2.936  1.00 11.92 ? 180 ALA A CB   1 
ATOM   277 H H    . ALA A 1 20 ? 3.438   -4.443  -2.331  1.00 13.49 ? 180 ALA A H    1 
ATOM   278 H HA   . ALA A 1 20 ? 5.689   -5.044  -3.683  1.00 13.84 ? 180 ALA A HA   1 
ATOM   279 H HB1  . ALA A 1 20 ? 5.158   -7.316  -3.644  1.00 14.31 ? 180 ALA A HB1  1 
ATOM   280 H HB2  . ALA A 1 20 ? 5.407   -6.797  -2.164  1.00 14.31 ? 180 ALA A HB2  1 
ATOM   281 H HB3  . ALA A 1 20 ? 3.923   -7.014  -2.690  1.00 14.31 ? 180 ALA A HB3  1 
ATOM   282 N N    . LYS A 1 21 ? 4.352   -5.742  -5.793  1.00 11.50 ? 181 LYS A N    1 
ATOM   283 C CA   . LYS A 1 21 ? 3.536   -5.784  -7.008  1.00 13.24 ? 181 LYS A CA   1 
ATOM   284 C C    . LYS A 1 21 ? 3.503   -7.196  -7.569  1.00 13.47 ? 181 LYS A C    1 
ATOM   285 O O    . LYS A 1 21 ? 4.486   -7.925  -7.488  1.00 13.03 ? 181 LYS A O    1 
ATOM   286 C CB   . LYS A 1 21 ? 4.071   -4.816  -8.073  1.00 17.21 ? 181 LYS A CB   1 
ATOM   287 C CG   . LYS A 1 21 ? 3.902   -3.350  -7.754  1.00 23.97 ? 181 LYS A CG   1 
ATOM   288 C CD   . LYS A 1 21 ? 4.371   -2.467  -8.918  1.00 30.75 ? 181 LYS A CD   1 
ATOM   289 C CE   . LYS A 1 21 ? 4.521   -1.001  -8.482  1.00 44.73 ? 181 LYS A CE   1 
ATOM   290 N NZ   . LYS A 1 21 ? 5.424   -0.205  -9.366  1.00 47.21 ? 181 LYS A NZ   1 
ATOM   291 H H    . LYS A 1 21 ? 5.132   -6.094  -5.879  1.00 13.79 ? 181 LYS A H    1 
ATOM   292 H HA   . LYS A 1 21 ? 2.626   -5.523  -6.791  1.00 15.89 ? 181 LYS A HA   1 
ATOM   293 H HB2  . LYS A 1 21 ? 5.020   -4.982  -8.189  1.00 20.65 ? 181 LYS A HB2  1 
ATOM   294 H HB3  . LYS A 1 21 ? 3.606   -4.988  -8.907  1.00 20.65 ? 181 LYS A HB3  1 
ATOM   295 H HG2  . LYS A 1 21 ? 2.965   -3.164  -7.589  1.00 28.76 ? 181 LYS A HG2  1 
ATOM   296 H HG3  . LYS A 1 21 ? 4.432   -3.129  -6.971  1.00 28.76 ? 181 LYS A HG3  1 
ATOM   297 H HD2  . LYS A 1 21 ? 5.234   -2.780  -9.231  1.00 36.91 ? 181 LYS A HD2  1 
ATOM   298 H HD3  . LYS A 1 21 ? 3.719   -2.506  -9.634  1.00 36.91 ? 181 LYS A HD3  1 
ATOM   299 H HE2  . LYS A 1 21 ? 3.647   -0.580  -8.493  1.00 53.68 ? 181 LYS A HE2  1 
ATOM   300 H HE3  . LYS A 1 21 ? 4.887   -0.976  -7.584  1.00 53.68 ? 181 LYS A HE3  1 
ATOM   301 H HZ1  . LYS A 1 21 ? 5.109   -0.200  -10.199 1.00 56.65 ? 181 LYS A HZ1  1 
ATOM   302 H HZ2  . LYS A 1 21 ? 5.477   0.633   -9.072  1.00 56.65 ? 181 LYS A HZ2  1 
ATOM   303 H HZ3  . LYS A 1 21 ? 6.240   -0.563  -9.369  1.00 56.65 ? 181 LYS A HZ3  1 
ATOM   304 N N    . THR A 1 22 ? 2.362   -7.579  -8.131  1.00 14.20 ? 182 THR A N    1 
ATOM   305 C CA   . THR A 1 22 ? 2.265   -8.838  -8.851  1.00 15.73 ? 182 THR A CA   1 
ATOM   306 C C    . THR A 1 22 ? 3.012   -8.697  -10.157 1.00 17.48 ? 182 THR A C    1 
ATOM   307 O O    . THR A 1 22 ? 3.413   -7.595  -10.527 1.00 16.96 ? 182 THR A O    1 
ATOM   308 C CB   . THR A 1 22 ? 0.817   -9.233  -9.167  1.00 15.60 ? 182 THR A CB   1 
ATOM   309 O OG1  . THR A 1 22 ? 0.272   -8.317  -10.123 1.00 15.91 ? 182 THR A OG1  1 
ATOM   310 C CG2  . THR A 1 22 ? -0.029  -9.217  -7.914  1.00 14.93 ? 182 THR A CG2  1 
ATOM   311 H H    . THR A 1 22 ? 1.630   -7.128  -8.108  1.00 17.04 ? 182 THR A H    1 
ATOM   312 H HA   . THR A 1 22 ? 2.676   -9.546  -8.332  1.00 18.88 ? 182 THR A HA   1 
ATOM   313 H HB   . THR A 1 22 ? 0.802   -10.130 -9.535  1.00 18.72 ? 182 THR A HB   1 
ATOM   314 H HG1  . THR A 1 22 ? 0.285   -7.536  -9.814  1.00 19.10 ? 182 THR A HG1  1 
ATOM   315 H HG21 . THR A 1 22 ? -0.940  -9.469  -8.127  1.00 17.91 ? 182 THR A HG21 1 
ATOM   316 H HG22 . THR A 1 22 ? 0.328   -9.845  -7.266  1.00 17.91 ? 182 THR A HG22 1 
ATOM   317 H HG23 . THR A 1 22 ? -0.029  -8.328  -7.526  1.00 17.91 ? 182 THR A HG23 1 
ATOM   318 N N    . SER A 1 23 ? 3.142   -9.795  -10.889 1.00 18.76 ? 183 SER A N    1 
ATOM   319 C CA   . SER A 1 23 ? 3.764   -9.743  -12.206 1.00 21.62 ? 183 SER A CA   1 
ATOM   320 C C    . SER A 1 23 ? 2.972   -8.897  -13.184 1.00 22.08 ? 183 SER A C    1 
ATOM   321 O O    . SER A 1 23 ? 3.542   -8.324  -14.104 1.00 23.58 ? 183 SER A O    1 
ATOM   322 C CB   . SER A 1 23 ? 3.942   -11.156 -12.756 1.00 25.24 ? 183 SER A CB   1 
ATOM   323 O OG   . SER A 1 23 ? 4.942   -11.837 -12.014 1.00 28.41 ? 183 SER A OG   1 
ATOM   324 H H    . SER A 1 23 ? 2.880   -10.579 -10.650 1.00 22.51 ? 183 SER A H    1 
ATOM   325 H HA   . SER A 1 23 ? 4.646   -9.347  -12.118 1.00 25.94 ? 183 SER A HA   1 
ATOM   326 H HB2  . SER A 1 23 ? 3.104   -11.636 -12.678 1.00 30.29 ? 183 SER A HB2  1 
ATOM   327 H HB3  . SER A 1 23 ? 4.215   -11.104 -13.685 1.00 30.29 ? 183 SER A HB3  1 
ATOM   328 H HG   . SER A 1 23 ? 5.042   -12.615 -12.315 1.00 34.10 ? 183 SER A HG   1 
ATOM   329 N N    . SER A 1 24 ? 1.668   -8.768  -12.957 1.00 21.06 ? 184 SER A N    1 
ATOM   330 C CA   . SER A 1 24 ? 0.839   -7.928  -13.806 1.00 22.77 ? 184 SER A CA   1 
ATOM   331 C C    . SER A 1 24 ? 0.778   -6.462  -13.347 1.00 23.21 ? 184 SER A C    1 
ATOM   332 O O    . SER A 1 24 ? 0.012   -5.665  -13.893 1.00 26.55 ? 184 SER A O    1 
ATOM   333 C CB   . SER A 1 24 ? -0.570  -8.514  -13.872 1.00 23.98 ? 184 SER A CB   1 
ATOM   334 O OG   . SER A 1 24 ? -1.110  -8.601  -12.560 1.00 24.05 ? 184 SER A OG   1 
ATOM   335 H H    . SER A 1 24 ? 1.241   -9.157  -12.319 1.00 25.27 ? 184 SER A H    1 
ATOM   336 H HA   . SER A 1 24 ? 1.205   -7.938  -14.705 1.00 27.33 ? 184 SER A HA   1 
ATOM   337 H HB2  . SER A 1 24 ? -1.132  -7.935  -14.412 1.00 28.78 ? 184 SER A HB2  1 
ATOM   338 H HB3  . SER A 1 24 ? -0.530  -9.402  -14.261 1.00 28.78 ? 184 SER A HB3  1 
ATOM   339 H HG   . SER A 1 24 ? -1.886  -8.922  -12.590 1.00 28.86 ? 184 SER A HG   1 
ATOM   340 N N    . GLY A 1 25 ? 1.577   -6.108  -12.342 1.00 20.07 ? 185 GLY A N    1 
ATOM   341 C CA   . GLY A 1 25 ? 1.706   -4.721  -11.920 1.00 17.52 ? 185 GLY A CA   1 
ATOM   342 C C    . GLY A 1 25 ? 0.708   -4.245  -10.871 1.00 16.22 ? 185 GLY A C    1 
ATOM   343 O O    . GLY A 1 25 ? 0.652   -3.039  -10.569 1.00 17.88 ? 185 GLY A O    1 
ATOM   344 H H    . GLY A 1 25 ? 2.057   -6.657  -11.888 1.00 24.09 ? 185 GLY A H    1 
ATOM   345 H HA2  . GLY A 1 25 ? 2.597   -4.586  -11.562 1.00 21.02 ? 185 GLY A HA2  1 
ATOM   346 H HA3  . GLY A 1 25 ? 1.609   -4.150  -12.699 1.00 21.02 ? 185 GLY A HA3  1 
ATOM   347 N N    . GLN A 1 26 ? -0.072  -5.168  -10.310 1.00 14.49 ? 186 GLN A N    1 
ATOM   348 C CA   . GLN A 1 26 ? -1.017  -4.839  -9.234  1.00 13.70 ? 186 GLN A CA   1 
ATOM   349 C C    . GLN A 1 26 ? -0.355  -4.743  -7.857  1.00 11.53 ? 186 GLN A C    1 
ATOM   350 O O    . GLN A 1 26 ? 0.340   -5.647  -7.440  1.00 11.13 ? 186 GLN A O    1 
ATOM   351 C CB   . GLN A 1 26 ? -2.137  -5.875  -9.164  1.00 17.42 ? 186 GLN A CB   1 
ATOM   352 C CG   . GLN A 1 26 ? -3.054  -5.906  -10.406 1.00 24.22 ? 186 GLN A CG   1 
ATOM   353 C CD   . GLN A 1 26 ? -3.869  -4.625  -10.592 1.00 30.80 ? 186 GLN A CD   1 
ATOM   354 O OE1  . GLN A 1 26 ? -4.465  -4.106  -9.643  1.00 31.07 ? 186 GLN A OE1  1 
ATOM   355 N NE2  . GLN A 1 26 ? -3.888  -4.109  -11.821 1.00 35.36 ? 186 GLN A NE2  1 
ATOM   356 H H    . GLN A 1 26 ? -0.075  -5.998  -10.534 1.00 17.39 ? 186 GLN A H    1 
ATOM   357 H HA   . GLN A 1 26 ? -1.421  -3.979  -9.428  1.00 16.45 ? 186 GLN A HA   1 
ATOM   358 H HB2  . GLN A 1 26 ? -1.741  -6.755  -9.068  1.00 20.91 ? 186 GLN A HB2  1 
ATOM   359 H HB3  . GLN A 1 26 ? -2.693  -5.680  -8.394  1.00 20.91 ? 186 GLN A HB3  1 
ATOM   360 H HG2  . GLN A 1 26 ? -2.505  -6.028  -11.198 1.00 29.07 ? 186 GLN A HG2  1 
ATOM   361 H HG3  . GLN A 1 26 ? -3.675  -6.645  -10.319 1.00 29.07 ? 186 GLN A HG3  1 
ATOM   362 H HE21 . GLN A 1 26 ? -3.456  -4.497  -12.457 1.00 42.43 ? 186 GLN A HE21 1 
ATOM   363 H HE22 . GLN A 1 26 ? -4.331  -3.390  -11.979 1.00 42.43 ? 186 GLN A HE22 1 
ATOM   364 N N    . ARG A 1 27 ? -0.616  -3.645  -7.162  1.00 11.26 ? 187 ARG A N    1 
ATOM   365 C CA   . ARG A 1 27 ? -0.044  -3.405  -5.833  1.00 10.34 ? 187 ARG A CA   1 
ATOM   366 C C    . ARG A 1 27 ? -0.765  -4.197  -4.766  1.00 10.41 ? 187 ARG A C    1 
ATOM   367 O O    . ARG A 1 27 ? -1.987  -4.343  -4.800  1.00 10.98 ? 187 ARG A O    1 
ATOM   368 C CB   . ARG A 1 27 ? -0.119  -1.910  -5.467  1.00 9.51  ? 187 ARG A CB   1 
ATOM   369 C CG   . ARG A 1 27 ? 0.746   -0.990  -6.325  1.00 9.73  ? 187 ARG A CG   1 
ATOM   370 C CD   . ARG A 1 27 ? 0.552   0.482   -5.923  1.00 12.66 ? 187 ARG A CD   1 
ATOM   371 N NE   . ARG A 1 27 ? 1.638   1.328   -6.415  1.00 17.83 ? 187 ARG A NE   1 
ATOM   372 C CZ   . ARG A 1 27 ? 1.874   2.579   -6.012  1.00 22.89 ? 187 ARG A CZ   1 
ATOM   373 N NH1  . ARG A 1 27 ? 1.112   3.165   -5.090  1.00 23.02 ? 187 ARG A NH1  1 
ATOM   374 N NH2  . ARG A 1 27 ? 2.903   3.247   -6.521  1.00 26.20 ? 187 ARG A NH2  1 
ATOM   375 H H    . ARG A 1 27 ? -1.130  -3.013  -7.437  1.00 13.51 ? 187 ARG A H    1 
ATOM   376 H HA   . ARG A 1 27 ? 0.887   -3.672  -5.833  1.00 12.41 ? 187 ARG A HA   1 
ATOM   377 H HB2  . ARG A 1 27 ? -1.039  -1.615  -5.558  1.00 11.41 ? 187 ARG A HB2  1 
ATOM   378 H HB3  . ARG A 1 27 ? 0.167   -1.803  -4.545  1.00 11.41 ? 187 ARG A HB3  1 
ATOM   379 H HG2  . ARG A 1 27 ? 1.680   -1.221  -6.204  1.00 11.68 ? 187 ARG A HG2  1 
ATOM   380 H HG3  . ARG A 1 27 ? 0.493   -1.088  -7.257  1.00 11.68 ? 187 ARG A HG3  1 
ATOM   381 H HD2  . ARG A 1 27 ? -0.281  0.808   -6.298  1.00 15.19 ? 187 ARG A HD2  1 
ATOM   382 H HD3  . ARG A 1 27 ? 0.532   0.548   -4.956  1.00 15.19 ? 187 ARG A HD3  1 
ATOM   383 H HE   . ARG A 1 27 ? 2.164   0.996   -7.008  1.00 21.40 ? 187 ARG A HE   1 
ATOM   384 H HH11 . ARG A 1 27 ? 0.447   2.739   -4.748  1.00 27.62 ? 187 ARG A HH11 1 
ATOM   385 H HH12 . ARG A 1 27 ? 1.281   3.971   -4.841  1.00 27.62 ? 187 ARG A HH12 1 
ATOM   386 H HH21 . ARG A 1 27 ? 3.402   2.878   -7.117  1.00 31.44 ? 187 ARG A HH21 1 
ATOM   387 H HH22 . ARG A 1 27 ? 3.060   4.053   -6.267  1.00 31.44 ? 187 ARG A HH22 1 
ATOM   388 N N    . TYR A 1 28 ? 0.006   -4.672  -3.785  1.00 9.62  ? 188 TYR A N    1 
ATOM   389 C CA   . TYR A 1 28 ? -0.560  -5.237  -2.576  1.00 9.49  ? 188 TYR A CA   1 
ATOM   390 C C    . TYR A 1 28 ? 0.397   -4.881  -1.426  1.00 8.34  ? 188 TYR A C    1 
ATOM   391 O O    . TYR A 1 28 ? 1.496   -4.384  -1.635  1.00 8.17  ? 188 TYR A O    1 
ATOM   392 C CB   . TYR A 1 28 ? -0.811  -6.746  -2.713  1.00 10.55 ? 188 TYR A CB   1 
ATOM   393 C CG   . TYR A 1 28 ? 0.387   -7.629  -2.976  1.00 10.62 ? 188 TYR A CG   1 
ATOM   394 C CD1  . TYR A 1 28 ? 1.004   -8.295  -1.930  1.00 11.52 ? 188 TYR A CD1  1 
ATOM   395 C CD2  . TYR A 1 28 ? 0.865   -7.851  -4.263  1.00 10.32 ? 188 TYR A CD2  1 
ATOM   396 C CE1  . TYR A 1 28 ? 2.078   -9.118  -2.152  1.00 12.74 ? 188 TYR A CE1  1 
ATOM   397 C CE2  . TYR A 1 28 ? 1.964   -8.686  -4.486  1.00 11.43 ? 188 TYR A CE2  1 
ATOM   398 C CZ   . TYR A 1 28 ? 2.547   -9.312  -3.434  1.00 13.18 ? 188 TYR A CZ   1 
ATOM   399 O OH   . TYR A 1 28 ? 3.638   -10.146 -3.658  1.00 14.84 ? 188 TYR A OH   1 
ATOM   400 H H    . TYR A 1 28 ? 0.867   -4.674  -3.802  1.00 11.55 ? 188 TYR A H    1 
ATOM   401 H HA   . TYR A 1 28 ? -1.413  -4.809  -2.398  1.00 11.39 ? 188 TYR A HA   1 
ATOM   402 H HB2  . TYR A 1 28 ? -1.219  -7.058  -1.890  1.00 12.66 ? 188 TYR A HB2  1 
ATOM   403 H HB3  . TYR A 1 28 ? -1.430  -6.882  -3.447  1.00 12.66 ? 188 TYR A HB3  1 
ATOM   404 H HD1  . TYR A 1 28 ? 0.694   -8.170  -1.062  1.00 13.82 ? 188 TYR A HD1  1 
ATOM   405 H HD2  . TYR A 1 28 ? 0.464   -7.421  -4.983  1.00 12.39 ? 188 TYR A HD2  1 
ATOM   406 H HE1  . TYR A 1 28 ? 2.489   -9.549  -1.437  1.00 15.29 ? 188 TYR A HE1  1 
ATOM   407 H HE2  . TYR A 1 28 ? 2.284   -8.821  -5.348  1.00 13.72 ? 188 TYR A HE2  1 
ATOM   408 H HH   . TYR A 1 28 ? 3.814   -10.173 -4.479  1.00 17.80 ? 188 TYR A HH   1 
ATOM   409 N N    . PHE A 1 29 ? -0.074  -5.099  -0.209  1.00 8.37  ? 189 PHE A N    1 
ATOM   410 C CA   . PHE A 1 29 ? 0.565   -4.550  0.980   1.00 8.37  ? 189 PHE A CA   1 
ATOM   411 C C    . PHE A 1 29 ? 0.677   -5.612  2.055   1.00 8.55  ? 189 PHE A C    1 
ATOM   412 O O    . PHE A 1 29 ? -0.278  -6.367  2.301   1.00 8.95  ? 189 PHE A O    1 
ATOM   413 C CB   . PHE A 1 29 ? -0.221  -3.345  1.482   1.00 8.92  ? 189 PHE A CB   1 
ATOM   414 C CG   . PHE A 1 29 ? -0.445  -2.300  0.414   1.00 9.19  ? 189 PHE A CG   1 
ATOM   415 C CD1  . PHE A 1 29 ? 0.439   -1.258  0.255   1.00 8.38  ? 189 PHE A CD1  1 
ATOM   416 C CD2  . PHE A 1 29 ? -1.519  -2.408  -0.484  1.00 9.49  ? 189 PHE A CD2  1 
ATOM   417 C CE1  . PHE A 1 29 ? 0.256   -0.308  -0.745  1.00 7.45  ? 189 PHE A CE1  1 
ATOM   418 C CE2  . PHE A 1 29 ? -1.697  -1.440  -1.481  1.00 8.59  ? 189 PHE A CE2  1 
ATOM   419 C CZ   . PHE A 1 29 ? -0.801  -0.396  -1.599  1.00 7.57  ? 189 PHE A CZ   1 
ATOM   420 H H    . PHE A 1 29 ? -0.774  -5.569  -0.041  1.00 10.05 ? 189 PHE A H    1 
ATOM   421 H HA   . PHE A 1 29 ? 1.460   -4.255  0.752   1.00 10.04 ? 189 PHE A HA   1 
ATOM   422 H HB2  . PHE A 1 29 ? -1.089  -3.644  1.796   1.00 10.71 ? 189 PHE A HB2  1 
ATOM   423 H HB3  . PHE A 1 29 ? 0.270   -2.930  2.209   1.00 10.71 ? 189 PHE A HB3  1 
ATOM   424 H HD1  . PHE A 1 29 ? 1.164   -1.181  0.833   1.00 10.06 ? 189 PHE A HD1  1 
ATOM   425 H HD2  . PHE A 1 29 ? -2.127  -3.108  -0.401  1.00 11.38 ? 189 PHE A HD2  1 
ATOM   426 H HE1  . PHE A 1 29 ? 0.857   0.397   -0.825  1.00 8.94  ? 189 PHE A HE1  1 
ATOM   427 H HE2  . PHE A 1 29 ? -2.416  -1.503  -2.067  1.00 10.31 ? 189 PHE A HE2  1 
ATOM   428 H HZ   . PHE A 1 29 ? -0.918  0.243   -2.265  1.00 9.08  ? 189 PHE A HZ   1 
ATOM   429 N N    . LEU A 1 30 ? 1.863   -5.668  2.665   1.00 9.48  ? 190 LEU A N    1 
ATOM   430 C CA   . LEU A 1 30 ? 2.226   -6.613  3.703   1.00 11.91 ? 190 LEU A CA   1 
ATOM   431 C C    . LEU A 1 30 ? 2.403   -5.926  5.048   1.00 9.04  ? 190 LEU A C    1 
ATOM   432 O O    . LEU A 1 30 ? 3.111   -4.932  5.153   1.00 8.33  ? 190 LEU A O    1 
ATOM   433 C CB   . LEU A 1 30 ? 3.563   -7.319  3.362   1.00 18.80 ? 190 LEU A CB   1 
ATOM   434 C CG   . LEU A 1 30 ? 3.838   -7.895  1.977   1.00 28.04 ? 190 LEU A CG   1 
ATOM   435 C CD1  . LEU A 1 30 ? 5.229   -8.488  1.962   1.00 29.37 ? 190 LEU A CD1  1 
ATOM   436 C CD2  . LEU A 1 30 ? 2.819   -8.939  1.607   1.00 34.74 ? 190 LEU A CD2  1 
ATOM   437 H H    . LEU A 1 30 ? 2.507   -5.131  2.475   1.00 11.38 ? 190 LEU A H    1 
ATOM   438 H HA   . LEU A 1 30 ? 1.532   -7.287  3.787   1.00 14.29 ? 190 LEU A HA   1 
ATOM   439 H HB2  . LEU A 1 30 ? 4.272   -6.680  3.533   1.00 22.56 ? 190 LEU A HB2  1 
ATOM   440 H HB3  . LEU A 1 30 ? 3.660   -8.057  3.985   1.00 22.56 ? 190 LEU A HB3  1 
ATOM   441 H HG   . LEU A 1 30 ? 3.801   -7.184  1.318   1.00 33.64 ? 190 LEU A HG   1 
ATOM   442 H HD11 . LEU A 1 30 ? 5.407   -8.856  1.082   1.00 35.25 ? 190 LEU A HD11 1 
ATOM   443 H HD12 . LEU A 1 30 ? 5.872   -7.790  2.165   1.00 35.25 ? 190 LEU A HD12 1 
ATOM   444 H HD13 . LEU A 1 30 ? 5.280   -9.189  2.630   1.00 35.25 ? 190 LEU A HD13 1 
ATOM   445 H HD21 . LEU A 1 30 ? 3.026   -9.282  0.722   1.00 41.69 ? 190 LEU A HD21 1 
ATOM   446 H HD22 . LEU A 1 30 ? 2.853   -9.659  2.257   1.00 41.69 ? 190 LEU A HD22 1 
ATOM   447 H HD23 . LEU A 1 30 ? 1.938   -8.534  1.607   1.00 41.69 ? 190 LEU A HD23 1 
ATOM   448 N N    . ASN A 1 31 ? 1.717   -6.440  6.064   1.00 7.60  ? 191 ASN A N    1 
ATOM   449 C CA   . ASN A 1 31 ? 1.849   -5.988  7.453   1.00 8.29  ? 191 ASN A CA   1 
ATOM   450 C C    . ASN A 1 31 ? 2.671   -7.037  8.177   1.00 8.70  ? 191 ASN A C    1 
ATOM   451 O O    . ASN A 1 31 ? 2.146   -8.087  8.513   1.00 10.24 ? 191 ASN A O    1 
ATOM   452 C CB   . ASN A 1 31 ? 0.449   -5.791  8.034   1.00 10.46 ? 191 ASN A CB   1 
ATOM   453 C CG   . ASN A 1 31 ? 0.416   -5.568  9.519   1.00 12.80 ? 191 ASN A CG   1 
ATOM   454 O OD1  . ASN A 1 31 ? 1.434   -5.554  10.206  1.00 13.07 ? 191 ASN A OD1  1 
ATOM   455 N ND2  . ASN A 1 31 ? -0.797  -5.432  10.042  1.00 14.76 ? 191 ASN A ND2  1 
ATOM   456 H H    . ASN A 1 31 ? 1.147   -7.077  5.972   1.00 9.12  ? 191 ASN A H    1 
ATOM   457 H HA   . ASN A 1 31 ? 2.324   -5.143  7.482   1.00 9.94  ? 191 ASN A HA   1 
ATOM   458 H HB2  . ASN A 1 31 ? 0.044   -5.016  7.611   1.00 12.55 ? 191 ASN A HB2  1 
ATOM   459 H HB3  . ASN A 1 31 ? -0.080  -6.580  7.842   1.00 12.55 ? 191 ASN A HB3  1 
ATOM   460 H HD21 . ASN A 1 31 ? -0.889  -5.301  10.887  1.00 17.71 ? 191 ASN A HD21 1 
ATOM   461 H HD22 . ASN A 1 31 ? -1.491  -5.474  9.535   1.00 17.71 ? 191 ASN A HD22 1 
ATOM   462 N N    . HIS A 1 32 ? 3.955   -6.764  8.417   1.00 8.37  ? 192 HIS A N    1 
ATOM   463 C CA   . HIS A 1 32 ? 4.865   -7.779  8.951   1.00 9.09  ? 192 HIS A CA   1 
ATOM   464 C C    . HIS A 1 32 ? 4.447   -8.316  10.295  1.00 9.85  ? 192 HIS A C    1 
ATOM   465 O O    . HIS A 1 32 ? 4.369   -9.518  10.491  1.00 10.05 ? 192 HIS A O    1 
ATOM   466 C CB   . HIS A 1 32 ? 6.266   -7.215  9.060   1.00 9.64  ? 192 HIS A CB   1 
ATOM   467 C CG   . HIS A 1 32 ? 7.023   -7.204  7.773   1.00 10.48 ? 192 HIS A CG   1 
ATOM   468 N ND1  . HIS A 1 32 ? 7.577   -8.348  7.233   1.00 11.31 ? 192 HIS A ND1  1 
ATOM   469 C CD2  . HIS A 1 32 ? 7.355   -6.192  6.939   1.00 10.49 ? 192 HIS A CD2  1 
ATOM   470 C CE1  . HIS A 1 32 ? 8.215   -8.036  6.117   1.00 11.36 ? 192 HIS A CE1  1 
ATOM   471 N NE2  . HIS A 1 32 ? 8.077   -6.735  5.903   1.00 10.96 ? 192 HIS A NE2  1 
ATOM   472 H H    . HIS A 1 32 ? 4.324   -6.000  8.280   1.00 10.05 ? 192 HIS A H    1 
ATOM   473 H HA   . HIS A 1 32 ? 4.895   -8.526  8.332   1.00 10.91 ? 192 HIS A HA   1 
ATOM   474 H HB2  . HIS A 1 32 ? 6.208   -6.299  9.376   1.00 11.57 ? 192 HIS A HB2  1 
ATOM   475 H HB3  . HIS A 1 32 ? 6.768   -7.749  9.694   1.00 11.57 ? 192 HIS A HB3  1 
ATOM   476 H HD2  . HIS A 1 32 ? 7.120   -5.298  7.036   1.00 12.58 ? 192 HIS A HD2  1 
ATOM   477 H HE1  . HIS A 1 32 ? 8.658   -8.635  5.560   1.00 13.63 ? 192 HIS A HE1  1 
ATOM   478 N N    . ILE A 1 33 ? 4.140   -7.448  11.247  1.00 9.20  ? 193 ILE A N    1 
ATOM   479 C CA   . ILE A 1 33 ? 4.007   -7.973  12.588  1.00 10.39 ? 193 ILE A CA   1 
ATOM   480 C C    . ILE A 1 33 ? 2.744   -8.827  12.781  1.00 10.42 ? 193 ILE A C    1 
ATOM   481 O O    . ILE A 1 33 ? 2.765   -9.756  13.572  1.00 12.08 ? 193 ILE A O    1 
ATOM   482 C CB   . ILE A 1 33 ? 4.059   -6.851  13.639  1.00 12.03 ? 193 ILE A CB   1 
ATOM   483 C CG1  . ILE A 1 33 ? 4.354   -7.462  15.000  1.00 14.36 ? 193 ILE A CG1  1 
ATOM   484 C CG2  . ILE A 1 33 ? 2.795   -6.057  13.660  1.00 12.45 ? 193 ILE A CG2  1 
ATOM   485 C CD1  . ILE A 1 33 ? 4.867   -6.503  16.031  1.00 15.87 ? 193 ILE A CD1  1 
ATOM   486 H H    . ILE A 1 33 ? 4.010   -6.603  11.153  1.00 11.04 ? 193 ILE A H    1 
ATOM   487 H HA   . ILE A 1 33 ? 4.766   -8.552  12.756  1.00 12.46 ? 193 ILE A HA   1 
ATOM   488 H HB   . ILE A 1 33 ? 4.788   -6.254  13.410  1.00 14.43 ? 193 ILE A HB   1 
ATOM   489 H HG12 . ILE A 1 33 ? 3.536   -7.852  15.346  1.00 17.23 ? 193 ILE A HG12 1 
ATOM   490 H HG13 . ILE A 1 33 ? 5.023   -8.156  14.888  1.00 17.23 ? 193 ILE A HG13 1 
ATOM   491 H HG21 . ILE A 1 33 ? 2.869   -5.364  14.334  1.00 14.94 ? 193 ILE A HG21 1 
ATOM   492 H HG22 . ILE A 1 33 ? 2.659   -5.658  12.787  1.00 14.94 ? 193 ILE A HG22 1 
ATOM   493 H HG23 . ILE A 1 33 ? 2.055   -6.648  13.873  1.00 14.94 ? 193 ILE A HG23 1 
ATOM   494 H HD11 . ILE A 1 33 ? 5.024   -6.983  16.860  1.00 19.04 ? 193 ILE A HD11 1 
ATOM   495 H HD12 . ILE A 1 33 ? 5.695   -6.111  15.713  1.00 19.04 ? 193 ILE A HD12 1 
ATOM   496 H HD13 . ILE A 1 33 ? 4.205   -5.807  16.173  1.00 19.04 ? 193 ILE A HD13 1 
ATOM   497 N N    . ASP A 1 34 ? 1.679   -8.568  12.022  1.00 8.74  ? 194 ASP A N    1 
ATOM   498 C CA   . ASP A 1 34 ? 0.472   -9.386  12.073  1.00 9.78  ? 194 ASP A CA   1 
ATOM   499 C C    . ASP A 1 34 ? 0.435   -10.439 10.993  1.00 9.83  ? 194 ASP A C    1 
ATOM   500 O O    . ASP A 1 34 ? -0.500  -11.242 10.908  1.00 11.38 ? 194 ASP A O    1 
ATOM   501 C CB   . ASP A 1 34 ? -0.724  -8.464  11.962  1.00 11.44 ? 194 ASP A CB   1 
ATOM   502 C CG   . ASP A 1 34 ? -0.751  -7.455  13.082  1.00 13.82 ? 194 ASP A CG   1 
ATOM   503 O OD1  . ASP A 1 34 ? -0.524  -7.872  14.244  1.00 16.32 ? 194 ASP A OD1  1 
ATOM   504 O OD2  . ASP A 1 34 ? -1.000  -6.247  12.814  1.00 13.38 ? 194 ASP A OD2  1 
ATOM   505 H H    . ASP A 1 34 ? 1.631   -7.914  11.464  1.00 10.48 ? 194 ASP A H    1 
ATOM   506 H HA   . ASP A 1 34 ? 0.429   -9.834  12.932  1.00 11.73 ? 194 ASP A HA   1 
ATOM   507 H HB2  . ASP A 1 34 ? -0.681  -7.983  11.121  1.00 13.72 ? 194 ASP A HB2  1 
ATOM   508 H HB3  . ASP A 1 34 ? -1.538  -8.989  12.007  1.00 13.72 ? 194 ASP A HB3  1 
ATOM   509 N N    . GLN A 1 35 ? 1.439   -10.403 10.124  1.00 8.79  ? 195 GLN A N    1 
ATOM   510 C CA   . GLN A 1 35 ? 1.598   -11.371 9.026   1.00 8.92  ? 195 GLN A CA   1 
ATOM   511 C C    . GLN A 1 35 ? 0.412   -11.387 8.077   1.00 10.19 ? 195 GLN A C    1 
ATOM   512 O O    . GLN A 1 35 ? 0.065   -12.438 7.497   1.00 11.83 ? 195 GLN A O    1 
ATOM   513 C CB   . GLN A 1 35 ? 1.894   -12.765 9.600   1.00 10.00 ? 195 GLN A CB   1 
ATOM   514 C CG   . GLN A 1 35 ? 3.310   -12.858 10.154  1.00 11.31 ? 195 GLN A CG   1 
ATOM   515 C CD   . GLN A 1 35 ? 4.370   -12.920 9.061   1.00 12.87 ? 195 GLN A CD   1 
ATOM   516 O OE1  . GLN A 1 35 ? 4.522   -13.964 8.385   1.00 14.84 ? 195 GLN A OE1  1 
ATOM   517 N NE2  . GLN A 1 35 ? 5.135   -11.837 8.896   1.00 11.97 ? 195 GLN A NE2  1 
ATOM   518 H H    . GLN A 1 35 ? 2.063   -9.812  10.146  1.00 10.54 ? 195 GLN A H    1 
ATOM   519 H HA   . GLN A 1 35 ? 2.373   -11.107 8.506   1.00 10.71 ? 195 GLN A HA   1 
ATOM   520 H HB2  . GLN A 1 35 ? 1.274   -12.952 10.322  1.00 12.00 ? 195 GLN A HB2  1 
ATOM   521 H HB3  . GLN A 1 35 ? 1.801   -13.426 8.897   1.00 12.00 ? 195 GLN A HB3  1 
ATOM   522 H HG2  . GLN A 1 35 ? 3.487   -12.076 10.700  1.00 13.58 ? 195 GLN A HG2  1 
ATOM   523 H HG3  . GLN A 1 35 ? 3.385   -13.661 10.692  1.00 13.58 ? 195 GLN A HG3  1 
ATOM   524 H HE21 . GLN A 1 35 ? 5.016   -11.148 9.395   1.00 14.36 ? 195 GLN A HE21 1 
ATOM   525 H HE22 . GLN A 1 35 ? 5.745   -11.830 8.290   1.00 14.36 ? 195 GLN A HE22 1 
ATOM   526 N N    . THR A 1 36 ? -0.206  -10.219 7.943   1.00 10.70 ? 196 THR A N    1 
ATOM   527 C CA   . THR A 1 36 ? -1.415  -10.041 7.127   1.00 12.26 ? 196 THR A CA   1 
ATOM   528 C C    . THR A 1 36 ? -1.031  -9.371  5.825   1.00 11.19 ? 196 THR A C    1 
ATOM   529 O O    . THR A 1 36 ? -0.060  -8.643  5.735   1.00 10.71 ? 196 THR A O    1 
ATOM   530 C CB   . THR A 1 36 ? -2.530  -9.212  7.815   1.00 14.91 ? 196 THR A CB   1 
ATOM   531 O OG1  . THR A 1 36 ? -2.051  -7.909  8.194   1.00 15.35 ? 196 THR A OG1  1 
ATOM   532 C CG2  . THR A 1 36 ? -3.106  -9.955  9.032   1.00 16.98 ? 196 THR A CG2  1 
ATOM   533 H H    . THR A 1 36 ? 0.059   -9.493  8.322   1.00 12.83 ? 196 THR A H    1 
ATOM   534 H HA   . THR A 1 36 ? -1.781  -10.914 6.916   1.00 14.71 ? 196 THR A HA   1 
ATOM   535 H HB   . THR A 1 36 ? -3.254  -9.096  7.181   1.00 17.89 ? 196 THR A HB   1 
ATOM   536 H HG1  . THR A 1 36 ? -2.667  -7.474  8.565   1.00 18.42 ? 196 THR A HG1  1 
ATOM   537 H HG21 . THR A 1 36 ? -3.799  -9.420  9.448   1.00 20.37 ? 196 THR A HG21 1 
ATOM   538 H HG22 . THR A 1 36 ? -3.485  -10.803 8.753   1.00 20.37 ? 196 THR A HG22 1 
ATOM   539 H HG23 . THR A 1 36 ? -2.404  -10.120 9.681   1.00 20.37 ? 196 THR A HG23 1 
ATOM   540 N N    A THR A 1 37 ? -1.792  -9.672  4.788   0.37 11.56 ? 197 THR A N    1 
ATOM   541 N N    B THR A 1 37 ? -1.824  -9.657  4.809   0.63 11.57 ? 197 THR A N    1 
ATOM   542 C CA   A THR A 1 37 ? -1.580  -9.084  3.490   0.37 12.05 ? 197 THR A CA   1 
ATOM   543 C CA   B THR A 1 37 ? -1.630  -9.161  3.475   0.63 12.52 ? 197 THR A CA   1 
ATOM   544 C C    A THR A 1 37 ? -2.933  -8.591  3.028   0.37 10.43 ? 197 THR A C    1 
ATOM   545 C C    B THR A 1 37 ? -2.959  -8.594  3.030   0.63 10.58 ? 197 THR A C    1 
ATOM   546 O O    A THR A 1 37 ? -3.964  -9.172  3.374   0.37 10.53 ? 197 THR A O    1 
ATOM   547 O O    B THR A 1 37 ? -4.007  -9.138  3.394   0.63 10.53 ? 197 THR A O    1 
ATOM   548 C CB   A THR A 1 37 ? -0.973  -10.097 2.506   0.37 16.42 ? 197 THR A CB   1 
ATOM   549 C CB   B THR A 1 37 ? -1.168  -10.276 2.549   0.63 17.60 ? 197 THR A CB   1 
ATOM   550 O OG1  A THR A 1 37 ? -0.745  -9.488  1.228   0.37 18.51 ? 197 THR A OG1  1 
ATOM   551 O OG1  B THR A 1 37 ? -2.074  -11.378 2.665   0.63 19.09 ? 197 THR A OG1  1 
ATOM   552 C CG2  A THR A 1 37 ? -1.886  -11.272 2.366   0.37 16.92 ? 197 THR A CG2  1 
ATOM   553 C CG2  B THR A 1 37 ? 0.228   -10.746 2.966   0.63 19.52 ? 197 THR A CG2  1 
ATOM   554 H H    A THR A 1 37 ? -2.450  -10.225 4.818   0.37 13.88 ? 197 THR A H    1 
ATOM   555 H H    B THR A 1 37 ? -2.516  -10.164 4.880   0.63 13.89 ? 197 THR A H    1 
ATOM   556 H HA   A THR A 1 37 ? -0.981  -8.325  3.566   0.37 14.46 ? 197 THR A HA   1 
ATOM   557 H HA   B THR A 1 37 ? -0.967  -8.452  3.475   0.63 15.02 ? 197 THR A HA   1 
ATOM   558 H HB   A THR A 1 37 ? -0.128  -10.414 2.861   0.37 19.71 ? 197 THR A HB   1 
ATOM   559 H HB   B THR A 1 37 ? -1.138  -9.961  1.631   0.63 21.11 ? 197 THR A HB   1 
ATOM   560 H HG1  A THR A 1 37 ? -0.414  -10.049 0.698   0.37 22.21 ? 197 THR A HG1  1 
ATOM   561 H HG1  B THR A 1 37 ? -1.833  -12.004 2.160   0.63 22.90 ? 197 THR A HG1  1 
ATOM   562 H HG21 A THR A 1 37 ? -1.506  -11.914 1.745   0.37 20.30 ? 197 THR A HG21 1 
ATOM   563 H HG21 B THR A 1 37 ? 0.526   -11.458 2.378   0.63 23.43 ? 197 THR A HG21 1 
ATOM   564 H HG22 A THR A 1 37 ? -2.009  -11.701 3.227   0.37 20.30 ? 197 THR A HG22 1 
ATOM   565 H HG22 B THR A 1 37 ? 0.855   -10.008 2.913   0.63 23.43 ? 197 THR A HG22 1 
ATOM   566 H HG23 A THR A 1 37 ? -2.749  -10.983 2.030   0.37 20.30 ? 197 THR A HG23 1 
ATOM   567 H HG23 B THR A 1 37 ? 0.206   -11.078 3.877   0.63 23.43 ? 197 THR A HG23 1 
ATOM   568 N N    . THR A 1 38 ? -2.917  -7.510  2.265   1.00 9.15  ? 198 THR A N    1 
ATOM   569 C CA   . THR A 1 38 ? -4.154  -6.885  1.778   1.00 7.85  ? 198 THR A CA   1 
ATOM   570 C C    . THR A 1 38 ? -3.940  -6.161  0.456   1.00 7.52  ? 198 THR A C    1 
ATOM   571 O O    . THR A 1 38 ? -2.849  -5.675  0.146   1.00 6.95  ? 198 THR A O    1 
ATOM   572 C CB   . THR A 1 38 ? -4.731  -5.905  2.841   1.00 9.45  ? 198 THR A CB   1 
ATOM   573 O OG1  . THR A 1 38 ? -5.912  -5.264  2.340   1.00 9.75  ? 198 THR A OG1  1 
ATOM   574 C CG2  . THR A 1 38 ? -3.730  -4.868  3.206   1.00 9.01  ? 198 THR A CG2  1 
ATOM   575 H H    . THR A 1 38 ? -2.197  -7.113  2.011   1.00 10.98 ? 198 THR A H    1 
ATOM   576 H HA   . THR A 1 38 ? -4.814  -7.579  1.628   1.00 9.43  ? 198 THR A HA   1 
ATOM   577 H HB   . THR A 1 38 ? -4.955  -6.403  3.643   1.00 11.34 ? 198 THR A HB   1 
ATOM   578 H HG1  . THR A 1 38 ? -6.497  -5.839  2.159   1.00 11.69 ? 198 THR A HG1  1 
ATOM   579 H HG21 . THR A 1 38 ? -4.103  -4.266  3.869   1.00 10.81 ? 198 THR A HG21 1 
ATOM   580 H HG22 . THR A 1 38 ? -2.936  -5.289  3.574   1.00 10.81 ? 198 THR A HG22 1 
ATOM   581 H HG23 . THR A 1 38 ? -3.480  -4.357  2.421   1.00 10.81 ? 198 THR A HG23 1 
ATOM   582 N N    . TRP A 1 39 ? -5.012  -6.085  -0.326  1.00 7.83  ? 199 TRP A N    1 
ATOM   583 C CA   . TRP A 1 39 ? -5.012  -5.327  -1.565  1.00 7.70  ? 199 TRP A CA   1 
ATOM   584 C C    . TRP A 1 39 ? -5.231  -3.840  -1.300  1.00 7.44  ? 199 TRP A C    1 
ATOM   585 O O    . TRP A 1 39 ? -4.970  -3.032  -2.179  1.00 7.21  ? 199 TRP A O    1 
ATOM   586 C CB   . TRP A 1 39 ? -6.109  -5.801  -2.505  1.00 8.30  ? 199 TRP A CB   1 
ATOM   587 C CG   . TRP A 1 39 ? -5.956  -7.203  -2.989  1.00 8.77  ? 199 TRP A CG   1 
ATOM   588 C CD1  . TRP A 1 39 ? -6.639  -8.282  -2.552  1.00 9.89  ? 199 TRP A CD1  1 
ATOM   589 C CD2  . TRP A 1 39 ? -5.085  -7.655  -4.017  1.00 8.60  ? 199 TRP A CD2  1 
ATOM   590 N NE1  . TRP A 1 39 ? -6.235  -9.405  -3.236  1.00 10.49 ? 199 TRP A NE1  1 
ATOM   591 C CE2  . TRP A 1 39 ? -5.285  -9.036  -4.147  1.00 9.92  ? 199 TRP A CE2  1 
ATOM   592 C CE3  . TRP A 1 39 ? -4.139  -7.030  -4.825  1.00 8.24  ? 199 TRP A CE3  1 
ATOM   593 C CZ2  . TRP A 1 39 ? -4.583  -9.810  -5.077  1.00 10.85 ? 199 TRP A CZ2  1 
ATOM   594 C CZ3  . TRP A 1 39 ? -3.437  -7.799  -5.736  1.00 9.57  ? 199 TRP A CZ3  1 
ATOM   595 C CH2  . TRP A 1 39 ? -3.654  -9.161  -5.851  1.00 10.71 ? 199 TRP A CH2  1 
ATOM   596 H H    . TRP A 1 39 ? -5.761  -6.471  -0.157  1.00 9.40  ? 199 TRP A H    1 
ATOM   597 H HA   . TRP A 1 39 ? -4.157  -5.436  -2.011  1.00 9.25  ? 199 TRP A HA   1 
ATOM   598 H HB2  . TRP A 1 39 ? -6.959  -5.741  -2.042  1.00 9.96  ? 199 TRP A HB2  1 
ATOM   599 H HB3  . TRP A 1 39 ? -6.120  -5.222  -3.283  1.00 9.96  ? 199 TRP A HB3  1 
ATOM   600 H HD1  . TRP A 1 39 ? -7.288  -8.269  -1.885  1.00 11.87 ? 199 TRP A HD1  1 
ATOM   601 H HE1  . TRP A 1 39 ? -6.545  -10.200 -3.125  1.00 12.59 ? 199 TRP A HE1  1 
ATOM   602 H HE3  . TRP A 1 39 ? -3.987  -6.115  -4.758  1.00 9.89  ? 199 TRP A HE3  1 
ATOM   603 H HZ2  . TRP A 1 39 ? -4.717  -10.728 -5.147  1.00 13.02 ? 199 TRP A HZ2  1 
ATOM   604 H HZ3  . TRP A 1 39 ? -2.810  -7.391  -6.289  1.00 11.49 ? 199 TRP A HZ3  1 
ATOM   605 H HH2  . TRP A 1 39 ? -3.167  -9.647  -6.478  1.00 12.85 ? 199 TRP A HH2  1 
ATOM   606 N N    . GLN A 1 40 ? -5.744  -3.517  -0.111  1.00 9.04  ? 200 GLN A N    1 
ATOM   607 C CA   . GLN A 1 40 ? -6.116  -2.131  0.264   1.00 9.95  ? 200 GLN A CA   1 
ATOM   608 C C    . GLN A 1 40 ? -4.925  -1.333  0.811   1.00 10.08 ? 200 GLN A C    1 
ATOM   609 O O    . GLN A 1 40 ? -4.263  -1.793  1.711   1.00 10.15 ? 200 GLN A O    1 
ATOM   610 C CB   . GLN A 1 40 ? -7.240  -2.153  1.311   1.00 11.79 ? 200 GLN A CB   1 
ATOM   611 C CG   . GLN A 1 40 ? -8.425  -3.085  0.961   1.00 14.97 ? 200 GLN A CG   1 
ATOM   612 C CD   . GLN A 1 40 ? -9.168  -2.653  -0.263  1.00 17.88 ? 200 GLN A CD   1 
ATOM   613 O OE1  . GLN A 1 40 ? -9.204  -1.465  -0.600  1.00 19.36 ? 200 GLN A OE1  1 
ATOM   614 N NE2  . GLN A 1 40 ? -9.814  -3.615  -0.922  1.00 18.39 ? 200 GLN A NE2  1 
ATOM   615 H H    . GLN A 1 40 ? -5.891  -4.088  0.514   1.00 10.84 ? 200 GLN A H    1 
ATOM   616 H HA   . GLN A 1 40 ? -6.449  -1.671  -0.522  1.00 11.94 ? 200 GLN A HA   1 
ATOM   617 H HB2  . GLN A 1 40 ? -6.871  -2.452  2.157   1.00 14.15 ? 200 GLN A HB2  1 
ATOM   618 H HB3  . GLN A 1 40 ? -7.592  -1.254  1.407   1.00 14.15 ? 200 GLN A HB3  1 
ATOM   619 H HG2  . GLN A 1 40 ? -8.086  -3.980  0.804   1.00 17.97 ? 200 GLN A HG2  1 
ATOM   620 H HG3  . GLN A 1 40 ? -9.049  -3.092  1.704   1.00 17.97 ? 200 GLN A HG3  1 
ATOM   621 H HE21 . GLN A 1 40 ? -9.785  -4.426  -0.637  1.00 22.07 ? 200 GLN A HE21 1 
ATOM   622 H HE22 . GLN A 1 40 ? -10.258 -3.425  -1.634  1.00 22.07 ? 200 GLN A HE22 1 
ATOM   623 N N    . ASP A 1 41 ? -4.682  -0.143  0.265   1.00 11.80 ? 201 ASP A N    1 
ATOM   624 C CA   . ASP A 1 41 ? -3.572  0.719   0.687   1.00 10.81 ? 201 ASP A CA   1 
ATOM   625 C C    . ASP A 1 41 ? -3.812  1.296   2.099   1.00 10.88 ? 201 ASP A C    1 
ATOM   626 O O    . ASP A 1 41 ? -4.781  2.025   2.301   1.00 12.42 ? 201 ASP A O    1 
ATOM   627 C CB   . ASP A 1 41 ? -3.406  1.846   -0.360  1.00 10.38 ? 201 ASP A CB   1 
ATOM   628 C CG   . ASP A 1 41 ? -2.206  2.713   -0.126  1.00 11.11 ? 201 ASP A CG   1 
ATOM   629 O OD1  . ASP A 1 41 ? -1.634  2.692   0.962   1.00 10.40 ? 201 ASP A OD1  1 
ATOM   630 O OD2  . ASP A 1 41 ? -1.842  3.436   -1.097  1.00 13.00 ? 201 ASP A OD2  1 
ATOM   631 H H    . ASP A 1 41 ? -5.157  0.198   -0.366  1.00 14.16 ? 201 ASP A H    1 
ATOM   632 H HA   . ASP A 1 41 ? -2.753  0.199   0.707   1.00 12.98 ? 201 ASP A HA   1 
ATOM   633 H HB2  . ASP A 1 41 ? -3.315  1.446   -1.240  1.00 12.46 ? 201 ASP A HB2  1 
ATOM   634 H HB3  . ASP A 1 41 ? -4.191  2.414   -0.336  1.00 12.46 ? 201 ASP A HB3  1 
ATOM   635 N N    . PRO A 1 42 ? -2.953  0.933   3.087   1.00 11.86 ? 202 PRO A N    1 
ATOM   636 C CA   . PRO A 1 42 ? -3.232  1.356   4.466   1.00 11.78 ? 202 PRO A CA   1 
ATOM   637 C C    . PRO A 1 42 ? -3.107  2.855   4.658   1.00 12.61 ? 202 PRO A C    1 
ATOM   638 O O    . PRO A 1 42 ? -3.600  3.420   5.621   1.00 14.33 ? 202 PRO A O    1 
ATOM   639 C CB   . PRO A 1 42 ? -2.165  0.601   5.281   1.00 11.17 ? 202 PRO A CB   1 
ATOM   640 C CG   . PRO A 1 42 ? -1.072  0.385   4.335   1.00 10.99 ? 202 PRO A CG   1 
ATOM   641 C CD   . PRO A 1 42 ? -1.765  0.062   3.031   1.00 11.12 ? 202 PRO A CD   1 
ATOM   642 H HA   . PRO A 1 42 ? -4.115  1.064   4.739   1.00 14.13 ? 202 PRO A HA   1 
ATOM   643 H HB2  . PRO A 1 42 ? -1.873  1.149   6.028   1.00 13.41 ? 202 PRO A HB2  1 
ATOM   644 H HB3  . PRO A 1 42 ? -2.526  -0.244  5.593   1.00 13.41 ? 202 PRO A HB3  1 
ATOM   645 H HG2  . PRO A 1 42 ? -0.541  1.192   4.254   1.00 13.19 ? 202 PRO A HG2  1 
ATOM   646 H HG3  . PRO A 1 42 ? -0.525  -0.361  4.628   1.00 13.19 ? 202 PRO A HG3  1 
ATOM   647 H HD2  . PRO A 1 42 ? -1.202  0.300   2.278   1.00 13.35 ? 202 PRO A HD2  1 
ATOM   648 H HD3  . PRO A 1 42 ? -2.026  -0.871  3.005   1.00 13.35 ? 202 PRO A HD3  1 
ATOM   649 N N    . ARG A 1 43 ? -2.422  3.504   3.737   1.00 11.66 ? 203 ARG A N    1 
ATOM   650 C CA   . ARG A 1 43 ? -2.246  4.943   3.829   1.00 12.16 ? 203 ARG A CA   1 
ATOM   651 C C    . ARG A 1 43 ? -3.575  5.691   3.713   1.00 13.02 ? 203 ARG A C    1 
ATOM   652 O O    . ARG A 1 43 ? -3.693  6.842   4.202   1.00 13.76 ? 203 ARG A O    1 
ATOM   653 C CB   . ARG A 1 43 ? -1.273  5.412   2.772   1.00 12.07 ? 203 ARG A CB   1 
ATOM   654 C CG   . ARG A 1 43 ? 0.102   4.871   3.000   1.00 11.55 ? 203 ARG A CG   1 
ATOM   655 C CD   . ARG A 1 43 ? 1.053   5.271   1.921   1.00 11.62 ? 203 ARG A CD   1 
ATOM   656 N NE   . ARG A 1 43 ? 0.632   4.621   0.688   1.00 11.81 ? 203 ARG A NE   1 
ATOM   657 C CZ   . ARG A 1 43 ? 1.169   4.837   -0.499  1.00 15.25 ? 203 ARG A CZ   1 
ATOM   658 N NH1  . ARG A 1 43 ? 2.168   5.713   -0.638  1.00 16.17 ? 203 ARG A NH1  1 
ATOM   659 N NH2  . ARG A 1 43 ? 0.694   4.174   -1.548  1.00 17.93 ? 203 ARG A NH2  1 
ATOM   660 H H    . ARG A 1 43 ? -2.049  3.141   3.053   1.00 13.99 ? 203 ARG A H    1 
ATOM   661 H HA   . ARG A 1 43 ? -1.865  5.153   4.696   1.00 14.59 ? 203 ARG A HA   1 
ATOM   662 H HB2  . ARG A 1 43 ? -1.576  5.110   1.902   1.00 14.49 ? 203 ARG A HB2  1 
ATOM   663 H HB3  . ARG A 1 43 ? -1.224  6.381   2.791   1.00 14.49 ? 203 ARG A HB3  1 
ATOM   664 H HG2  . ARG A 1 43 ? 0.441   5.211   3.843   1.00 13.86 ? 203 ARG A HG2  1 
ATOM   665 H HG3  . ARG A 1 43 ? 0.062   3.902   3.024   1.00 13.86 ? 203 ARG A HG3  1 
ATOM   666 H HD2  . ARG A 1 43 ? 1.024   6.233   1.795   1.00 13.95 ? 203 ARG A HD2  1 
ATOM   667 H HD3  . ARG A 1 43 ? 1.949   4.976   2.143   1.00 13.95 ? 203 ARG A HD3  1 
ATOM   668 H HE   . ARG A 1 43 ? -0.013  4.053   0.736   1.00 14.17 ? 203 ARG A HE   1 
ATOM   669 H HH11 . ARG A 1 43 ? 2.467   6.137   0.048   1.00 19.41 ? 203 ARG A HH11 1 
ATOM   670 H HH12 . ARG A 1 43 ? 2.514   5.852   -1.414  1.00 19.41 ? 203 ARG A HH12 1 
ATOM   671 H HH21 . ARG A 1 43 ? 0.050   3.613   -1.448  1.00 21.51 ? 203 ARG A HH21 1 
ATOM   672 H HH22 . ARG A 1 43 ? 1.032   4.305   -2.329  1.00 21.51 ? 203 ARG A HH22 1 
ATOM   673 N N    . LYS A 1 44 ? -4.581  5.087   3.082   1.00 13.28 ? 204 LYS A N    1 
ATOM   674 C CA   . LYS A 1 44 ? -5.873  5.763   2.966   1.00 16.50 ? 204 LYS A CA   1 
ATOM   675 C C    . LYS A 1 44 ? -6.517  5.952   4.336   1.00 17.93 ? 204 LYS A C    1 
ATOM   676 O O    . LYS A 1 44 ? -7.314  6.872   4.556   1.00 19.33 ? 204 LYS A O    1 
ATOM   677 C CB   . LYS A 1 44 ? -6.801  4.982   2.034   1.00 20.23 ? 204 LYS A CB   1 
ATOM   678 C CG   . LYS A 1 44 ? -6.321  5.033   0.583   1.00 25.58 ? 204 LYS A CG   1 
ATOM   679 C CD   . LYS A 1 44 ? -7.223  4.263   -0.378  1.00 31.37 ? 204 LYS A CD   1 
ATOM   680 C CE   . LYS A 1 44 ? -6.620  4.221   -1.774  1.00 37.73 ? 204 LYS A CE   1 
ATOM   681 N NZ   . LYS A 1 44 ? -6.281  5.576   -2.306  1.00 43.11 ? 204 LYS A NZ   1 
ATOM   682 H H    . LYS A 1 44 ? -4.545  4.306   2.721   1.00 15.94 ? 204 LYS A H    1 
ATOM   683 H HA   . LYS A 1 44 ? -5.734  6.641   2.579   1.00 19.80 ? 204 LYS A HA   1 
ATOM   684 H HB2  . LYS A 1 44 ? -6.825  4.053   2.313   1.00 24.28 ? 204 LYS A HB2  1 
ATOM   685 H HB3  . LYS A 1 44 ? -7.691  5.367   2.073   1.00 24.28 ? 204 LYS A HB3  1 
ATOM   686 H HG2  . LYS A 1 44 ? -6.296  5.959   0.292   1.00 30.70 ? 204 LYS A HG2  1 
ATOM   687 H HG3  . LYS A 1 44 ? -5.432  4.647   0.532   1.00 30.70 ? 204 LYS A HG3  1 
ATOM   688 H HD2  . LYS A 1 44 ? -7.326  3.351   -0.062  1.00 37.65 ? 204 LYS A HD2  1 
ATOM   689 H HD3  . LYS A 1 44 ? -8.086  4.701   -0.431  1.00 37.65 ? 204 LYS A HD3  1 
ATOM   690 H HE2  . LYS A 1 44 ? -5.804  3.697   -1.749  1.00 45.27 ? 204 LYS A HE2  1 
ATOM   691 H HE3  . LYS A 1 44 ? -7.257  3.812   -2.380  1.00 45.27 ? 204 LYS A HE3  1 
ATOM   692 H HZ1  . LYS A 1 44 ? -5.932  5.504   -3.122  1.00 51.73 ? 204 LYS A HZ1  1 
ATOM   693 H HZ2  . LYS A 1 44 ? -7.014  6.078   -2.348  1.00 51.73 ? 204 LYS A HZ2  1 
ATOM   694 H HZ3  . LYS A 1 44 ? -5.689  5.974   -1.772  1.00 51.73 ? 204 LYS A HZ3  1 
ATOM   695 N N    . ALA A 1 45 ? -6.121  5.118   5.290   1.00 18.55 ? 205 ALA A N    1 
ATOM   696 C CA   . ALA A 1 45 ? -6.660  5.202   6.630   1.00 21.09 ? 205 ALA A CA   1 
ATOM   697 C C    . ALA A 1 45 ? -6.398  6.546   7.284   1.00 22.14 ? 205 ALA A C    1 
ATOM   698 O O    . ALA A 1 45 ? -7.078  6.891   8.239   1.00 25.32 ? 205 ALA A O    1 
ATOM   699 C CB   . ALA A 1 45 ? -6.080  4.077   7.499   1.00 22.61 ? 205 ALA A CB   1 
ATOM   700 H H    . ALA A 1 45 ? -5.539  4.494   5.183   1.00 22.26 ? 205 ALA A H    1 
ATOM   701 H HA   . ALA A 1 45 ? -7.621  5.077   6.586   1.00 25.31 ? 205 ALA A HA   1 
ATOM   702 H HB1  . ALA A 1 45 ? -6.451  4.146   8.393   1.00 27.13 ? 205 ALA A HB1  1 
ATOM   703 H HB2  . ALA A 1 45 ? -6.317  3.221   7.108   1.00 27.13 ? 205 ALA A HB2  1 
ATOM   704 H HB3  . ALA A 1 45 ? -5.115  4.169   7.533   1.00 27.13 ? 205 ALA A HB3  1 
ATOM   705 N N    . MET A 1 46 ? -5.417  7.293   6.785   1.00 20.06 ? 206 MET A N    1 
ATOM   706 C CA   . MET A 1 46 ? -5.019  8.544   7.415   1.00 21.75 ? 206 MET A CA   1 
ATOM   707 C C    . MET A 1 46 ? -5.573  9.785   6.710   1.00 20.67 ? 206 MET A C    1 
ATOM   708 O O    . MET A 1 46 ? -5.338  10.895  7.165   1.00 21.98 ? 206 MET A O    1 
ATOM   709 C CB   . MET A 1 46 ? -3.497  8.612   7.486   1.00 25.18 ? 206 MET A CB   1 
ATOM   710 C CG   . MET A 1 46 ? -2.881  7.488   8.324   1.00 27.04 ? 206 MET A CG   1 
ATOM   711 S SD   . MET A 1 46 ? -3.645  7.225   9.961   1.00 29.18 ? 206 MET A SD   1 
ATOM   712 C CE   . MET A 1 46 ? -2.840  8.500   10.947  1.00 38.65 ? 206 MET A CE   1 
ATOM   713 H H    . MET A 1 46 ? -4.966  7.094   6.080   1.00 24.07 ? 206 MET A H    1 
ATOM   714 H HA   . MET A 1 46 ? -5.350  8.541   8.326   1.00 26.10 ? 206 MET A HA   1 
ATOM   715 H HB2  . MET A 1 46 ? -3.136  8.547   6.588   1.00 30.22 ? 206 MET A HB2  1 
ATOM   716 H HB3  . MET A 1 46 ? -3.239  9.458   7.886   1.00 30.22 ? 206 MET A HB3  1 
ATOM   717 H HG2  . MET A 1 46 ? -2.959  6.658   7.829   1.00 32.44 ? 206 MET A HG2  1 
ATOM   718 H HG3  . MET A 1 46 ? -1.944  7.692   8.470   1.00 32.44 ? 206 MET A HG3  1 
ATOM   719 H HE1  . MET A 1 46 ? -3.175  8.454   11.856  1.00 46.38 ? 206 MET A HE1  1 
ATOM   720 H HE2  . MET A 1 46 ? -1.882  8.347   10.940  1.00 46.38 ? 206 MET A HE2  1 
ATOM   721 H HE3  . MET A 1 46 ? -3.039  9.368   10.564  1.00 46.38 ? 206 MET A HE3  1 
ATOM   722 N N    . LEU A 1 47 ? -6.297  9.591   5.611   1.00 17.07 ? 207 LEU A N    1 
ATOM   723 C CA   . LEU A 1 47 ? -6.961  10.684  4.906   1.00 18.07 ? 207 LEU A CA   1 
ATOM   724 C C    . LEU A 1 47 ? -8.056  11.240  5.769   1.00 21.25 ? 207 LEU A C    1 
ATOM   725 O O    . LEU A 1 47 ? -8.686  10.507  6.522   1.00 21.13 ? 207 LEU A O    1 
ATOM   726 C CB   . LEU A 1 47 ? -7.562  10.209  3.589   1.00 17.76 ? 207 LEU A CB   1 
ATOM   727 C CG   . LEU A 1 47 ? -6.628  9.644   2.531   1.00 17.80 ? 207 LEU A CG   1 
ATOM   728 C CD1  . LEU A 1 47 ? -7.465  8.862   1.507   1.00 18.61 ? 207 LEU A CD1  1 
ATOM   729 C CD2  . LEU A 1 47 ? -5.861  10.762  1.905   1.00 17.55 ? 207 LEU A CD2  1 
ATOM   730 H H    . LEU A 1 47 ? -6.421  8.821   5.248   1.00 20.48 ? 207 LEU A H    1 
ATOM   731 H HA   . LEU A 1 47 ? -6.323  11.390  4.719   1.00 21.68 ? 207 LEU A HA   1 
ATOM   732 H HB2  . LEU A 1 47 ? -8.209  9.515   3.791   1.00 21.31 ? 207 LEU A HB2  1 
ATOM   733 H HB3  . LEU A 1 47 ? -8.023  10.960  3.184   1.00 21.31 ? 207 LEU A HB3  1 
ATOM   734 H HG   . LEU A 1 47 ? -6.000  9.033   2.946   1.00 21.36 ? 207 LEU A HG   1 
ATOM   735 H HD11 . LEU A 1 47 ? -6.874  8.499   0.829   1.00 22.33 ? 207 LEU A HD11 1 
ATOM   736 H HD12 . LEU A 1 47 ? -7.927  8.141   1.963   1.00 22.33 ? 207 LEU A HD12 1 
ATOM   737 H HD13 . LEU A 1 47 ? -8.106  9.463   1.100   1.00 22.33 ? 207 LEU A HD13 1 
ATOM   738 H HD21 . LEU A 1 47 ? -5.265  10.397  1.231   1.00 21.06 ? 207 LEU A HD21 1 
ATOM   739 H HD22 . LEU A 1 47 ? -6.484  11.382  1.496   1.00 21.06 ? 207 LEU A HD22 1 
ATOM   740 H HD23 . LEU A 1 47 ? -5.346  11.214  2.592   1.00 21.06 ? 207 LEU A HD23 1 
ATOM   741 N N    . SER A 1 48 ? -8.306  12.536  5.643   1.00 26.21 ? 208 SER A N    1 
ATOM   742 C CA   . SER A 1 48 ? -9.354  13.173  6.422   1.00 35.43 ? 208 SER A CA   1 
ATOM   743 C C    . SER A 1 48 ? -10.724 12.845  5.844   1.00 44.19 ? 208 SER A C    1 
ATOM   744 O O    . SER A 1 48 ? -11.728 12.880  6.561   1.00 51.10 ? 208 SER A O    1 
ATOM   745 C CB   . SER A 1 48 ? -9.157  14.679  6.452   1.00 38.23 ? 208 SER A CB   1 
ATOM   746 O OG   . SER A 1 48 ? -9.451  15.219  5.185   1.00 41.11 ? 208 SER A OG   1 
ATOM   747 H H    . SER A 1 48 ? -7.883  13.066  5.115   1.00 31.45 ? 208 SER A H    1 
ATOM   748 H HA   . SER A 1 48 ? -9.321  12.843  7.333   1.00 42.51 ? 208 SER A HA   1 
ATOM   749 H HB2  . SER A 1 48 ? -9.754  15.066  7.112   1.00 45.88 ? 208 SER A HB2  1 
ATOM   750 H HB3  . SER A 1 48 ? -8.235  14.876  6.678   1.00 45.88 ? 208 SER A HB3  1 
ATOM   751 H HG   . SER A 1 48 ? -9.344  16.051  5.195   1.00 49.33 ? 208 SER A HG   1 
HETATM 752 S S    . SO4 B 2 .  ? -3.368  6.177   -10.815 1.00 24.00 ? 301 SO4 A S    1 
HETATM 753 O O1   . SO4 B 2 .  ? -4.195  5.111   -10.242 1.00 25.06 ? 301 SO4 A O1   1 
HETATM 754 O O2   . SO4 B 2 .  ? -4.227  7.207   -11.419 1.00 20.00 ? 301 SO4 A O2   1 
HETATM 755 O O3   . SO4 B 2 .  ? -2.503  6.733   -9.744  1.00 23.38 ? 301 SO4 A O3   1 
HETATM 756 O O4   . SO4 B 2 .  ? -2.515  5.599   -11.846 1.00 26.96 ? 301 SO4 A O4   1 
HETATM 757 O O    . HOH C 3 .  ? -5.214  -1.628  4.533   1.00 13.49 ? 401 HOH A O    1 
HETATM 758 O O    . HOH C 3 .  ? 3.399   -2.730  12.805  1.00 17.46 ? 402 HOH A O    1 
HETATM 759 O O    . HOH C 3 .  ? 8.893   0.050   8.578   1.00 21.33 ? 403 HOH A O    1 
HETATM 760 O O    . HOH C 3 .  ? -8.175  8.535   -5.214  1.00 15.76 ? 404 HOH A O    1 
HETATM 761 O O    . HOH C 3 .  ? -7.502  -7.342  1.003   1.00 12.01 ? 405 HOH A O    1 
HETATM 762 O O    . HOH C 3 .  ? 3.755   -4.539  10.850  1.00 14.15 ? 406 HOH A O    1 
HETATM 763 O O    . HOH C 3 .  ? 4.545   -10.650 -6.218  1.00 23.20 ? 407 HOH A O    1 
HETATM 764 O O    . HOH C 3 .  ? -3.131  4.715   -3.066  1.00 22.87 ? 408 HOH A O    1 
HETATM 765 O O    . HOH C 3 .  ? -3.861  -2.925  -4.775  1.00 20.49 ? 409 HOH A O    1 
HETATM 766 O O    . HOH C 3 .  ? -5.804  0.644   -2.408  1.00 19.54 ? 410 HOH A O    1 
HETATM 767 O O    . HOH C 3 .  ? -2.263  3.450   8.110   1.00 18.89 ? 411 HOH A O    1 
HETATM 768 O O    . HOH C 3 .  ? 7.033   1.072   6.097   1.00 23.13 ? 412 HOH A O    1 
HETATM 769 O O    . HOH C 3 .  ? -6.613  -9.118  3.491   1.00 21.42 ? 413 HOH A O    1 
HETATM 770 O O    . HOH C 3 .  ? -7.166  -4.218  4.420   1.00 19.22 ? 414 HOH A O    1 
HETATM 771 O O    . HOH C 3 .  ? -2.265  -1.472  -8.254  1.00 21.84 ? 415 HOH A O    1 
HETATM 772 O O    . HOH C 3 .  ? 2.475   -12.416 -9.733  1.00 37.13 ? 416 HOH A O    1 
HETATM 773 O O    . HOH C 3 .  ? -5.397  7.696   -13.822 1.00 15.42 ? 417 HOH A O    1 
HETATM 774 O O    . HOH C 3 .  ? 5.349   10.924  -4.824  1.00 23.23 ? 418 HOH A O    1 
HETATM 775 O O    . HOH C 3 .  ? 5.478   -6.085  -11.652 1.00 35.47 ? 419 HOH A O    1 
HETATM 776 O O    . HOH C 3 .  ? 0.230   -3.523  13.254  0.49 29.03 ? 420 HOH A O    1 
HETATM 777 O O    . HOH C 3 .  ? 7.461   -0.917  0.474   1.00 20.55 ? 421 HOH A O    1 
HETATM 778 O O    . HOH C 3 .  ? 1.054   3.413   12.158  1.00 23.76 ? 422 HOH A O    1 
HETATM 779 O O    . HOH C 3 .  ? -0.482  7.416   6.055   1.00 22.90 ? 423 HOH A O    1 
HETATM 780 O O    . HOH C 3 .  ? 3.946   8.919   -6.724  1.00 30.42 ? 424 HOH A O    1 
HETATM 781 O O    . HOH C 3 .  ? -11.221 -3.801  -3.422  1.00 22.06 ? 425 HOH A O    1 
HETATM 782 O O    . HOH C 3 .  ? -1.062  13.543  -14.970 1.00 34.33 ? 426 HOH A O    1 
HETATM 783 O O    . HOH C 3 .  ? -9.937  -6.451  -0.202  1.00 13.89 ? 427 HOH A O    1 
HETATM 784 O O    . HOH C 3 .  ? -1.195  2.394   -3.988  1.00 19.88 ? 428 HOH A O    1 
HETATM 785 O O    . HOH C 3 .  ? 2.377   5.223   -3.774  1.00 28.07 ? 429 HOH A O    1 
HETATM 786 O O    . HOH C 3 .  ? 0.624   8.964   -11.892 1.00 34.79 ? 430 HOH A O    1 
HETATM 787 O O    . HOH C 3 .  ? -7.211  0.357   4.335   1.00 25.81 ? 431 HOH A O    1 
HETATM 788 O O    . HOH C 3 .  ? 0.372   -11.382 -12.193 1.00 23.33 ? 432 HOH A O    1 
HETATM 789 O O    . HOH C 3 .  ? -1.256  -12.848 5.191   1.00 31.64 ? 433 HOH A O    1 
HETATM 790 O O    . HOH C 3 .  ? -5.407  13.567  -16.477 1.00 38.99 ? 434 HOH A O    1 
HETATM 791 O O    . HOH C 3 .  ? -11.421 11.403  8.481   1.00 40.15 ? 435 HOH A O    1 
HETATM 792 O O    . HOH C 3 .  ? -3.948  -11.821 5.615   1.00 35.24 ? 436 HOH A O    1 
HETATM 793 O O    . HOH C 3 .  ? 4.535   -12.057 14.002  1.00 33.19 ? 437 HOH A O    1 
HETATM 794 O O    . HOH C 3 .  ? -2.356  -11.325 -11.348 1.00 30.48 ? 438 HOH A O    1 
HETATM 795 O O    . HOH C 3 .  ? 1.746   -1.036  -11.904 1.00 34.64 ? 439 HOH A O    1 
HETATM 796 O O    . HOH C 3 .  ? 7.369   2.857   2.501   1.00 25.92 ? 440 HOH A O    1 
HETATM 797 O O    . HOH C 3 .  ? 5.694   4.373   -0.118  1.00 33.88 ? 441 HOH A O    1 
HETATM 798 O O    . HOH C 3 .  ? 4.149   5.191   11.577  1.00 27.27 ? 442 HOH A O    1 
# 
loop_
_atom_site_anisotrop.id 
_atom_site_anisotrop.type_symbol 
_atom_site_anisotrop.pdbx_label_atom_id 
_atom_site_anisotrop.pdbx_label_alt_id 
_atom_site_anisotrop.pdbx_label_comp_id 
_atom_site_anisotrop.pdbx_label_asym_id 
_atom_site_anisotrop.pdbx_label_seq_id 
_atom_site_anisotrop.pdbx_PDB_ins_code 
_atom_site_anisotrop.U[1][1] 
_atom_site_anisotrop.U[2][2] 
_atom_site_anisotrop.U[3][3] 
_atom_site_anisotrop.U[1][2] 
_atom_site_anisotrop.U[1][3] 
_atom_site_anisotrop.U[2][3] 
_atom_site_anisotrop.pdbx_auth_seq_id 
_atom_site_anisotrop.pdbx_auth_comp_id 
_atom_site_anisotrop.pdbx_auth_asym_id 
_atom_site_anisotrop.pdbx_auth_atom_id 
1   N N   . GLY A 1  ? 0.4397 0.4665 0.4533 -0.0253 -0.0208 0.0032  161 GLY A N   
2   C CA  . GLY A 1  ? 0.3598 0.3899 0.3750 -0.0235 -0.0185 0.0073  161 GLY A CA  
3   C C   . GLY A 1  ? 0.2789 0.3023 0.2902 -0.0231 -0.0167 0.0102  161 GLY A C   
4   O O   . GLY A 1  ? 0.2646 0.2789 0.2709 -0.0232 -0.0170 0.0092  161 GLY A O   
10  N N   . ALA A 2  ? 0.2382 0.2658 0.2515 -0.0226 -0.0150 0.0139  162 ALA A N   
11  C CA  . ALA A 2  ? 0.2453 0.2680 0.2560 -0.0227 -0.0134 0.0169  162 ALA A CA  
12  C C   . ALA A 2  ? 0.2271 0.2384 0.2320 -0.0193 -0.0114 0.0184  162 ALA A C   
13  O O   . ALA A 2  ? 0.2525 0.2566 0.2540 -0.0195 -0.0106 0.0195  162 ALA A O   
14  C CB  . ALA A 2  ? 0.2681 0.2990 0.2829 -0.0225 -0.0119 0.0207  162 ALA A CB  
20  N N   . MET A 3  ? 0.1650 0.1747 0.1689 -0.0160 -0.0106 0.0186  163 MET A N   
21  C CA  . MET A 3  ? 0.1371 0.1366 0.1357 -0.0125 -0.0086 0.0200  163 MET A CA  
22  C C   . MET A 3  ? 0.1391 0.1303 0.1331 -0.0123 -0.0099 0.0165  163 MET A C   
23  O O   . MET A 3  ? 0.1476 0.1291 0.1364 -0.0102 -0.0085 0.0171  163 MET A O   
24  C CB  . MET A 3  ? 0.1320 0.1339 0.1315 -0.0087 -0.0069 0.0222  163 MET A CB  
25  C CG  . MET A 3  ? 0.1303 0.1371 0.1324 -0.0077 -0.0047 0.0267  163 MET A CG  
26  S SD  . MET A 3  ? 0.1593 0.1562 0.1567 -0.0056 -0.0019 0.0306  163 MET A SD  
27  C CE  . MET A 3  ? 0.1428 0.1326 0.1361 -0.0008 -0.0001 0.0311  163 MET A CE  
37  N N   . GLY A 4  ? 0.1362 0.1311 0.1319 -0.0145 -0.0125 0.0128  164 GLY A N   
38  C CA  . GLY A 4  ? 0.1404 0.1287 0.1322 -0.0144 -0.0139 0.0093  164 GLY A CA  
39  C C   . GLY A 4  ? 0.1445 0.1276 0.1331 -0.0105 -0.0127 0.0096  164 GLY A C   
40  O O   . GLY A 4  ? 0.1590 0.1332 0.1423 -0.0093 -0.0124 0.0085  164 GLY A O   
44  N N   . PHE A 5  ? 0.1498 0.1388 0.1416 -0.0084 -0.0120 0.0110  165 PHE A N   
45  C CA  . PHE A 5  ? 0.1513 0.1361 0.1406 -0.0046 -0.0109 0.0115  165 PHE A CA  
46  C C   . PHE A 5  ? 0.1580 0.1392 0.1449 -0.0046 -0.0127 0.0078  165 PHE A C   
47  O O   . PHE A 5  ? 0.1611 0.1355 0.1436 -0.0019 -0.0119 0.0078  165 PHE A O   
48  C CB  . PHE A 5  ? 0.1430 0.1359 0.1371 -0.0028 -0.0101 0.0132  165 PHE A CB  
49  C CG  . PHE A 5  ? 0.1447 0.1397 0.1401 -0.0014 -0.0077 0.0175  165 PHE A CG  
50  C CD1 . PHE A 5  ? 0.1683 0.1565 0.1597 0.0022  -0.0052 0.0202  165 PHE A CD1 
51  C CD2 . PHE A 5  ? 0.1314 0.1358 0.1321 -0.0034 -0.0078 0.0187  165 PHE A CD2 
52  C CE1 . PHE A 5  ? 0.1773 0.1680 0.1701 0.0036  -0.0029 0.0242  165 PHE A CE1 
53  C CE2 . PHE A 5  ? 0.1414 0.1485 0.1434 -0.0020 -0.0055 0.0227  165 PHE A CE2 
54  C CZ  . PHE A 5  ? 0.1635 0.1636 0.1616 0.0015  -0.0031 0.0256  165 PHE A CZ  
64  N N   . GLU A 6  ? 0.1581 0.1439 0.1477 -0.0078 -0.0153 0.0047  166 GLU A N   
65  C CA  . GLU A 6  ? 0.2005 0.1835 0.1880 -0.0080 -0.0171 0.0013  166 GLU A CA  
66  C C   . GLU A 6  ? 0.1988 0.1716 0.1797 -0.0080 -0.0171 0.0001  166 GLU A C   
67  O O   . GLU A 6  ? 0.2107 0.1796 0.1894 -0.0094 -0.0165 0.0007  166 GLU A O   
68  C CB  . GLU A 6  ? 0.2715 0.2616 0.2634 -0.0116 -0.0198 -0.0016 166 GLU A CB  
69  C CG  . GLU A 6  ? 0.3398 0.3393 0.3380 -0.0113 -0.0203 -0.0016 166 GLU A CG  
70  C CD  . GLU A 6  ? 0.3762 0.3831 0.3793 -0.0150 -0.0228 -0.0045 166 GLU A CD  
71  O OE1 . GLU A 6  ? 0.3812 0.3860 0.3826 -0.0179 -0.0242 -0.0063 166 GLU A OE1 
72  O OE2 . GLU A 6  ? 0.3871 0.4019 0.3958 -0.0151 -0.0232 -0.0049 166 GLU A OE2 
79  N N   . ILE A 7  ? 0.1973 0.1660 0.1751 -0.0065 -0.0178 -0.0019 167 ILE A N   
80  C CA  . ILE A 7  ? 0.2409 0.2010 0.2128 -0.0072 -0.0183 -0.0040 167 ILE A CA  
81  C C   . ILE A 7  ? 0.2325 0.1952 0.2060 -0.0116 -0.0208 -0.0068 167 ILE A C   
82  O O   . ILE A 7  ? 0.2322 0.2022 0.2101 -0.0134 -0.0227 -0.0083 167 ILE A O   
83  C CB  . ILE A 7  ? 0.3011 0.2572 0.2695 -0.0046 -0.0186 -0.0054 167 ILE A CB  
84  C CG1 . ILE A 7  ? 0.3308 0.2824 0.2966 -0.0004 -0.0157 -0.0024 167 ILE A CG1 
85  C CG2 . ILE A 7  ? 0.3360 0.2857 0.2994 -0.0062 -0.0200 -0.0086 167 ILE A CG2 
86  C CD1 . ILE A 7  ? 0.3541 0.3026 0.3169 0.0026  -0.0156 -0.0030 167 ILE A CD1 
98  N N   . PRO A 8  ? 0.2238 0.1804 0.1936 -0.0134 -0.0207 -0.0074 168 PRO A N   
99  C CA  . PRO A 8  ? 0.2176 0.1771 0.1892 -0.0177 -0.0229 -0.0098 168 PRO A CA  
100 C C   . PRO A 8  ? 0.2177 0.1792 0.1896 -0.0192 -0.0256 -0.0135 168 PRO A C   
101 O O   . PRO A 8  ? 0.2221 0.1793 0.1904 -0.0173 -0.0257 -0.0147 168 PRO A O   
102 C CB  . PRO A 8  ? 0.2291 0.1802 0.1960 -0.0187 -0.0220 -0.0098 168 PRO A CB  
103 C CG  . PRO A 8  ? 0.2364 0.1836 0.2018 -0.0155 -0.0189 -0.0062 168 PRO A CG  
104 C CD  . PRO A 8  ? 0.2328 0.1816 0.1984 -0.0118 -0.0183 -0.0054 168 PRO A CD  
112 N N   . ASP A 9  ? 0.2269 0.1949 0.2028 -0.0226 -0.0278 -0.0152 169 ASP A N   
113 C CA  . ASP A 9  ? 0.2604 0.2311 0.2374 -0.0242 -0.0304 -0.0186 169 ASP A CA  
114 C C   . ASP A 9  ? 0.2676 0.2304 0.2385 -0.0250 -0.0313 -0.0212 169 ASP A C   
115 O O   . ASP A 9  ? 0.2672 0.2306 0.2374 -0.0253 -0.0331 -0.0237 169 ASP A O   
116 C CB  . ASP A 9  ? 0.3184 0.2969 0.3005 -0.0281 -0.0323 -0.0199 169 ASP A CB  
117 C CG  . ASP A 9  ? 0.3826 0.3703 0.3714 -0.0278 -0.0319 -0.0181 169 ASP A CG  
118 O OD1 . ASP A 9  ? 0.3804 0.3692 0.3700 -0.0246 -0.0306 -0.0164 169 ASP A OD1 
119 O OD2 . ASP A 9  ? 0.4352 0.4291 0.4281 -0.0308 -0.0330 -0.0186 169 ASP A OD2 
124 N N   . ASP A 10 ? 0.2708 0.2264 0.2374 -0.0253 -0.0300 -0.0206 170 ASP A N   
125 C CA  . ASP A 10 ? 0.3217 0.2696 0.2825 -0.0262 -0.0306 -0.0232 170 ASP A CA  
126 C C   . ASP A 10 ? 0.2762 0.2187 0.2324 -0.0227 -0.0298 -0.0236 170 ASP A C   
127 O O   . ASP A 10 ? 0.3062 0.2434 0.2578 -0.0233 -0.0307 -0.0261 170 ASP A O   
128 C CB  . ASP A 10 ? 0.4533 0.3947 0.4113 -0.0272 -0.0291 -0.0222 170 ASP A CB  
129 C CG  . ASP A 10 ? 0.5958 0.5400 0.5561 -0.0315 -0.0306 -0.0233 170 ASP A CG  
130 O OD1 . ASP A 10 ? 0.6476 0.5993 0.6120 -0.0337 -0.0328 -0.0247 170 ASP A OD1 
131 O OD2 . ASP A 10 ? 0.6578 0.5969 0.6162 -0.0327 -0.0295 -0.0227 170 ASP A OD2 
136 N N   . VAL A 11 ? 0.2187 0.1627 0.1761 -0.0192 -0.0282 -0.0210 171 VAL A N   
137 C CA  . VAL A 11 ? 0.1924 0.1321 0.1460 -0.0158 -0.0273 -0.0211 171 VAL A CA  
138 C C   . VAL A 11 ? 0.1859 0.1318 0.1424 -0.0155 -0.0293 -0.0226 171 VAL A C   
139 O O   . VAL A 11 ? 0.1790 0.1319 0.1409 -0.0152 -0.0295 -0.0213 171 VAL A O   
140 C CB  . VAL A 11 ? 0.1914 0.1296 0.1448 -0.0119 -0.0245 -0.0174 171 VAL A CB  
141 C CG1 . VAL A 11 ? 0.1926 0.1261 0.1419 -0.0083 -0.0236 -0.0175 171 VAL A CG1 
142 C CG2 . VAL A 11 ? 0.2085 0.1415 0.1601 -0.0122 -0.0225 -0.0156 171 VAL A CG2 
152 N N   . PRO A 12 ? 0.2099 0.1530 0.1629 -0.0159 -0.0308 -0.0254 172 PRO A N   
153 C CA  . PRO A 12 ? 0.2034 0.1525 0.1594 -0.0157 -0.0327 -0.0266 172 PRO A CA  
154 C C   . PRO A 12 ? 0.1902 0.1407 0.1472 -0.0116 -0.0313 -0.0244 172 PRO A C   
155 O O   . PRO A 12 ? 0.1909 0.1357 0.1441 -0.0087 -0.0292 -0.0228 172 PRO A O   
156 C CB  . PRO A 12 ? 0.2411 0.1862 0.1923 -0.0169 -0.0344 -0.0297 172 PRO A CB  
157 C CG  . PRO A 12 ? 0.2750 0.2114 0.2203 -0.0161 -0.0327 -0.0298 172 PRO A CG  
158 C CD  . PRO A 12 ? 0.2585 0.1938 0.2052 -0.0167 -0.0310 -0.0276 172 PRO A CD  
166 N N   . LEU A 13 ? 0.2052 0.1631 0.1675 -0.0115 -0.0325 -0.0244 173 LEU A N   
167 C CA  . LEU A 13 ? 0.2000 0.1595 0.1633 -0.0079 -0.0317 -0.0229 173 LEU A CA  
168 C C   . LEU A 13 ? 0.1994 0.1539 0.1571 -0.0063 -0.0321 -0.0244 173 LEU A C   
169 O O   . LEU A 13 ? 0.2124 0.1643 0.1669 -0.0086 -0.0337 -0.0271 173 LEU A O   
170 C CB  . LEU A 13 ? 0.1919 0.1603 0.1623 -0.0085 -0.0331 -0.0231 173 LEU A CB  
171 C CG  . LEU A 13 ? 0.1913 0.1657 0.1677 -0.0101 -0.0328 -0.0219 173 LEU A CG  
172 C CD1 . LEU A 13 ? 0.1887 0.1715 0.1718 -0.0116 -0.0346 -0.0231 173 LEU A CD1 
173 C CD2 . LEU A 13 ? 0.1944 0.1685 0.1715 -0.0070 -0.0301 -0.0186 173 LEU A CD2 
185 N N   . PRO A 14 ? 0.1743 0.1277 0.1309 -0.0025 -0.0308 -0.0226 174 PRO A N   
186 C CA  . PRO A 14 ? 0.1774 0.1272 0.1293 -0.0009 -0.0313 -0.0240 174 PRO A CA  
187 C C   . PRO A 14 ? 0.1713 0.1261 0.1257 -0.0029 -0.0340 -0.0263 174 PRO A C   
188 O O   . PRO A 14 ? 0.1589 0.1204 0.1195 -0.0046 -0.0352 -0.0265 174 PRO A O   
189 C CB  . PRO A 14 ? 0.1902 0.1404 0.1426 0.0035  -0.0295 -0.0212 174 PRO A CB  
190 C CG  . PRO A 14 ? 0.1866 0.1396 0.1433 0.0042  -0.0279 -0.0186 174 PRO A CG  
191 C CD  . PRO A 14 ? 0.1716 0.1276 0.1316 0.0005  -0.0288 -0.0195 174 PRO A CD  
199 N N   . ALA A 15 ? 0.1739 0.1252 0.1232 -0.0028 -0.0350 -0.0283 175 ALA A N   
200 C CA  . ALA A 15 ? 0.1710 0.1266 0.1221 -0.0046 -0.0376 -0.0305 175 ALA A CA  
201 C C   . ALA A 15 ? 0.1613 0.1240 0.1185 -0.0029 -0.0379 -0.0290 175 ALA A C   
202 O O   . ALA A 15 ? 0.1594 0.1218 0.1168 0.0006  -0.0363 -0.0267 175 ALA A O   
203 C CB  . ALA A 15 ? 0.1821 0.1331 0.1267 -0.0041 -0.0381 -0.0323 175 ALA A CB  
209 N N   . GLY A 16 ? 0.1217 0.0988 0.1018 -0.0002 -0.0123 0.0192  176 GLY A N   
210 C CA  . GLY A 16 ? 0.1225 0.1065 0.1137 -0.0017 -0.0110 0.0176  176 GLY A CA  
211 C C   . GLY A 16 ? 0.1294 0.1184 0.1210 -0.0009 -0.0094 0.0143  176 GLY A C   
212 O O   . GLY A 16 ? 0.1352 0.1304 0.1355 -0.0018 -0.0083 0.0126  176 GLY A O   
216 N N   . TRP A 17 ? 0.1171 0.1034 0.0988 0.0009  -0.0095 0.0133  177 TRP A N   
217 C CA  . TRP A 17 ? 0.1131 0.1033 0.0940 0.0015  -0.0080 0.0101  177 TRP A CA  
218 C C   . TRP A 17 ? 0.1313 0.1187 0.1109 -0.0006 -0.0058 0.0088  177 TRP A C   
219 O O   . TRP A 17 ? 0.1513 0.1324 0.1257 -0.0014 -0.0059 0.0104  177 TRP A O   
220 C CB  . TRP A 17 ? 0.1089 0.0987 0.0793 0.0055  -0.0098 0.0095  177 TRP A CB  
221 C CG  . TRP A 17 ? 0.1069 0.1007 0.0780 0.0081  -0.0117 0.0099  177 TRP A CG  
222 C CD1 . TRP A 17 ? 0.1040 0.0965 0.0756 0.0088  -0.0136 0.0123  177 TRP A CD1 
223 C CD2 . TRP A 17 ? 0.1208 0.1202 0.0919 0.0102  -0.0118 0.0075  177 TRP A CD2 
224 N NE1 . TRP A 17 ? 0.1039 0.1010 0.0760 0.0113  -0.0148 0.0117  177 TRP A NE1 
225 C CE2 . TRP A 17 ? 0.1109 0.1122 0.0826 0.0123  -0.0139 0.0088  177 TRP A CE2 
226 C CE3 . TRP A 17 ? 0.1495 0.1525 0.1205 0.0105  -0.0105 0.0045  177 TRP A CE3 
227 C CZ2 . TRP A 17 ? 0.1209 0.1277 0.0929 0.0147  -0.0145 0.0071  177 TRP A CZ2 
228 C CZ3 . TRP A 17 ? 0.1580 0.1664 0.1290 0.0130  -0.0113 0.0029  177 TRP A CZ3 
229 C CH2 . TRP A 17 ? 0.1420 0.1523 0.1139 0.0150  -0.0132 0.0042  177 TRP A CH2 
240 N N   . GLU A 18 ? 0.1186 0.1107 0.1024 -0.0016 -0.0038 0.0059  178 GLU A N   
241 C CA  . GLU A 18 ? 0.1324 0.1222 0.1140 -0.0033 -0.0016 0.0043  178 GLU A CA  
242 C C   . GLU A 18 ? 0.1286 0.1219 0.1063 -0.0017 -0.0010 0.0013  178 GLU A C   
243 O O   . GLU A 18 ? 0.1178 0.1165 0.0980 0.0000  -0.0017 0.0002  178 GLU A O   
244 C CB  . GLU A 18 ? 0.1526 0.1441 0.1454 -0.0073 0.0010  0.0037  178 GLU A CB  
245 C CG  . GLU A 18 ? 0.1879 0.1749 0.1836 -0.0092 0.0006  0.0065  178 GLU A CG  
246 C CD  . GLU A 18 ? 0.2231 0.2111 0.2292 -0.0132 0.0032  0.0059  178 GLU A CD  
247 O OE1 . GLU A 18 ? 0.2307 0.2235 0.2476 -0.0146 0.0036  0.0058  178 GLU A OE1 
248 O OE2 . GLU A 18 ? 0.2399 0.2239 0.2436 -0.0149 0.0049  0.0054  178 GLU A OE2 
255 N N   . MET A 19 ? 0.1316 0.1215 0.1031 -0.0022 0.0003  0.0001  179 MET A N   
256 C CA  . MET A 19 ? 0.1529 0.1457 0.1208 -0.0012 0.0011  -0.0028 179 MET A CA  
257 C C   . MET A 19 ? 0.1625 0.1578 0.1378 -0.0045 0.0044  -0.0052 179 MET A C   
258 O O   . MET A 19 ? 0.1755 0.1677 0.1545 -0.0074 0.0060  -0.0045 179 MET A O   
259 C CB  . MET A 19 ? 0.1659 0.1534 0.1207 0.0010  0.0000  -0.0027 179 MET A CB  
260 C CG  . MET A 19 ? 0.1773 0.1675 0.1277 0.0022  0.0006  -0.0057 179 MET A CG  
261 S SD  . MET A 19 ? 0.2965 0.2799 0.2307 0.0049  -0.0010 -0.0052 179 MET A SD  
262 C CE  . MET A 19 ? 0.2864 0.2645 0.2195 0.0012  0.0019  -0.0058 179 MET A CE  
272 N N   . ALA A 20 ? 0.1496 0.1503 0.1272 -0.0042 0.0053  -0.0080 180 ALA A N   
273 C CA  . ALA A 20 ? 0.1505 0.1537 0.1340 -0.0070 0.0084  -0.0106 180 ALA A CA  
274 C C   . ALA A 20 ? 0.1550 0.1599 0.1319 -0.0055 0.0087  -0.0133 180 ALA A C   
275 O O   . ALA A 20 ? 0.1581 0.1633 0.1276 -0.0022 0.0064  -0.0133 180 ALA A O   
276 C CB  . ALA A 20 ? 0.1488 0.1587 0.1456 -0.0088 0.0095  -0.0114 180 ALA A CB  
282 N N   . LYS A 21 ? 0.1505 0.1563 0.1300 -0.0080 0.0115  -0.0157 181 LYS A N   
283 C CA  . LYS A 21 ? 0.1737 0.1814 0.1480 -0.0069 0.0120  -0.0185 181 LYS A CA  
284 C C   . LYS A 21 ? 0.1712 0.1854 0.1555 -0.0091 0.0145  -0.0213 181 LYS A C   
285 O O   . LYS A 21 ? 0.1622 0.1772 0.1556 -0.0124 0.0168  -0.0215 181 LYS A O   
286 C CB  . LYS A 21 ? 0.2293 0.2306 0.1939 -0.0076 0.0129  -0.0189 181 LYS A CB  
287 C CG  . LYS A 21 ? 0.3209 0.3159 0.2738 -0.0050 0.0103  -0.0166 181 LYS A CG  
288 C CD  . LYS A 21 ? 0.4120 0.4011 0.3553 -0.0056 0.0113  -0.0172 181 LYS A CD  
289 C CE  . LYS A 21 ? 0.5949 0.5768 0.5278 -0.0037 0.0091  -0.0145 181 LYS A CE  
290 N NZ  . LYS A 21 ? 0.6309 0.6062 0.5568 -0.0053 0.0107  -0.0146 181 LYS A NZ  
304 N N   . THR A 22 ? 0.1792 0.1982 0.1622 -0.0074 0.0141  -0.0236 182 THR A N   
305 C CA  . THR A 22 ? 0.1941 0.2187 0.1850 -0.0094 0.0164  -0.0265 182 THR A CA  
306 C C   . THR A 22 ? 0.2184 0.2397 0.2061 -0.0119 0.0192  -0.0283 182 THR A C   
307 O O   . THR A 22 ? 0.2172 0.2319 0.1955 -0.0116 0.0188  -0.0273 182 THR A O   
308 C CB  . THR A 22 ? 0.1910 0.2212 0.1805 -0.0068 0.0152  -0.0286 182 THR A CB  
309 O OG1 . THR A 22 ? 0.1999 0.2270 0.1777 -0.0049 0.0143  -0.0295 182 THR A OG1 
310 C CG2 . THR A 22 ? 0.1809 0.2140 0.1722 -0.0039 0.0124  -0.0269 182 THR A CG2 
318 N N   . SER A 23 ? 0.2308 0.2563 0.2256 -0.0143 0.0218  -0.0310 183 SER A N   
319 C CA  . SER A 23 ? 0.2689 0.2917 0.2608 -0.0167 0.0245  -0.0330 183 SER A CA  
320 C C   . SER A 23 ? 0.2798 0.3001 0.2590 -0.0144 0.0233  -0.0342 183 SER A C   
321 O O   . SER A 23 ? 0.3025 0.3179 0.2755 -0.0157 0.0247  -0.0348 183 SER A O   
322 C CB  . SER A 23 ? 0.3093 0.3379 0.3117 -0.0194 0.0275  -0.0358 183 SER A CB  
323 O OG  . SER A 23 ? 0.3456 0.3750 0.3590 -0.0221 0.0291  -0.0347 183 SER A OG  
329 N N   . SER A 24 ? 0.2669 0.2904 0.2427 -0.0110 0.0207  -0.0344 184 SER A N   
330 C CA  . SER A 24 ? 0.2934 0.3146 0.2572 -0.0085 0.0191  -0.0353 184 SER A CA  
331 C C   . SER A 24 ? 0.3047 0.3194 0.2577 -0.0060 0.0163  -0.0325 184 SER A C   
332 O O   . SER A 24 ? 0.3511 0.3638 0.2939 -0.0035 0.0145  -0.0329 184 SER A O   
333 C CB  . SER A 24 ? 0.3061 0.3339 0.2712 -0.0061 0.0175  -0.0371 184 SER A CB  
334 O OG  . SER A 24 ? 0.3048 0.3353 0.2737 -0.0039 0.0153  -0.0352 184 SER A OG  
340 N N   . GLY A 25 ? 0.2653 0.2768 0.2206 -0.0066 0.0160  -0.0298 185 GLY A N   
341 C CA  . GLY A 25 ? 0.2383 0.2434 0.1839 -0.0046 0.0138  -0.0271 185 GLY A CA  
342 C C   . GLY A 25 ? 0.2225 0.2287 0.1653 -0.0009 0.0103  -0.0253 185 GLY A C   
343 O O   . GLY A 25 ? 0.2481 0.2492 0.1820 0.0011  0.0083  -0.0232 185 GLY A O   
347 N N   . GLN A 26 ? 0.1956 0.2088 0.1462 0.0001  0.0097  -0.0260 186 GLN A N   
348 C CA  . GLN A 26 ? 0.1856 0.2004 0.1346 0.0035  0.0065  -0.0243 186 GLN A CA  
349 C C   . GLN A 26 ? 0.1570 0.1701 0.1109 0.0029  0.0059  -0.0213 186 GLN A C   
350 O O   . GLN A 26 ? 0.1476 0.1633 0.1118 0.0004  0.0076  -0.0213 186 GLN A O   
351 C CB  . GLN A 26 ? 0.2279 0.2508 0.1833 0.0047  0.0061  -0.0263 186 GLN A CB  
352 C CG  . GLN A 26 ? 0.3152 0.3400 0.2650 0.0060  0.0060  -0.0291 186 GLN A CG  
353 C CD  . GLN A 26 ? 0.4040 0.4249 0.3412 0.0095  0.0031  -0.0283 186 GLN A CD  
354 O OE1 . GLN A 26 ? 0.4084 0.4290 0.3432 0.0123  0.0006  -0.0264 186 GLN A OE1 
355 N NE2 . GLN A 26 ? 0.4657 0.4834 0.3945 0.0094  0.0036  -0.0297 186 GLN A NE2 
364 N N   . ARG A 27 ? 0.1588 0.1330 0.1361 -0.0130 -0.0193 -0.0055 187 ARG A N   
365 C CA  . ARG A 27 ? 0.1449 0.1243 0.1237 -0.0114 -0.0153 -0.0046 187 ARG A CA  
366 C C   . ARG A 27 ? 0.1422 0.1253 0.1282 -0.0114 -0.0142 -0.0021 187 ARG A C   
367 O O   . ARG A 27 ? 0.1471 0.1310 0.1392 -0.0123 -0.0160 -0.0008 187 ARG A O   
368 C CB  . ARG A 27 ? 0.1333 0.1163 0.1119 -0.0105 -0.0142 -0.0047 187 ARG A CB  
369 C CG  . ARG A 27 ? 0.1397 0.1195 0.1106 -0.0103 -0.0143 -0.0072 187 ARG A CG  
370 C CD  . ARG A 27 ? 0.1754 0.1589 0.1468 -0.0095 -0.0132 -0.0072 187 ARG A CD  
371 N NE  . ARG A 27 ? 0.2441 0.2253 0.2082 -0.0091 -0.0121 -0.0094 187 ARG A NE  
372 C CZ  . ARG A 27 ? 0.3075 0.2916 0.2705 -0.0081 -0.0104 -0.0097 187 ARG A CZ  
373 N NH1 . ARG A 27 ? 0.3056 0.2949 0.2740 -0.0075 -0.0096 -0.0080 187 ARG A NH1 
374 N NH2 . ARG A 27 ? 0.3525 0.3342 0.3089 -0.0079 -0.0091 -0.0120 187 ARG A NH2 
388 N N   . TYR A 28 ? 0.1317 0.1167 0.1172 -0.0102 -0.0111 -0.0016 188 TYR A N   
389 C CA  . TYR A 28 ? 0.1269 0.1154 0.1183 -0.0099 -0.0092 0.0008  188 TYR A CA  
390 C C   . TYR A 28 ? 0.1121 0.1036 0.1010 -0.0079 -0.0056 0.0009  188 TYR A C   
391 O O   . TYR A 28 ? 0.1121 0.1029 0.0956 -0.0071 -0.0049 -0.0009 188 TYR A O   
392 C CB  . TYR A 28 ? 0.1405 0.1263 0.1340 -0.0109 -0.0101 0.0016  188 TYR A CB  
393 C CG  . TYR A 28 ? 0.1443 0.1269 0.1324 -0.0103 -0.0098 0.0003  188 TYR A CG  
394 C CD1 . TYR A 28 ? 0.1552 0.1390 0.1433 -0.0092 -0.0072 0.0012  188 TYR A CD1 
395 C CD2 . TYR A 28 ? 0.1436 0.1213 0.1271 -0.0112 -0.0121 -0.0018 188 TYR A CD2 
396 C CE1 . TYR A 28 ? 0.1730 0.1540 0.1571 -0.0087 -0.0070 0.0000  188 TYR A CE1 
397 C CE2 . TYR A 28 ? 0.1601 0.1349 0.1394 -0.0108 -0.0114 -0.0030 188 TYR A CE2 
398 C CZ  . TYR A 28 ? 0.1815 0.1581 0.1614 -0.0095 -0.0090 -0.0021 188 TYR A CZ  
399 O OH  . TYR A 28 ? 0.2046 0.1783 0.1808 -0.0090 -0.0085 -0.0034 188 TYR A OH  
409 N N   . PHE A 29 ? 0.1102 0.1048 0.1032 -0.0073 -0.0034 0.0031  189 PHE A N   
410 C CA  . PHE A 29 ? 0.1098 0.1072 0.1008 -0.0056 -0.0002 0.0035  189 PHE A CA  
411 C C   . PHE A 29 ? 0.1119 0.1092 0.1039 -0.0049 0.0017  0.0053  189 PHE A C   
412 O O   . PHE A 29 ? 0.1154 0.1125 0.1123 -0.0058 0.0018  0.0071  189 PHE A O   
413 C CB  . PHE A 29 ? 0.1146 0.1157 0.1087 -0.0053 0.0008  0.0045  189 PHE A CB  
414 C CG  . PHE A 29 ? 0.1184 0.1192 0.1116 -0.0060 -0.0013 0.0029  189 PHE A CG  
415 C CD1 . PHE A 29 ? 0.1097 0.1110 0.0978 -0.0050 -0.0008 0.0012  189 PHE A CD1 
416 C CD2 . PHE A 29 ? 0.1213 0.1207 0.1184 -0.0077 -0.0042 0.0031  189 PHE A CD2 
417 C CE1 . PHE A 29 ? 0.0988 0.0992 0.0853 -0.0057 -0.0028 -0.0002 189 PHE A CE1 
418 C CE2 . PHE A 29 ? 0.1109 0.1093 0.1062 -0.0082 -0.0066 0.0016  189 PHE A CE2 
419 C CZ  . PHE A 29 ? 0.0996 0.0984 0.0895 -0.0072 -0.0057 0.0000  189 PHE A CZ  
429 N N   . LEU A 30 ? 0.1251 0.1224 0.1128 -0.0032 0.0032  0.0046  190 LEU A N   
430 C CA  . LEU A 30 ? 0.1564 0.1529 0.1433 -0.0022 0.0050  0.0059  190 LEU A CA  
431 C C   . LEU A 30 ? 0.1196 0.1186 0.1054 -0.0006 0.0077  0.0069  190 LEU A C   
432 O O   . LEU A 30 ? 0.1110 0.1116 0.0938 0.0006  0.0081  0.0056  190 LEU A O   
433 C CB  . LEU A 30 ? 0.2459 0.2398 0.2285 -0.0014 0.0041  0.0041  190 LEU A CB  
434 C CG  . LEU A 30 ? 0.3643 0.3551 0.3459 -0.0026 0.0017  0.0023  190 LEU A CG  
435 C CD1 . LEU A 30 ? 0.3832 0.3720 0.3608 -0.0015 0.0018  0.0007  190 LEU A CD1 
436 C CD2 . LEU A 30 ? 0.4487 0.4374 0.4340 -0.0043 0.0004  0.0037  190 LEU A CD2 
448 N N   . ASN A 31 ? 0.1006 0.0995 0.0887 -0.0004 0.0096  0.0094  191 ASN A N   
449 C CA  . ASN A 31 ? 0.1096 0.1096 0.0956 0.0012  0.0124  0.0107  191 ASN A CA  
450 C C   . ASN A 31 ? 0.1170 0.1141 0.0995 0.0025  0.0129  0.0111  191 ASN A C   
451 O O   . ASN A 31 ? 0.1368 0.1316 0.1208 0.0019  0.0136  0.0128  191 ASN A O   
452 C CB  . ASN A 31 ? 0.1349 0.1364 0.1261 0.0003  0.0145  0.0130  191 ASN A CB  
453 C CG  . ASN A 31 ? 0.1654 0.1667 0.1543 0.0017  0.0178  0.0148  191 ASN A CG  
454 O OD1 . ASN A 31 ? 0.1709 0.1712 0.1544 0.0035  0.0182  0.0144  191 ASN A OD1 
455 N ND2 . ASN A 31 ? 0.1884 0.1906 0.1818 0.0009  0.0200  0.0168  191 ASN A ND2 
462 N N   . HIS A 32 ? 0.1145 0.1114 0.0921 0.0042  0.0125  0.0096  192 HIS A N   
463 C CA  . HIS A 32 ? 0.1258 0.1197 0.1000 0.0056  0.0122  0.0095  192 HIS A CA  
464 C C   . HIS A 32 ? 0.1365 0.1284 0.1095 0.0063  0.0144  0.0121  192 HIS A C   
465 O O   . HIS A 32 ? 0.1402 0.1289 0.1129 0.0061  0.0145  0.0131  192 HIS A O   
466 C CB  . HIS A 32 ? 0.1339 0.1285 0.1040 0.0075  0.0114  0.0072  192 HIS A CB  
467 C CG  . HIS A 32 ? 0.1444 0.1393 0.1147 0.0069  0.0093  0.0045  192 HIS A CG  
468 N ND1 . HIS A 32 ? 0.1559 0.1479 0.1258 0.0068  0.0079  0.0037  192 HIS A ND1 
469 C CD2 . HIS A 32 ? 0.1438 0.1407 0.1140 0.0066  0.0087  0.0024  192 HIS A CD2 
470 C CE1 . HIS A 32 ? 0.1566 0.1488 0.1261 0.0062  0.0066  0.0011  192 HIS A CE1 
471 N NE2 . HIS A 32 ? 0.1505 0.1456 0.1202 0.0061  0.0071  0.0004  192 HIS A NE2 
478 N N   . ILE A 33 ? 0.1282 0.1214 0.1000 0.0072  0.0166  0.0132  193 ILE A N   
479 C CA  . ILE A 33 ? 0.1453 0.1353 0.1140 0.0083  0.0187  0.0154  193 ILE A CA  
480 C C   . ILE A 33 ? 0.1451 0.1333 0.1176 0.0067  0.0205  0.0178  193 ILE A C   
481 O O   . ILE A 33 ? 0.1683 0.1526 0.1382 0.0072  0.0217  0.0193  193 ILE A O   
482 C CB  . ILE A 33 ? 0.1668 0.1579 0.1323 0.0098  0.0207  0.0159  193 ILE A CB  
483 C CG1 . ILE A 33 ? 0.1996 0.1863 0.1598 0.0114  0.0222  0.0175  193 ILE A CG1 
484 C CG2 . ILE A 33 ? 0.1698 0.1635 0.1397 0.0084  0.0229  0.0172  193 ILE A CG2 
485 C CD1 . ILE A 33 ? 0.2206 0.2069 0.1755 0.0134  0.0231  0.0175  193 ILE A CD1 
497 N N   . ASP A 34 ? 0.1210 0.1116 0.0994 0.0046  0.0207  0.0181  194 ASP A N   
498 C CA  . ASP A 34 ? 0.1329 0.1223 0.1163 0.0028  0.0222  0.0201  194 ASP A CA  
499 C C   . ASP A 34 ? 0.1330 0.1212 0.1193 0.0013  0.0197  0.0194  194 ASP A C   
500 O O   . ASP A 34 ? 0.1517 0.1385 0.1422 -0.0002 0.0204  0.0209  194 ASP A O   
501 C CB  . ASP A 34 ? 0.1509 0.1436 0.1400 0.0016  0.0237  0.0209  194 ASP A CB  
502 C CG  . ASP A 34 ? 0.1817 0.1754 0.1679 0.0030  0.0267  0.0217  194 ASP A CG  
503 O OD1 . ASP A 34 ? 0.2162 0.2063 0.1976 0.0042  0.0289  0.0232  194 ASP A OD1 
504 O OD2 . ASP A 34 ? 0.1745 0.1716 0.1624 0.0028  0.0266  0.0210  194 ASP A OD2 
509 N N   . GLN A 35 ? 0.1204 0.1090 0.1045 0.0018  0.0167  0.0171  195 GLN A N   
510 C CA  . GLN A 35 ? 0.1221 0.1091 0.1078 0.0007  0.0141  0.0160  195 GLN A CA  
511 C C   . GLN A 35 ? 0.1355 0.1238 0.1277 -0.0017 0.0131  0.0163  195 GLN A C   
512 O O   . GLN A 35 ? 0.1563 0.1424 0.1509 -0.0031 0.0119  0.0165  195 GLN A O   
513 C CB  . GLN A 35 ? 0.1379 0.1206 0.1213 0.0012  0.0145  0.0172  195 GLN A CB  
514 C CG  . GLN A 35 ? 0.1573 0.1383 0.1343 0.0035  0.0139  0.0161  195 GLN A CG  
515 C CD  . GLN A 35 ? 0.1773 0.1587 0.1531 0.0039  0.0111  0.0133  195 GLN A CD  
516 O OE1 . GLN A 35 ? 0.2028 0.1818 0.1793 0.0031  0.0095  0.0128  195 GLN A OE1 
517 N NE2 . GLN A 35 ? 0.1657 0.1496 0.1396 0.0049  0.0104  0.0114  195 GLN A NE2 
526 N N   . THR A 36 ? 0.1399 0.1316 0.1349 -0.0022 0.0136  0.0161  196 THR A N   
527 C CA  . THR A 36 ? 0.1569 0.1503 0.1587 -0.0043 0.0126  0.0163  196 THR A CA  
528 C C   . THR A 36 ? 0.1432 0.1376 0.1442 -0.0048 0.0093  0.0140  196 THR A C   
529 O O   . THR A 36 ? 0.1384 0.1336 0.1349 -0.0035 0.0089  0.0123  196 THR A O   
530 C CB  . THR A 36 ? 0.1881 0.1841 0.1944 -0.0047 0.0151  0.0180  196 THR A CB  
531 O OG1 . THR A 36 ? 0.1938 0.1923 0.1969 -0.0032 0.0160  0.0173  196 THR A OG1 
532 C CG2 . THR A 36 ? 0.2144 0.2086 0.2220 -0.0047 0.0187  0.0206  196 THR A CG2 
540 N N   A THR A 37 ? 0.1467 0.1406 0.1522 -0.0066 0.0070  0.0136  197 THR A N   
541 N N   B THR A 37 ? 0.1466 0.1406 0.1523 -0.0067 0.0070  0.0136  197 THR A N   
542 C CA  A THR A 37 ? 0.1531 0.1471 0.1577 -0.0074 0.0039  0.0114  197 THR A CA  
543 C CA  B THR A 37 ? 0.1590 0.1529 0.1638 -0.0074 0.0038  0.0114  197 THR A CA  
544 C C   A THR A 37 ? 0.1297 0.1255 0.1410 -0.0089 0.0027  0.0120  197 THR A C   
545 C C   B THR A 37 ? 0.1316 0.1275 0.1431 -0.0090 0.0027  0.0120  197 THR A C   
546 O O   A THR A 37 ? 0.1289 0.1250 0.1463 -0.0100 0.0035  0.0137  197 THR A O   
547 O O   B THR A 37 ? 0.1288 0.1249 0.1463 -0.0100 0.0036  0.0137  197 THR A O   
548 C CB  A THR A 37 ? 0.2106 0.2008 0.2126 -0.0080 0.0012  0.0100  197 THR A CB  
549 C CB  B THR A 37 ? 0.2251 0.2152 0.2281 -0.0082 0.0013  0.0104  197 THR A CB  
550 O OG1 A THR A 37 ? 0.2379 0.2274 0.2379 -0.0086 -0.0015 0.0078  197 THR A OG1 
551 O OG1 B THR A 37 ? 0.2429 0.2315 0.2508 -0.0096 0.0013  0.0120  197 THR A OG1 
552 C CG2 A THR A 37 ? 0.2159 0.2041 0.2227 -0.0096 0.0005  0.0114  197 THR A CG2 
553 C CG2 B THR A 37 ? 0.2522 0.2406 0.2490 -0.0065 0.0022  0.0096  197 THR A CG2 
568 N N   . THR A 38 ? 0.1134 0.1104 0.1239 -0.0090 0.0008  0.0105  198 THR A N   
569 C CA  . THR A 38 ? 0.0942 0.0931 0.1111 -0.0103 -0.0007 0.0108  198 THR A CA  
570 C C   . THR A 38 ? 0.0913 0.0889 0.1053 -0.0107 -0.0042 0.0085  198 THR A C   
571 O O   . THR A 38 ? 0.0867 0.0834 0.0940 -0.0098 -0.0043 0.0068  198 THR A O   
572 C CB  . THR A 38 ? 0.1120 0.1148 0.1321 -0.0095 0.0024  0.0121  198 THR A CB  
573 O OG1 . THR A 38 ? 0.1130 0.1176 0.1396 -0.0107 0.0008  0.0123  198 THR A OG1 
574 C CG2 . THR A 38 ? 0.1080 0.1123 0.1218 -0.0077 0.0038  0.0111  198 THR A CG2 
582 N N   . TRP A 39 ? 0.0937 0.0909 0.1130 -0.0123 -0.0071 0.0085  199 TRP A N   
583 C CA  . TRP A 39 ? 0.0935 0.0889 0.1103 -0.0128 -0.0107 0.0066  199 TRP A CA  
584 C C   . TRP A 39 ? 0.0889 0.0878 0.1061 -0.0119 -0.0098 0.0064  199 TRP A C   
585 O O   . TRP A 39 ? 0.0877 0.0851 0.1010 -0.0119 -0.0120 0.0048  199 TRP A O   
586 C CB  . TRP A 39 ? 0.1000 0.0933 0.1222 -0.0146 -0.0146 0.0066  199 TRP A CB  
587 C CG  . TRP A 39 ? 0.1075 0.0970 0.1290 -0.0156 -0.0162 0.0065  199 TRP A CG  
588 C CD1 . TRP A 39 ? 0.1196 0.1091 0.1471 -0.0166 -0.0156 0.0081  199 TRP A CD1 
589 C CD2 . TRP A 39 ? 0.1093 0.0939 0.1236 -0.0159 -0.0185 0.0046  199 TRP A CD2 
590 N NE1 . TRP A 39 ? 0.1296 0.1148 0.1541 -0.0174 -0.0176 0.0074  199 TRP A NE1 
591 C CE2 . TRP A 39 ? 0.1262 0.1081 0.1425 -0.0170 -0.0193 0.0052  199 TRP A CE2 
592 C CE3 . TRP A 39 ? 0.1085 0.0902 0.1145 -0.0154 -0.0195 0.0025  199 TRP A CE3 
593 C CZ2 . TRP A 39 ? 0.1417 0.1184 0.1522 -0.0174 -0.0214 0.0037  199 TRP A CZ2 
594 C CZ3 . TRP A 39 ? 0.1290 0.1055 0.1293 -0.0159 -0.0213 0.0010  199 TRP A CZ3 
595 C CH2 . TRP A 39 ? 0.1434 0.1176 0.1459 -0.0169 -0.0222 0.0016  199 TRP A CH2 
606 N N   . GLN A 40 ? 0.1061 0.1090 0.1282 -0.0113 -0.0065 0.0082  200 GLN A N   
607 C CA  . GLN A 40 ? 0.1161 0.1224 0.1396 -0.0105 -0.0054 0.0084  200 GLN A CA  
608 C C   . GLN A 40 ? 0.1198 0.1272 0.1360 -0.0088 -0.0028 0.0076  200 GLN A C   
609 O O   . GLN A 40 ? 0.1214 0.1292 0.1351 -0.0078 0.0000  0.0083  200 GLN A O   
610 C CB  . GLN A 40 ? 0.1354 0.1452 0.1674 -0.0107 -0.0026 0.0106  200 GLN A CB  
611 C CG  . GLN A 40 ? 0.1731 0.1822 0.2137 -0.0125 -0.0045 0.0115  200 GLN A CG  
612 C CD  . GLN A 40 ? 0.2091 0.2172 0.2530 -0.0136 -0.0093 0.0104  200 GLN A CD  
613 O OE1 . GLN A 40 ? 0.2279 0.2371 0.2706 -0.0131 -0.0105 0.0094  200 GLN A OE1 
614 N NE2 . GLN A 40 ? 0.2147 0.2206 0.2633 -0.0152 -0.0123 0.0104  200 GLN A NE2 
623 N N   . ASP A 41 ? 0.1425 0.1502 0.1555 -0.0084 -0.0040 0.0061  201 ASP A N   
624 C CA  . ASP A 41 ? 0.1318 0.1407 0.1383 -0.0068 -0.0019 0.0052  201 ASP A CA  
625 C C   . ASP A 41 ? 0.1305 0.1435 0.1394 -0.0055 0.0020  0.0068  201 ASP A C   
626 O O   . ASP A 41 ? 0.1475 0.1628 0.1614 -0.0058 0.0023  0.0076  201 ASP A O   
627 C CB  . ASP A 41 ? 0.1280 0.1356 0.1308 -0.0069 -0.0043 0.0032  201 ASP A CB  
628 C CG  . ASP A 41 ? 0.1392 0.1475 0.1353 -0.0055 -0.0025 0.0018  201 ASP A CG  
629 O OD1 . ASP A 41 ? 0.1299 0.1404 0.1248 -0.0042 0.0006  0.0025  201 ASP A OD1 
630 O OD2 . ASP A 41 ? 0.1655 0.1715 0.1571 -0.0057 -0.0043 -0.0001 201 ASP A OD2 
635 N N   . PRO A 42 ? 0.1359 0.1094 0.2054 -0.0262 0.0029  -0.0171 202 PRO A N   
636 C CA  . PRO A 42 ? 0.1419 0.1023 0.2033 -0.0186 0.0054  -0.0111 202 PRO A CA  
637 C C   . PRO A 42 ? 0.1643 0.1099 0.2050 -0.0170 0.0083  -0.0080 202 PRO A C   
638 O O   . PRO A 42 ? 0.1924 0.1275 0.2246 -0.0099 0.0107  -0.0017 202 PRO A O   
639 C CB  . PRO A 42 ? 0.1325 0.0920 0.2001 -0.0206 0.0036  -0.0176 202 PRO A CB  
640 C CG  . PRO A 42 ? 0.1270 0.0931 0.1976 -0.0297 0.0010  -0.0273 202 PRO A CG  
641 C CD  . PRO A 42 ? 0.1213 0.1009 0.2005 -0.0325 -0.0002 -0.0270 202 PRO A CD  
649 N N   . ARG A 43 ? 0.1551 0.1000 0.1879 -0.0235 0.0077  -0.0126 203 ARG A N   
650 C CA  . ARG A 43 ? 0.1725 0.1033 0.1862 -0.0227 0.0099  -0.0099 203 ARG A CA  
651 C C   . ARG A 43 ? 0.1867 0.1140 0.1939 -0.0165 0.0123  -0.0002 203 ARG A C   
652 O O   . ARG A 43 ? 0.2057 0.1193 0.1980 -0.0126 0.0146  0.0040  203 ARG A O   
653 C CB  . ARG A 43 ? 0.1727 0.1052 0.1808 -0.0315 0.0086  -0.0165 203 ARG A CB  
654 C CG  . ARG A 43 ? 0.1644 0.0980 0.1763 -0.0372 0.0066  -0.0260 203 ARG A CG  
655 C CD  . ARG A 43 ? 0.1658 0.1027 0.1731 -0.0461 0.0053  -0.0325 203 ARG A CD  
656 N NE  . ARG A 43 ? 0.1589 0.1121 0.1777 -0.0503 0.0035  -0.0342 203 ARG A NE  
657 C CZ  . ARG A 43 ? 0.2006 0.1609 0.2180 -0.0580 0.0022  -0.0389 203 ARG A CZ  
658 N NH1 . ARG A 43 ? 0.2192 0.1715 0.2237 -0.0628 0.0025  -0.0425 203 ARG A NH1 
659 N NH2 . ARG A 43 ? 0.2255 0.2014 0.2543 -0.0609 0.0006  -0.0401 203 ARG A NH2 
673 N N   . LYS A 44 ? 0.1825 0.1214 0.2008 -0.0153 0.0118  0.0033  204 LYS A N   
674 C CA  . LYS A 44 ? 0.2261 0.1620 0.2387 -0.0093 0.0141  0.0125  204 LYS A CA  
675 C C   . LYS A 44 ? 0.2487 0.1749 0.2575 0.0000  0.0164  0.0190  204 LYS A C   
676 O O   . LYS A 44 ? 0.2725 0.1907 0.2713 0.0056  0.0188  0.0260  204 LYS A O   
677 C CB  . LYS A 44 ? 0.2636 0.2150 0.2901 -0.0099 0.0128  0.0144  204 LYS A CB  
678 C CG  . LYS A 44 ? 0.3281 0.2884 0.3555 -0.0186 0.0109  0.0091  204 LYS A CG  
679 C CD  . LYS A 44 ? 0.3915 0.3677 0.4329 -0.0194 0.0096  0.0106  204 LYS A CD  
680 C CE  . LYS A 44 ? 0.4679 0.4543 0.5112 -0.0284 0.0075  0.0043  204 LYS A CE  
681 N NZ  . LYS A 44 ? 0.5447 0.5225 0.5708 -0.0314 0.0086  0.0055  204 LYS A NZ  
695 N N   . ALA A 45 ? 0.2537 0.1808 0.2702 0.0017  0.0158  0.0165  205 ALA A N   
696 C CA  . ALA A 45 ? 0.2895 0.2087 0.3030 0.0102  0.0179  0.0223  205 ALA A CA  
697 C C   . ALA A 45 ? 0.3145 0.2173 0.3096 0.0135  0.0202  0.0242  205 ALA A C   
698 O O   . ALA A 45 ? 0.3587 0.2544 0.3488 0.0213  0.0224  0.0303  205 ALA A O   
699 C CB  . ALA A 45 ? 0.3038 0.2268 0.3286 0.0102  0.0164  0.0184  205 ALA A CB  
705 N N   . MET A 46 ? 0.2935 0.1901 0.2785 0.0076  0.0197  0.0190  206 MET A N   
706 C CA  . MET A 46 ? 0.3259 0.2065 0.2939 0.0101  0.0214  0.0199  206 MET A CA  
707 C C   . MET A 46 ? 0.3184 0.1928 0.2744 0.0107  0.0227  0.0246  206 MET A C   
708 O O   . MET A 46 ? 0.3441 0.2051 0.2861 0.0130  0.0240  0.0258  206 MET A O   
709 C CB  . MET A 46 ? 0.3723 0.2484 0.3362 0.0035  0.0200  0.0113  206 MET A CB  
710 C CG  . MET A 46 ? 0.3911 0.2711 0.3651 0.0033  0.0188  0.0066  206 MET A CG  
711 S SD  . MET A 46 ? 0.4194 0.2946 0.3946 0.0141  0.0209  0.0132  206 MET A SD  
712 C CE  . MET A 46 ? 0.5519 0.4084 0.5081 0.0165  0.0226  0.0116  206 MET A CE  
722 N N   . LEU A 47 ? 0.2674 0.1518 0.2294 0.0087  0.0221  0.0272  207 LEU A N   
723 C CA  . LEU A 47 ? 0.2847 0.1647 0.2371 0.0096  0.0230  0.0324  207 LEU A CA  
724 C C   . LEU A 47 ? 0.3295 0.2014 0.2764 0.0195  0.0256  0.0406  207 LEU A C   
725 O O   . LEU A 47 ? 0.3241 0.1999 0.2789 0.0251  0.0264  0.0435  207 LEU A O   
726 C CB  . LEU A 47 ? 0.2730 0.1669 0.2347 0.0057  0.0218  0.0336  207 LEU A CB  
727 C CG  . LEU A 47 ? 0.2679 0.1723 0.2362 -0.0042 0.0192  0.0257  207 LEU A CG  
728 C CD1 . LEU A 47 ? 0.2685 0.1888 0.2497 -0.0058 0.0181  0.0273  207 LEU A CD1 
729 C CD2 . LEU A 47 ? 0.2717 0.1685 0.2266 -0.0098 0.0189  0.0234  207 LEU A CD2 
741 N N   . SER A 48 ? 0.4005 0.2615 0.3338 0.0215  0.0267  0.0444  208 SER A N   
742 C CA  . SER A 48 ? 0.5219 0.3750 0.4491 0.0309  0.0291  0.0519  208 SER A CA  
743 C C   . SER A 48 ? 0.6272 0.4897 0.5621 0.0342  0.0295  0.0585  208 SER A C   
744 O O   . SER A 48 ? 0.7130 0.5781 0.6505 0.0410  0.0303  0.0626  208 SER A O   
745 C CB  . SER A 48 ? 0.5679 0.4060 0.4787 0.0319  0.0298  0.0534  208 SER A CB  
746 O OG  . SER A 48 ? 0.6043 0.4450 0.5126 0.0277  0.0289  0.0556  208 SER A OG  
# 
loop_
_pdbx_poly_seq_scheme.asym_id 
_pdbx_poly_seq_scheme.entity_id 
_pdbx_poly_seq_scheme.seq_id 
_pdbx_poly_seq_scheme.mon_id 
_pdbx_poly_seq_scheme.ndb_seq_num 
_pdbx_poly_seq_scheme.pdb_seq_num 
_pdbx_poly_seq_scheme.auth_seq_num 
_pdbx_poly_seq_scheme.pdb_mon_id 
_pdbx_poly_seq_scheme.auth_mon_id 
_pdbx_poly_seq_scheme.pdb_strand_id 
_pdbx_poly_seq_scheme.pdb_ins_code 
_pdbx_poly_seq_scheme.hetero 
A 1 1  GLY 1  161 161 GLY GLY A . n 
A 1 2  ALA 2  162 162 ALA ALA A . n 
A 1 3  MET 3  163 163 MET MET A . n 
A 1 4  GLY 4  164 164 GLY GLY A . n 
A 1 5  PHE 5  165 165 PHE PHE A . n 
A 1 6  GLU 6  166 166 GLU GLU A . n 
A 1 7  ILE 7  167 167 ILE ILE A . n 
A 1 8  PRO 8  168 168 PRO PRO A . n 
A 1 9  ASP 9  169 169 ASP ASP A . n 
A 1 10 ASP 10 170 170 ASP ASP A . n 
A 1 11 VAL 11 171 171 VAL VAL A . n 
A 1 12 PRO 12 172 172 PRO PRO A . n 
A 1 13 LEU 13 173 173 LEU LEU A . n 
A 1 14 PRO 14 174 174 PRO PRO A . n 
A 1 15 ALA 15 175 175 ALA ALA A . n 
A 1 16 GLY 16 176 176 GLY GLY A . n 
A 1 17 TRP 17 177 177 TRP TRP A . n 
A 1 18 GLU 18 178 178 GLU GLU A . n 
A 1 19 MET 19 179 179 MET MET A . n 
A 1 20 ALA 20 180 180 ALA ALA A . n 
A 1 21 LYS 21 181 181 LYS LYS A . n 
A 1 22 THR 22 182 182 THR THR A . n 
A 1 23 SER 23 183 183 SER SER A . n 
A 1 24 SER 24 184 184 SER SER A . n 
A 1 25 GLY 25 185 185 GLY GLY A . n 
A 1 26 GLN 26 186 186 GLN GLN A . n 
A 1 27 ARG 27 187 187 ARG ARG A . n 
A 1 28 TYR 28 188 188 TYR TYR A . n 
A 1 29 PHE 29 189 189 PHE PHE A . n 
A 1 30 LEU 30 190 190 LEU LEU A . n 
A 1 31 ASN 31 191 191 ASN ASN A . n 
A 1 32 HIS 32 192 192 HIS HIS A . n 
A 1 33 ILE 33 193 193 ILE ILE A . n 
A 1 34 ASP 34 194 194 ASP ASP A . n 
A 1 35 GLN 35 195 195 GLN GLN A . n 
A 1 36 THR 36 196 196 THR THR A . n 
A 1 37 THR 37 197 197 THR THR A . n 
A 1 38 THR 38 198 198 THR THR A . n 
A 1 39 TRP 39 199 199 TRP TRP A . n 
A 1 40 GLN 40 200 200 GLN GLN A . n 
A 1 41 ASP 41 201 201 ASP ASP A . n 
A 1 42 PRO 42 202 202 PRO PRO A . n 
A 1 43 ARG 43 203 203 ARG ARG A . n 
A 1 44 LYS 44 204 204 LYS LYS A . n 
A 1 45 ALA 45 205 205 ALA ALA A . n 
A 1 46 MET 46 206 206 MET MET A . n 
A 1 47 LEU 47 207 207 LEU LEU A . n 
A 1 48 SER 48 208 208 SER SER A . n 
A 1 49 GLN 49 209 ?   ?   ?   A . n 
# 
loop_
_pdbx_nonpoly_scheme.asym_id 
_pdbx_nonpoly_scheme.entity_id 
_pdbx_nonpoly_scheme.mon_id 
_pdbx_nonpoly_scheme.ndb_seq_num 
_pdbx_nonpoly_scheme.pdb_seq_num 
_pdbx_nonpoly_scheme.auth_seq_num 
_pdbx_nonpoly_scheme.pdb_mon_id 
_pdbx_nonpoly_scheme.auth_mon_id 
_pdbx_nonpoly_scheme.pdb_strand_id 
_pdbx_nonpoly_scheme.pdb_ins_code 
B 2 SO4 1  301 301 SO4 SO4 A . 
C 3 HOH 1  401 401 HOH HOH A . 
C 3 HOH 2  402 402 HOH HOH A . 
C 3 HOH 3  403 403 HOH HOH A . 
C 3 HOH 4  404 404 HOH HOH A . 
C 3 HOH 5  405 405 HOH HOH A . 
C 3 HOH 6  406 406 HOH HOH A . 
C 3 HOH 7  407 407 HOH HOH A . 
C 3 HOH 8  408 408 HOH HOH A . 
C 3 HOH 9  409 409 HOH HOH A . 
C 3 HOH 10 410 410 HOH HOH A . 
C 3 HOH 11 411 411 HOH HOH A . 
C 3 HOH 12 412 412 HOH HOH A . 
C 3 HOH 13 413 413 HOH HOH A . 
C 3 HOH 14 414 414 HOH HOH A . 
C 3 HOH 15 415 415 HOH HOH A . 
C 3 HOH 16 416 416 HOH HOH A . 
C 3 HOH 17 417 417 HOH HOH A . 
C 3 HOH 18 418 418 HOH HOH A . 
C 3 HOH 19 419 419 HOH HOH A . 
C 3 HOH 20 420 420 HOH HOH A . 
C 3 HOH 21 421 421 HOH HOH A . 
C 3 HOH 22 422 422 HOH HOH A . 
C 3 HOH 23 423 423 HOH HOH A . 
C 3 HOH 24 424 424 HOH HOH A . 
C 3 HOH 25 425 425 HOH HOH A . 
C 3 HOH 26 426 426 HOH HOH A . 
C 3 HOH 27 427 427 HOH HOH A . 
C 3 HOH 28 428 428 HOH HOH A . 
C 3 HOH 29 429 429 HOH HOH A . 
C 3 HOH 30 430 430 HOH HOH A . 
C 3 HOH 31 431 431 HOH HOH A . 
C 3 HOH 32 432 432 HOH HOH A . 
C 3 HOH 33 433 433 HOH HOH A . 
C 3 HOH 34 434 434 HOH HOH A . 
C 3 HOH 35 435 435 HOH HOH A . 
C 3 HOH 36 436 436 HOH HOH A . 
C 3 HOH 37 437 437 HOH HOH A . 
C 3 HOH 38 438 438 HOH HOH A . 
C 3 HOH 39 439 439 HOH HOH A . 
C 3 HOH 40 440 440 HOH HOH A . 
C 3 HOH 41 441 441 HOH HOH A . 
C 3 HOH 42 442 442 HOH HOH A . 
# 
_pdbx_struct_assembly.id                   1 
_pdbx_struct_assembly.details              author_and_software_defined_assembly 
_pdbx_struct_assembly.method_details       PISA 
_pdbx_struct_assembly.oligomeric_details   monomeric 
_pdbx_struct_assembly.oligomeric_count     1 
# 
_pdbx_struct_assembly_gen.assembly_id       1 
_pdbx_struct_assembly_gen.oper_expression   1 
_pdbx_struct_assembly_gen.asym_id_list      A,B,C 
# 
_pdbx_struct_oper_list.id                   1 
_pdbx_struct_oper_list.type                 'identity operation' 
_pdbx_struct_oper_list.name                 1_555 
_pdbx_struct_oper_list.symmetry_operation   x,y,z 
_pdbx_struct_oper_list.matrix[1][1]         1.0000000000 
_pdbx_struct_oper_list.matrix[1][2]         0.0000000000 
_pdbx_struct_oper_list.matrix[1][3]         0.0000000000 
_pdbx_struct_oper_list.vector[1]            0.0000000000 
_pdbx_struct_oper_list.matrix[2][1]         0.0000000000 
_pdbx_struct_oper_list.matrix[2][2]         1.0000000000 
_pdbx_struct_oper_list.matrix[2][3]         0.0000000000 
_pdbx_struct_oper_list.vector[2]            0.0000000000 
_pdbx_struct_oper_list.matrix[3][1]         0.0000000000 
_pdbx_struct_oper_list.matrix[3][2]         0.0000000000 
_pdbx_struct_oper_list.matrix[3][3]         1.0000000000 
_pdbx_struct_oper_list.vector[3]            0.0000000000 
# 
_pdbx_struct_special_symmetry.id              1 
_pdbx_struct_special_symmetry.PDB_model_num   1 
_pdbx_struct_special_symmetry.auth_asym_id    A 
_pdbx_struct_special_symmetry.auth_comp_id    HOH 
_pdbx_struct_special_symmetry.auth_seq_id     420 
_pdbx_struct_special_symmetry.PDB_ins_code    ? 
_pdbx_struct_special_symmetry.label_asym_id   C 
_pdbx_struct_special_symmetry.label_comp_id   HOH 
_pdbx_struct_special_symmetry.label_seq_id    . 
# 
loop_
_pdbx_audit_revision_history.ordinal 
_pdbx_audit_revision_history.data_content_type 
_pdbx_audit_revision_history.major_revision 
_pdbx_audit_revision_history.minor_revision 
_pdbx_audit_revision_history.revision_date 
1 'Structure model' 1 0 2015-08-19 
2 'Structure model' 1 1 2015-08-26 
3 'Structure model' 1 2 2015-09-16 
4 'Structure model' 1 3 2023-09-20 
# 
_pdbx_audit_revision_details.ordinal             1 
_pdbx_audit_revision_details.revision_ordinal    1 
_pdbx_audit_revision_details.data_content_type   'Structure model' 
_pdbx_audit_revision_details.provider            repository 
_pdbx_audit_revision_details.type                'Initial release' 
_pdbx_audit_revision_details.description         ? 
_pdbx_audit_revision_details.details             ? 
# 
loop_
_pdbx_audit_revision_group.ordinal 
_pdbx_audit_revision_group.revision_ordinal 
_pdbx_audit_revision_group.data_content_type 
_pdbx_audit_revision_group.group 
1 2 'Structure model' 'Database references'    
2 3 'Structure model' 'Database references'    
3 4 'Structure model' 'Data collection'        
4 4 'Structure model' 'Database references'    
5 4 'Structure model' 'Derived calculations'   
6 4 'Structure model' 'Refinement description' 
# 
loop_
_pdbx_audit_revision_category.ordinal 
_pdbx_audit_revision_category.revision_ordinal 
_pdbx_audit_revision_category.data_content_type 
_pdbx_audit_revision_category.category 
1 4 'Structure model' chem_comp_atom                
2 4 'Structure model' chem_comp_bond                
3 4 'Structure model' database_2                    
4 4 'Structure model' pdbx_initial_refinement_model 
5 4 'Structure model' software                      
6 4 'Structure model' struct_ref_seq_dif            
7 4 'Structure model' struct_site                   
# 
loop_
_pdbx_audit_revision_item.ordinal 
_pdbx_audit_revision_item.revision_ordinal 
_pdbx_audit_revision_item.data_content_type 
_pdbx_audit_revision_item.item 
1 4 'Structure model' '_database_2.pdbx_DOI'                
2 4 'Structure model' '_database_2.pdbx_database_accession' 
3 4 'Structure model' '_software.name'                      
4 4 'Structure model' '_struct_ref_seq_dif.details'         
5 4 'Structure model' '_struct_site.pdbx_auth_asym_id'      
6 4 'Structure model' '_struct_site.pdbx_auth_comp_id'      
7 4 'Structure model' '_struct_site.pdbx_auth_seq_id'       
# 
_diffrn_reflns.diffrn_id                   1 
_diffrn_reflns.pdbx_d_res_high             1.600 
_diffrn_reflns.pdbx_d_res_low              42.670 
_diffrn_reflns.pdbx_number_obs             5514 
_diffrn_reflns.pdbx_Rmerge_I_obs           0.104 
_diffrn_reflns.pdbx_Rsym_value             ? 
_diffrn_reflns.pdbx_chi_squared            ? 
_diffrn_reflns.pdbx_redundancy             6.90 
_diffrn_reflns.pdbx_rejects                10 
_diffrn_reflns.pdbx_percent_possible_obs   99.20 
_diffrn_reflns.pdbx_observed_criterion     ? 
_diffrn_reflns.number                      38300 
_diffrn_reflns.limit_h_max                 ? 
_diffrn_reflns.limit_h_min                 ? 
_diffrn_reflns.limit_k_max                 ? 
_diffrn_reflns.limit_k_min                 ? 
_diffrn_reflns.limit_l_max                 ? 
_diffrn_reflns.limit_l_min                 ? 
# 
loop_
_pdbx_diffrn_reflns_shell.diffrn_id 
_pdbx_diffrn_reflns_shell.d_res_high 
_pdbx_diffrn_reflns_shell.d_res_low 
_pdbx_diffrn_reflns_shell.number_obs 
_pdbx_diffrn_reflns_shell.rejects 
_pdbx_diffrn_reflns_shell.Rmerge_I_obs 
_pdbx_diffrn_reflns_shell.Rsym_value 
_pdbx_diffrn_reflns_shell.chi_squared 
_pdbx_diffrn_reflns_shell.redundancy 
_pdbx_diffrn_reflns_shell.percent_possible_obs 
1 1.60 1.63  ? ? 0.582 ? ? 6.80 ? 
1 8.31 42.67 ? ? 0.057 ? ? 4.90 ? 
# 
loop_
_pdbx_refine_tls.pdbx_refine_id 
_pdbx_refine_tls.id 
_pdbx_refine_tls.details 
_pdbx_refine_tls.method 
_pdbx_refine_tls.origin_x 
_pdbx_refine_tls.origin_y 
_pdbx_refine_tls.origin_z 
_pdbx_refine_tls.T[1][1] 
_pdbx_refine_tls.T[2][2] 
_pdbx_refine_tls.T[3][3] 
_pdbx_refine_tls.T[1][2] 
_pdbx_refine_tls.T[1][3] 
_pdbx_refine_tls.T[2][3] 
_pdbx_refine_tls.L[1][1] 
_pdbx_refine_tls.L[2][2] 
_pdbx_refine_tls.L[3][3] 
_pdbx_refine_tls.L[1][2] 
_pdbx_refine_tls.L[1][3] 
_pdbx_refine_tls.L[2][3] 
_pdbx_refine_tls.S[1][1] 
_pdbx_refine_tls.S[1][2] 
_pdbx_refine_tls.S[1][3] 
_pdbx_refine_tls.S[2][1] 
_pdbx_refine_tls.S[2][2] 
_pdbx_refine_tls.S[2][3] 
_pdbx_refine_tls.S[3][1] 
_pdbx_refine_tls.S[3][2] 
_pdbx_refine_tls.S[3][3] 
'X-RAY DIFFRACTION' 1 ? refined 0.3307  7.4933  -3.3229 0.1486 0.1156 0.1246 -0.0128 -0.0224 -0.0084 0.2636 0.0125 0.0708 0.0098  -0.0667 -0.0250 0.0094  0.0404  0.0793  0.1065  0.0728 0.0042  -0.1229 0.0219  -0.0357 
'X-RAY DIFFRACTION' 2 ? refined 2.8689  -4.7138 -3.8222 0.1153 0.1210 0.0880 -0.0020 0.0056  -0.0119 0.0414 0.1380 0.0059 0.0442  -0.0066 0.0169  0.0335  0.0887  -0.0265 -0.0567 0.0027 -0.0499 -0.0561 -0.0562 0.1227  
'X-RAY DIFFRACTION' 3 ? refined -0.4679 -6.2496 3.0974  0.0851 0.0835 0.0831 -0.0053 0.0037  0.0082  0.0279 0.5067 0.0942 -0.0093 -0.0102 0.0827  -0.0080 -0.0281 -0.0672 -0.0053 0.0389 0.1325  0.0603  -0.0221 -0.0223 
'X-RAY DIFFRACTION' 4 ? refined -4.9379 6.9718  4.4955  0.1867 0.0995 0.1793 -0.0054 0.0164  0.0121  0.4599 0.0537 0.0825 0.0031  0.1639  0.0378  0.0618  0.1638  0.0523  0.0943  0.2108 0.0987  -0.1241 -0.0166 0.0169  
# 
loop_
_pdbx_refine_tls_group.pdbx_refine_id 
_pdbx_refine_tls_group.id 
_pdbx_refine_tls_group.refine_tls_id 
_pdbx_refine_tls_group.beg_auth_asym_id 
_pdbx_refine_tls_group.beg_auth_seq_id 
_pdbx_refine_tls_group.beg_label_asym_id 
_pdbx_refine_tls_group.beg_label_seq_id 
_pdbx_refine_tls_group.end_auth_asym_id 
_pdbx_refine_tls_group.end_auth_seq_id 
_pdbx_refine_tls_group.end_label_asym_id 
_pdbx_refine_tls_group.end_label_seq_id 
_pdbx_refine_tls_group.selection 
_pdbx_refine_tls_group.selection_details 
'X-RAY DIFFRACTION' 1 1 ? ? ? ? ? ? ? ? ? 
;chain 'A' and (resid 161 through 175 )
;
'X-RAY DIFFRACTION' 2 2 ? ? ? ? ? ? ? ? ? 
;chain 'A' and (resid 176 through 186 )
;
'X-RAY DIFFRACTION' 3 3 ? ? ? ? ? ? ? ? ? 
;chain 'A' and (resid 187 through 201 )
;
'X-RAY DIFFRACTION' 4 4 ? ? ? ? ? ? ? ? ? 
;chain 'A' and (resid 202 through 208 )
;
# 
_phasing.method   MR 
# 
loop_
_software.pdbx_ordinal 
_software.name 
_software.version 
_software.date 
_software.type 
_software.contact_author 
_software.contact_author_email 
_software.classification 
_software.location 
_software.language 
_software.citation_id 
1 Aimless     0.2.13     06/11/13         program 'Phil Evans'    ?                           'data scaling'    
http://www.mrc-lmb.cam.ac.uk/harry/pre/aimless.html ?   ? 
2 PHASER      .          ?                program 'Randy J. Read' cimr-phaser@lists.cam.ac.uk phasing           
http://www-structmed.cimr.cam.ac.uk/phaser/         ?   ? 
3 PHENIX      1.8.4_1496 ?                package 'Paul D. Adams' PDAdams@lbl.gov             refinement        
http://www.phenix-online.org/                       C++ ? 
4 PDB_EXTRACT 3.15       'July. 29, 2014' package PDB             deposit@deposit.rcsb.org    'data extraction' 
http://sw-tools.pdb.org/apps/PDB_EXTRACT/           C++ ? 
5 autoPROC    .          ?                ?       ?               ?                           'data scaling'    ? ?   ? 
# 
_pdbx_unobs_or_zero_occ_residues.id               1 
_pdbx_unobs_or_zero_occ_residues.PDB_model_num    1 
_pdbx_unobs_or_zero_occ_residues.polymer_flag     Y 
_pdbx_unobs_or_zero_occ_residues.occupancy_flag   1 
_pdbx_unobs_or_zero_occ_residues.auth_asym_id     A 
_pdbx_unobs_or_zero_occ_residues.auth_comp_id     GLN 
_pdbx_unobs_or_zero_occ_residues.auth_seq_id      209 
_pdbx_unobs_or_zero_occ_residues.PDB_ins_code     ? 
_pdbx_unobs_or_zero_occ_residues.label_asym_id    A 
_pdbx_unobs_or_zero_occ_residues.label_comp_id    GLN 
_pdbx_unobs_or_zero_occ_residues.label_seq_id     49 
# 
loop_
_chem_comp_atom.comp_id 
_chem_comp_atom.atom_id 
_chem_comp_atom.type_symbol 
_chem_comp_atom.pdbx_aromatic_flag 
_chem_comp_atom.pdbx_stereo_config 
_chem_comp_atom.pdbx_ordinal 
ALA N    N N N 1   
ALA CA   C N S 2   
ALA C    C N N 3   
ALA O    O N N 4   
ALA CB   C N N 5   
ALA OXT  O N N 6   
ALA H    H N N 7   
ALA H2   H N N 8   
ALA HA   H N N 9   
ALA HB1  H N N 10  
ALA HB2  H N N 11  
ALA HB3  H N N 12  
ALA HXT  H N N 13  
ARG N    N N N 14  
ARG CA   C N S 15  
ARG C    C N N 16  
ARG O    O N N 17  
ARG CB   C N N 18  
ARG CG   C N N 19  
ARG CD   C N N 20  
ARG NE   N N N 21  
ARG CZ   C N N 22  
ARG NH1  N N N 23  
ARG NH2  N N N 24  
ARG OXT  O N N 25  
ARG H    H N N 26  
ARG H2   H N N 27  
ARG HA   H N N 28  
ARG HB2  H N N 29  
ARG HB3  H N N 30  
ARG HG2  H N N 31  
ARG HG3  H N N 32  
ARG HD2  H N N 33  
ARG HD3  H N N 34  
ARG HE   H N N 35  
ARG HH11 H N N 36  
ARG HH12 H N N 37  
ARG HH21 H N N 38  
ARG HH22 H N N 39  
ARG HXT  H N N 40  
ASN N    N N N 41  
ASN CA   C N S 42  
ASN C    C N N 43  
ASN O    O N N 44  
ASN CB   C N N 45  
ASN CG   C N N 46  
ASN OD1  O N N 47  
ASN ND2  N N N 48  
ASN OXT  O N N 49  
ASN H    H N N 50  
ASN H2   H N N 51  
ASN HA   H N N 52  
ASN HB2  H N N 53  
ASN HB3  H N N 54  
ASN HD21 H N N 55  
ASN HD22 H N N 56  
ASN HXT  H N N 57  
ASP N    N N N 58  
ASP CA   C N S 59  
ASP C    C N N 60  
ASP O    O N N 61  
ASP CB   C N N 62  
ASP CG   C N N 63  
ASP OD1  O N N 64  
ASP OD2  O N N 65  
ASP OXT  O N N 66  
ASP H    H N N 67  
ASP H2   H N N 68  
ASP HA   H N N 69  
ASP HB2  H N N 70  
ASP HB3  H N N 71  
ASP HD2  H N N 72  
ASP HXT  H N N 73  
GLN N    N N N 74  
GLN CA   C N S 75  
GLN C    C N N 76  
GLN O    O N N 77  
GLN CB   C N N 78  
GLN CG   C N N 79  
GLN CD   C N N 80  
GLN OE1  O N N 81  
GLN NE2  N N N 82  
GLN OXT  O N N 83  
GLN H    H N N 84  
GLN H2   H N N 85  
GLN HA   H N N 86  
GLN HB2  H N N 87  
GLN HB3  H N N 88  
GLN HG2  H N N 89  
GLN HG3  H N N 90  
GLN HE21 H N N 91  
GLN HE22 H N N 92  
GLN HXT  H N N 93  
GLU N    N N N 94  
GLU CA   C N S 95  
GLU C    C N N 96  
GLU O    O N N 97  
GLU CB   C N N 98  
GLU CG   C N N 99  
GLU CD   C N N 100 
GLU OE1  O N N 101 
GLU OE2  O N N 102 
GLU OXT  O N N 103 
GLU H    H N N 104 
GLU H2   H N N 105 
GLU HA   H N N 106 
GLU HB2  H N N 107 
GLU HB3  H N N 108 
GLU HG2  H N N 109 
GLU HG3  H N N 110 
GLU HE2  H N N 111 
GLU HXT  H N N 112 
GLY N    N N N 113 
GLY CA   C N N 114 
GLY C    C N N 115 
GLY O    O N N 116 
GLY OXT  O N N 117 
GLY H    H N N 118 
GLY H2   H N N 119 
GLY HA2  H N N 120 
GLY HA3  H N N 121 
GLY HXT  H N N 122 
HIS N    N N N 123 
HIS CA   C N S 124 
HIS C    C N N 125 
HIS O    O N N 126 
HIS CB   C N N 127 
HIS CG   C Y N 128 
HIS ND1  N Y N 129 
HIS CD2  C Y N 130 
HIS CE1  C Y N 131 
HIS NE2  N Y N 132 
HIS OXT  O N N 133 
HIS H    H N N 134 
HIS H2   H N N 135 
HIS HA   H N N 136 
HIS HB2  H N N 137 
HIS HB3  H N N 138 
HIS HD1  H N N 139 
HIS HD2  H N N 140 
HIS HE1  H N N 141 
HIS HE2  H N N 142 
HIS HXT  H N N 143 
HOH O    O N N 144 
HOH H1   H N N 145 
HOH H2   H N N 146 
ILE N    N N N 147 
ILE CA   C N S 148 
ILE C    C N N 149 
ILE O    O N N 150 
ILE CB   C N S 151 
ILE CG1  C N N 152 
ILE CG2  C N N 153 
ILE CD1  C N N 154 
ILE OXT  O N N 155 
ILE H    H N N 156 
ILE H2   H N N 157 
ILE HA   H N N 158 
ILE HB   H N N 159 
ILE HG12 H N N 160 
ILE HG13 H N N 161 
ILE HG21 H N N 162 
ILE HG22 H N N 163 
ILE HG23 H N N 164 
ILE HD11 H N N 165 
ILE HD12 H N N 166 
ILE HD13 H N N 167 
ILE HXT  H N N 168 
LEU N    N N N 169 
LEU CA   C N S 170 
LEU C    C N N 171 
LEU O    O N N 172 
LEU CB   C N N 173 
LEU CG   C N N 174 
LEU CD1  C N N 175 
LEU CD2  C N N 176 
LEU OXT  O N N 177 
LEU H    H N N 178 
LEU H2   H N N 179 
LEU HA   H N N 180 
LEU HB2  H N N 181 
LEU HB3  H N N 182 
LEU HG   H N N 183 
LEU HD11 H N N 184 
LEU HD12 H N N 185 
LEU HD13 H N N 186 
LEU HD21 H N N 187 
LEU HD22 H N N 188 
LEU HD23 H N N 189 
LEU HXT  H N N 190 
LYS N    N N N 191 
LYS CA   C N S 192 
LYS C    C N N 193 
LYS O    O N N 194 
LYS CB   C N N 195 
LYS CG   C N N 196 
LYS CD   C N N 197 
LYS CE   C N N 198 
LYS NZ   N N N 199 
LYS OXT  O N N 200 
LYS H    H N N 201 
LYS H2   H N N 202 
LYS HA   H N N 203 
LYS HB2  H N N 204 
LYS HB3  H N N 205 
LYS HG2  H N N 206 
LYS HG3  H N N 207 
LYS HD2  H N N 208 
LYS HD3  H N N 209 
LYS HE2  H N N 210 
LYS HE3  H N N 211 
LYS HZ1  H N N 212 
LYS HZ2  H N N 213 
LYS HZ3  H N N 214 
LYS HXT  H N N 215 
MET N    N N N 216 
MET CA   C N S 217 
MET C    C N N 218 
MET O    O N N 219 
MET CB   C N N 220 
MET CG   C N N 221 
MET SD   S N N 222 
MET CE   C N N 223 
MET OXT  O N N 224 
MET H    H N N 225 
MET H2   H N N 226 
MET HA   H N N 227 
MET HB2  H N N 228 
MET HB3  H N N 229 
MET HG2  H N N 230 
MET HG3  H N N 231 
MET HE1  H N N 232 
MET HE2  H N N 233 
MET HE3  H N N 234 
MET HXT  H N N 235 
PHE N    N N N 236 
PHE CA   C N S 237 
PHE C    C N N 238 
PHE O    O N N 239 
PHE CB   C N N 240 
PHE CG   C Y N 241 
PHE CD1  C Y N 242 
PHE CD2  C Y N 243 
PHE CE1  C Y N 244 
PHE CE2  C Y N 245 
PHE CZ   C Y N 246 
PHE OXT  O N N 247 
PHE H    H N N 248 
PHE H2   H N N 249 
PHE HA   H N N 250 
PHE HB2  H N N 251 
PHE HB3  H N N 252 
PHE HD1  H N N 253 
PHE HD2  H N N 254 
PHE HE1  H N N 255 
PHE HE2  H N N 256 
PHE HZ   H N N 257 
PHE HXT  H N N 258 
PRO N    N N N 259 
PRO CA   C N S 260 
PRO C    C N N 261 
PRO O    O N N 262 
PRO CB   C N N 263 
PRO CG   C N N 264 
PRO CD   C N N 265 
PRO OXT  O N N 266 
PRO H    H N N 267 
PRO HA   H N N 268 
PRO HB2  H N N 269 
PRO HB3  H N N 270 
PRO HG2  H N N 271 
PRO HG3  H N N 272 
PRO HD2  H N N 273 
PRO HD3  H N N 274 
PRO HXT  H N N 275 
SER N    N N N 276 
SER CA   C N S 277 
SER C    C N N 278 
SER O    O N N 279 
SER CB   C N N 280 
SER OG   O N N 281 
SER OXT  O N N 282 
SER H    H N N 283 
SER H2   H N N 284 
SER HA   H N N 285 
SER HB2  H N N 286 
SER HB3  H N N 287 
SER HG   H N N 288 
SER HXT  H N N 289 
SO4 S    S N N 290 
SO4 O1   O N N 291 
SO4 O2   O N N 292 
SO4 O3   O N N 293 
SO4 O4   O N N 294 
THR N    N N N 295 
THR CA   C N S 296 
THR C    C N N 297 
THR O    O N N 298 
THR CB   C N R 299 
THR OG1  O N N 300 
THR CG2  C N N 301 
THR OXT  O N N 302 
THR H    H N N 303 
THR H2   H N N 304 
THR HA   H N N 305 
THR HB   H N N 306 
THR HG1  H N N 307 
THR HG21 H N N 308 
THR HG22 H N N 309 
THR HG23 H N N 310 
THR HXT  H N N 311 
TRP N    N N N 312 
TRP CA   C N S 313 
TRP C    C N N 314 
TRP O    O N N 315 
TRP CB   C N N 316 
TRP CG   C Y N 317 
TRP CD1  C Y N 318 
TRP CD2  C Y N 319 
TRP NE1  N Y N 320 
TRP CE2  C Y N 321 
TRP CE3  C Y N 322 
TRP CZ2  C Y N 323 
TRP CZ3  C Y N 324 
TRP CH2  C Y N 325 
TRP OXT  O N N 326 
TRP H    H N N 327 
TRP H2   H N N 328 
TRP HA   H N N 329 
TRP HB2  H N N 330 
TRP HB3  H N N 331 
TRP HD1  H N N 332 
TRP HE1  H N N 333 
TRP HE3  H N N 334 
TRP HZ2  H N N 335 
TRP HZ3  H N N 336 
TRP HH2  H N N 337 
TRP HXT  H N N 338 
TYR N    N N N 339 
TYR CA   C N S 340 
TYR C    C N N 341 
TYR O    O N N 342 
TYR CB   C N N 343 
TYR CG   C Y N 344 
TYR CD1  C Y N 345 
TYR CD2  C Y N 346 
TYR CE1  C Y N 347 
TYR CE2  C Y N 348 
TYR CZ   C Y N 349 
TYR OH   O N N 350 
TYR OXT  O N N 351 
TYR H    H N N 352 
TYR H2   H N N 353 
TYR HA   H N N 354 
TYR HB2  H N N 355 
TYR HB3  H N N 356 
TYR HD1  H N N 357 
TYR HD2  H N N 358 
TYR HE1  H N N 359 
TYR HE2  H N N 360 
TYR HH   H N N 361 
TYR HXT  H N N 362 
VAL N    N N N 363 
VAL CA   C N S 364 
VAL C    C N N 365 
VAL O    O N N 366 
VAL CB   C N N 367 
VAL CG1  C N N 368 
VAL CG2  C N N 369 
VAL OXT  O N N 370 
VAL H    H N N 371 
VAL H2   H N N 372 
VAL HA   H N N 373 
VAL HB   H N N 374 
VAL HG11 H N N 375 
VAL HG12 H N N 376 
VAL HG13 H N N 377 
VAL HG21 H N N 378 
VAL HG22 H N N 379 
VAL HG23 H N N 380 
VAL HXT  H N N 381 
# 
loop_
_chem_comp_bond.comp_id 
_chem_comp_bond.atom_id_1 
_chem_comp_bond.atom_id_2 
_chem_comp_bond.value_order 
_chem_comp_bond.pdbx_aromatic_flag 
_chem_comp_bond.pdbx_stereo_config 
_chem_comp_bond.pdbx_ordinal 
ALA N   CA   sing N N 1   
ALA N   H    sing N N 2   
ALA N   H2   sing N N 3   
ALA CA  C    sing N N 4   
ALA CA  CB   sing N N 5   
ALA CA  HA   sing N N 6   
ALA C   O    doub N N 7   
ALA C   OXT  sing N N 8   
ALA CB  HB1  sing N N 9   
ALA CB  HB2  sing N N 10  
ALA CB  HB3  sing N N 11  
ALA OXT HXT  sing N N 12  
ARG N   CA   sing N N 13  
ARG N   H    sing N N 14  
ARG N   H2   sing N N 15  
ARG CA  C    sing N N 16  
ARG CA  CB   sing N N 17  
ARG CA  HA   sing N N 18  
ARG C   O    doub N N 19  
ARG C   OXT  sing N N 20  
ARG CB  CG   sing N N 21  
ARG CB  HB2  sing N N 22  
ARG CB  HB3  sing N N 23  
ARG CG  CD   sing N N 24  
ARG CG  HG2  sing N N 25  
ARG CG  HG3  sing N N 26  
ARG CD  NE   sing N N 27  
ARG CD  HD2  sing N N 28  
ARG CD  HD3  sing N N 29  
ARG NE  CZ   sing N N 30  
ARG NE  HE   sing N N 31  
ARG CZ  NH1  sing N N 32  
ARG CZ  NH2  doub N N 33  
ARG NH1 HH11 sing N N 34  
ARG NH1 HH12 sing N N 35  
ARG NH2 HH21 sing N N 36  
ARG NH2 HH22 sing N N 37  
ARG OXT HXT  sing N N 38  
ASN N   CA   sing N N 39  
ASN N   H    sing N N 40  
ASN N   H2   sing N N 41  
ASN CA  C    sing N N 42  
ASN CA  CB   sing N N 43  
ASN CA  HA   sing N N 44  
ASN C   O    doub N N 45  
ASN C   OXT  sing N N 46  
ASN CB  CG   sing N N 47  
ASN CB  HB2  sing N N 48  
ASN CB  HB3  sing N N 49  
ASN CG  OD1  doub N N 50  
ASN CG  ND2  sing N N 51  
ASN ND2 HD21 sing N N 52  
ASN ND2 HD22 sing N N 53  
ASN OXT HXT  sing N N 54  
ASP N   CA   sing N N 55  
ASP N   H    sing N N 56  
ASP N   H2   sing N N 57  
ASP CA  C    sing N N 58  
ASP CA  CB   sing N N 59  
ASP CA  HA   sing N N 60  
ASP C   O    doub N N 61  
ASP C   OXT  sing N N 62  
ASP CB  CG   sing N N 63  
ASP CB  HB2  sing N N 64  
ASP CB  HB3  sing N N 65  
ASP CG  OD1  doub N N 66  
ASP CG  OD2  sing N N 67  
ASP OD2 HD2  sing N N 68  
ASP OXT HXT  sing N N 69  
GLN N   CA   sing N N 70  
GLN N   H    sing N N 71  
GLN N   H2   sing N N 72  
GLN CA  C    sing N N 73  
GLN CA  CB   sing N N 74  
GLN CA  HA   sing N N 75  
GLN C   O    doub N N 76  
GLN C   OXT  sing N N 77  
GLN CB  CG   sing N N 78  
GLN CB  HB2  sing N N 79  
GLN CB  HB3  sing N N 80  
GLN CG  CD   sing N N 81  
GLN CG  HG2  sing N N 82  
GLN CG  HG3  sing N N 83  
GLN CD  OE1  doub N N 84  
GLN CD  NE2  sing N N 85  
GLN NE2 HE21 sing N N 86  
GLN NE2 HE22 sing N N 87  
GLN OXT HXT  sing N N 88  
GLU N   CA   sing N N 89  
GLU N   H    sing N N 90  
GLU N   H2   sing N N 91  
GLU CA  C    sing N N 92  
GLU CA  CB   sing N N 93  
GLU CA  HA   sing N N 94  
GLU C   O    doub N N 95  
GLU C   OXT  sing N N 96  
GLU CB  CG   sing N N 97  
GLU CB  HB2  sing N N 98  
GLU CB  HB3  sing N N 99  
GLU CG  CD   sing N N 100 
GLU CG  HG2  sing N N 101 
GLU CG  HG3  sing N N 102 
GLU CD  OE1  doub N N 103 
GLU CD  OE2  sing N N 104 
GLU OE2 HE2  sing N N 105 
GLU OXT HXT  sing N N 106 
GLY N   CA   sing N N 107 
GLY N   H    sing N N 108 
GLY N   H2   sing N N 109 
GLY CA  C    sing N N 110 
GLY CA  HA2  sing N N 111 
GLY CA  HA3  sing N N 112 
GLY C   O    doub N N 113 
GLY C   OXT  sing N N 114 
GLY OXT HXT  sing N N 115 
HIS N   CA   sing N N 116 
HIS N   H    sing N N 117 
HIS N   H2   sing N N 118 
HIS CA  C    sing N N 119 
HIS CA  CB   sing N N 120 
HIS CA  HA   sing N N 121 
HIS C   O    doub N N 122 
HIS C   OXT  sing N N 123 
HIS CB  CG   sing N N 124 
HIS CB  HB2  sing N N 125 
HIS CB  HB3  sing N N 126 
HIS CG  ND1  sing Y N 127 
HIS CG  CD2  doub Y N 128 
HIS ND1 CE1  doub Y N 129 
HIS ND1 HD1  sing N N 130 
HIS CD2 NE2  sing Y N 131 
HIS CD2 HD2  sing N N 132 
HIS CE1 NE2  sing Y N 133 
HIS CE1 HE1  sing N N 134 
HIS NE2 HE2  sing N N 135 
HIS OXT HXT  sing N N 136 
HOH O   H1   sing N N 137 
HOH O   H2   sing N N 138 
ILE N   CA   sing N N 139 
ILE N   H    sing N N 140 
ILE N   H2   sing N N 141 
ILE CA  C    sing N N 142 
ILE CA  CB   sing N N 143 
ILE CA  HA   sing N N 144 
ILE C   O    doub N N 145 
ILE C   OXT  sing N N 146 
ILE CB  CG1  sing N N 147 
ILE CB  CG2  sing N N 148 
ILE CB  HB   sing N N 149 
ILE CG1 CD1  sing N N 150 
ILE CG1 HG12 sing N N 151 
ILE CG1 HG13 sing N N 152 
ILE CG2 HG21 sing N N 153 
ILE CG2 HG22 sing N N 154 
ILE CG2 HG23 sing N N 155 
ILE CD1 HD11 sing N N 156 
ILE CD1 HD12 sing N N 157 
ILE CD1 HD13 sing N N 158 
ILE OXT HXT  sing N N 159 
LEU N   CA   sing N N 160 
LEU N   H    sing N N 161 
LEU N   H2   sing N N 162 
LEU CA  C    sing N N 163 
LEU CA  CB   sing N N 164 
LEU CA  HA   sing N N 165 
LEU C   O    doub N N 166 
LEU C   OXT  sing N N 167 
LEU CB  CG   sing N N 168 
LEU CB  HB2  sing N N 169 
LEU CB  HB3  sing N N 170 
LEU CG  CD1  sing N N 171 
LEU CG  CD2  sing N N 172 
LEU CG  HG   sing N N 173 
LEU CD1 HD11 sing N N 174 
LEU CD1 HD12 sing N N 175 
LEU CD1 HD13 sing N N 176 
LEU CD2 HD21 sing N N 177 
LEU CD2 HD22 sing N N 178 
LEU CD2 HD23 sing N N 179 
LEU OXT HXT  sing N N 180 
LYS N   CA   sing N N 181 
LYS N   H    sing N N 182 
LYS N   H2   sing N N 183 
LYS CA  C    sing N N 184 
LYS CA  CB   sing N N 185 
LYS CA  HA   sing N N 186 
LYS C   O    doub N N 187 
LYS C   OXT  sing N N 188 
LYS CB  CG   sing N N 189 
LYS CB  HB2  sing N N 190 
LYS CB  HB3  sing N N 191 
LYS CG  CD   sing N N 192 
LYS CG  HG2  sing N N 193 
LYS CG  HG3  sing N N 194 
LYS CD  CE   sing N N 195 
LYS CD  HD2  sing N N 196 
LYS CD  HD3  sing N N 197 
LYS CE  NZ   sing N N 198 
LYS CE  HE2  sing N N 199 
LYS CE  HE3  sing N N 200 
LYS NZ  HZ1  sing N N 201 
LYS NZ  HZ2  sing N N 202 
LYS NZ  HZ3  sing N N 203 
LYS OXT HXT  sing N N 204 
MET N   CA   sing N N 205 
MET N   H    sing N N 206 
MET N   H2   sing N N 207 
MET CA  C    sing N N 208 
MET CA  CB   sing N N 209 
MET CA  HA   sing N N 210 
MET C   O    doub N N 211 
MET C   OXT  sing N N 212 
MET CB  CG   sing N N 213 
MET CB  HB2  sing N N 214 
MET CB  HB3  sing N N 215 
MET CG  SD   sing N N 216 
MET CG  HG2  sing N N 217 
MET CG  HG3  sing N N 218 
MET SD  CE   sing N N 219 
MET CE  HE1  sing N N 220 
MET CE  HE2  sing N N 221 
MET CE  HE3  sing N N 222 
MET OXT HXT  sing N N 223 
PHE N   CA   sing N N 224 
PHE N   H    sing N N 225 
PHE N   H2   sing N N 226 
PHE CA  C    sing N N 227 
PHE CA  CB   sing N N 228 
PHE CA  HA   sing N N 229 
PHE C   O    doub N N 230 
PHE C   OXT  sing N N 231 
PHE CB  CG   sing N N 232 
PHE CB  HB2  sing N N 233 
PHE CB  HB3  sing N N 234 
PHE CG  CD1  doub Y N 235 
PHE CG  CD2  sing Y N 236 
PHE CD1 CE1  sing Y N 237 
PHE CD1 HD1  sing N N 238 
PHE CD2 CE2  doub Y N 239 
PHE CD2 HD2  sing N N 240 
PHE CE1 CZ   doub Y N 241 
PHE CE1 HE1  sing N N 242 
PHE CE2 CZ   sing Y N 243 
PHE CE2 HE2  sing N N 244 
PHE CZ  HZ   sing N N 245 
PHE OXT HXT  sing N N 246 
PRO N   CA   sing N N 247 
PRO N   CD   sing N N 248 
PRO N   H    sing N N 249 
PRO CA  C    sing N N 250 
PRO CA  CB   sing N N 251 
PRO CA  HA   sing N N 252 
PRO C   O    doub N N 253 
PRO C   OXT  sing N N 254 
PRO CB  CG   sing N N 255 
PRO CB  HB2  sing N N 256 
PRO CB  HB3  sing N N 257 
PRO CG  CD   sing N N 258 
PRO CG  HG2  sing N N 259 
PRO CG  HG3  sing N N 260 
PRO CD  HD2  sing N N 261 
PRO CD  HD3  sing N N 262 
PRO OXT HXT  sing N N 263 
SER N   CA   sing N N 264 
SER N   H    sing N N 265 
SER N   H2   sing N N 266 
SER CA  C    sing N N 267 
SER CA  CB   sing N N 268 
SER CA  HA   sing N N 269 
SER C   O    doub N N 270 
SER C   OXT  sing N N 271 
SER CB  OG   sing N N 272 
SER CB  HB2  sing N N 273 
SER CB  HB3  sing N N 274 
SER OG  HG   sing N N 275 
SER OXT HXT  sing N N 276 
SO4 S   O1   doub N N 277 
SO4 S   O2   doub N N 278 
SO4 S   O3   sing N N 279 
SO4 S   O4   sing N N 280 
THR N   CA   sing N N 281 
THR N   H    sing N N 282 
THR N   H2   sing N N 283 
THR CA  C    sing N N 284 
THR CA  CB   sing N N 285 
THR CA  HA   sing N N 286 
THR C   O    doub N N 287 
THR C   OXT  sing N N 288 
THR CB  OG1  sing N N 289 
THR CB  CG2  sing N N 290 
THR CB  HB   sing N N 291 
THR OG1 HG1  sing N N 292 
THR CG2 HG21 sing N N 293 
THR CG2 HG22 sing N N 294 
THR CG2 HG23 sing N N 295 
THR OXT HXT  sing N N 296 
TRP N   CA   sing N N 297 
TRP N   H    sing N N 298 
TRP N   H2   sing N N 299 
TRP CA  C    sing N N 300 
TRP CA  CB   sing N N 301 
TRP CA  HA   sing N N 302 
TRP C   O    doub N N 303 
TRP C   OXT  sing N N 304 
TRP CB  CG   sing N N 305 
TRP CB  HB2  sing N N 306 
TRP CB  HB3  sing N N 307 
TRP CG  CD1  doub Y N 308 
TRP CG  CD2  sing Y N 309 
TRP CD1 NE1  sing Y N 310 
TRP CD1 HD1  sing N N 311 
TRP CD2 CE2  doub Y N 312 
TRP CD2 CE3  sing Y N 313 
TRP NE1 CE2  sing Y N 314 
TRP NE1 HE1  sing N N 315 
TRP CE2 CZ2  sing Y N 316 
TRP CE3 CZ3  doub Y N 317 
TRP CE3 HE3  sing N N 318 
TRP CZ2 CH2  doub Y N 319 
TRP CZ2 HZ2  sing N N 320 
TRP CZ3 CH2  sing Y N 321 
TRP CZ3 HZ3  sing N N 322 
TRP CH2 HH2  sing N N 323 
TRP OXT HXT  sing N N 324 
TYR N   CA   sing N N 325 
TYR N   H    sing N N 326 
TYR N   H2   sing N N 327 
TYR CA  C    sing N N 328 
TYR CA  CB   sing N N 329 
TYR CA  HA   sing N N 330 
TYR C   O    doub N N 331 
TYR C   OXT  sing N N 332 
TYR CB  CG   sing N N 333 
TYR CB  HB2  sing N N 334 
TYR CB  HB3  sing N N 335 
TYR CG  CD1  doub Y N 336 
TYR CG  CD2  sing Y N 337 
TYR CD1 CE1  sing Y N 338 
TYR CD1 HD1  sing N N 339 
TYR CD2 CE2  doub Y N 340 
TYR CD2 HD2  sing N N 341 
TYR CE1 CZ   doub Y N 342 
TYR CE1 HE1  sing N N 343 
TYR CE2 CZ   sing Y N 344 
TYR CE2 HE2  sing N N 345 
TYR CZ  OH   sing N N 346 
TYR OH  HH   sing N N 347 
TYR OXT HXT  sing N N 348 
VAL N   CA   sing N N 349 
VAL N   H    sing N N 350 
VAL N   H2   sing N N 351 
VAL CA  C    sing N N 352 
VAL CA  CB   sing N N 353 
VAL CA  HA   sing N N 354 
VAL C   O    doub N N 355 
VAL C   OXT  sing N N 356 
VAL CB  CG1  sing N N 357 
VAL CB  CG2  sing N N 358 
VAL CB  HB   sing N N 359 
VAL CG1 HG11 sing N N 360 
VAL CG1 HG12 sing N N 361 
VAL CG1 HG13 sing N N 362 
VAL CG2 HG21 sing N N 363 
VAL CG2 HG22 sing N N 364 
VAL CG2 HG23 sing N N 365 
VAL OXT HXT  sing N N 366 
# 
loop_
_pdbx_entity_nonpoly.entity_id 
_pdbx_entity_nonpoly.name 
_pdbx_entity_nonpoly.comp_id 
2 'SULFATE ION' SO4 
3 water         HOH 
# 
_pdbx_initial_refinement_model.id               1 
_pdbx_initial_refinement_model.entity_id_list   ? 
_pdbx_initial_refinement_model.type             'experimental model' 
_pdbx_initial_refinement_model.source_name      PDB 
_pdbx_initial_refinement_model.accession_code   2HO2 
_pdbx_initial_refinement_model.details          ? 
# 
